data_8AF9
#
_entry.id   8AF9
#
_cell.length_a   133.909
_cell.length_b   133.909
_cell.length_c   389.511
_cell.angle_alpha   90.000
_cell.angle_beta   90.000
_cell.angle_gamma   120.000
#
_symmetry.space_group_name_H-M   'P 61 2 2'
#
loop_
_entity.id
_entity.type
_entity.pdbx_description
1 polymer 'NyxB, T4SS effector protein from Brucella'
2 water water
#
_entity_poly.entity_id   1
_entity_poly.type   'polypeptide(L)'
_entity_poly.pdbx_seq_one_letter_code
;MNTQATIDTAAVAPLNFDPNAWHHSQMTTLEAIELSRSGGHPYSSPNVPKGFNTVVGFFFDTYDWYPAAYDDEEGNAMKD
RELIQYEDWCAKYARTLGLEVKEVEAPAALKVHGIMALKAYPEALLEIRLIEMP
;
_entity_poly.pdbx_strand_id   A,B,C,D,E,F,G,H,I,J,K,L
#
# COMPACT_ATOMS: atom_id res chain seq x y z
N PHE A 17 -38.33 18.75 40.06
CA PHE A 17 -38.93 18.94 38.74
C PHE A 17 -40.35 19.51 38.87
N ASP A 18 -40.60 20.74 38.35
CA ASP A 18 -41.97 21.22 38.28
C ASP A 18 -42.51 21.11 36.86
N PRO A 19 -43.43 20.17 36.59
CA PRO A 19 -43.99 20.09 35.23
C PRO A 19 -44.80 21.30 34.82
N ASN A 20 -45.31 22.09 35.77
CA ASN A 20 -46.18 23.22 35.47
C ASN A 20 -45.48 24.57 35.49
N ALA A 21 -44.17 24.60 35.79
CA ALA A 21 -43.40 25.82 35.62
C ALA A 21 -43.46 26.23 34.15
N TRP A 22 -43.51 27.53 33.91
CA TRP A 22 -43.61 28.09 32.57
C TRP A 22 -42.26 28.10 31.89
N HIS A 23 -42.19 27.46 30.72
CA HIS A 23 -41.01 27.45 29.88
C HIS A 23 -40.99 28.69 28.97
N HIS A 24 -39.78 29.11 28.57
CA HIS A 24 -39.67 30.28 27.69
C HIS A 24 -40.27 30.05 26.32
N SER A 25 -40.55 28.81 25.94
CA SER A 25 -41.26 28.57 24.68
C SER A 25 -42.73 28.92 24.75
N GLN A 26 -43.22 29.39 25.92
CA GLN A 26 -44.62 29.80 26.13
C GLN A 26 -45.54 28.58 26.15
N MET A 27 -45.15 27.63 27.00
CA MET A 27 -45.92 26.45 27.38
C MET A 27 -45.28 25.96 28.66
N THR A 28 -45.96 25.00 29.29
CA THR A 28 -45.42 24.42 30.52
C THR A 28 -44.20 23.60 30.16
N THR A 29 -43.30 23.45 31.13
CA THR A 29 -42.12 22.62 30.95
C THR A 29 -42.48 21.26 30.40
N LEU A 30 -43.49 20.64 31.02
CA LEU A 30 -43.93 19.32 30.56
C LEU A 30 -44.38 19.40 29.10
N GLU A 31 -45.16 20.44 28.76
CA GLU A 31 -45.66 20.61 27.40
C GLU A 31 -44.54 20.74 26.39
N ALA A 32 -43.45 21.46 26.75
CA ALA A 32 -42.28 21.65 25.88
C ALA A 32 -41.55 20.33 25.63
N ILE A 33 -41.38 19.56 26.70
CA ILE A 33 -40.81 18.23 26.60
C ILE A 33 -41.66 17.38 25.64
N GLU A 34 -42.97 17.30 25.89
CA GLU A 34 -43.84 16.48 25.05
C GLU A 34 -43.80 16.95 23.60
N LEU A 35 -43.81 18.27 23.36
CA LEU A 35 -43.70 18.81 21.99
C LEU A 35 -42.37 18.42 21.36
N SER A 36 -41.27 18.53 22.10
CA SER A 36 -39.96 18.13 21.57
C SER A 36 -39.95 16.64 21.21
N ARG A 37 -40.46 15.78 22.12
CA ARG A 37 -40.48 14.33 21.88
C ARG A 37 -41.32 13.96 20.66
N SER A 38 -42.35 14.75 20.34
CA SER A 38 -43.16 14.46 19.16
C SER A 38 -42.56 15.02 17.86
N GLY A 39 -41.36 15.61 17.92
CA GLY A 39 -40.67 16.19 16.77
C GLY A 39 -41.16 17.56 16.35
N GLY A 40 -41.86 18.26 17.24
CA GLY A 40 -42.38 19.59 16.98
C GLY A 40 -41.47 20.67 17.56
N HIS A 41 -41.84 21.91 17.32
CA HIS A 41 -41.11 23.06 17.82
C HIS A 41 -42.08 24.24 17.94
N PRO A 42 -41.76 25.22 18.76
CA PRO A 42 -42.67 26.35 19.04
C PRO A 42 -42.47 27.59 18.19
N TYR A 43 -41.73 27.52 17.08
CA TYR A 43 -41.32 28.72 16.35
C TYR A 43 -41.97 28.89 14.99
N SER A 44 -43.00 28.08 14.67
CA SER A 44 -43.77 28.23 13.44
C SER A 44 -44.69 29.42 13.47
N SER A 45 -44.78 30.11 12.38
CA SER A 45 -45.73 31.19 12.30
C SER A 45 -47.08 30.71 11.78
N PRO A 46 -48.15 31.38 12.23
CA PRO A 46 -49.48 31.12 11.67
C PRO A 46 -49.72 31.75 10.32
N ASN A 47 -50.53 31.04 9.51
CA ASN A 47 -51.04 31.54 8.23
C ASN A 47 -49.92 31.93 7.28
N VAL A 48 -48.91 31.06 7.17
CA VAL A 48 -47.84 31.25 6.21
C VAL A 48 -48.26 30.67 4.86
N PRO A 49 -48.30 31.48 3.79
CA PRO A 49 -48.74 30.98 2.49
C PRO A 49 -47.94 29.79 2.03
N LYS A 50 -48.58 28.92 1.26
CA LYS A 50 -47.92 27.72 0.77
C LYS A 50 -46.68 28.12 -0.05
N GLY A 51 -45.60 27.36 0.12
CA GLY A 51 -44.33 27.57 -0.55
C GLY A 51 -43.42 28.60 0.10
N PHE A 52 -43.83 29.21 1.21
CA PHE A 52 -43.06 30.19 1.97
C PHE A 52 -42.83 29.67 3.39
N ASN A 53 -41.83 30.23 4.06
CA ASN A 53 -41.57 29.91 5.45
C ASN A 53 -40.60 30.94 5.99
N THR A 54 -40.55 31.05 7.31
CA THR A 54 -39.53 31.88 7.90
C THR A 54 -38.23 31.11 8.06
N VAL A 55 -37.15 31.86 8.28
CA VAL A 55 -35.87 31.25 8.55
C VAL A 55 -35.97 30.31 9.74
N VAL A 56 -36.44 30.83 10.88
CA VAL A 56 -36.50 30.03 12.10
C VAL A 56 -37.48 28.87 11.93
N GLY A 57 -38.62 29.11 11.25
CA GLY A 57 -39.61 28.05 11.01
C GLY A 57 -39.04 26.90 10.20
N PHE A 58 -38.45 27.22 9.02
CA PHE A 58 -37.80 26.22 8.14
C PHE A 58 -36.65 25.52 8.87
N PHE A 59 -35.86 26.26 9.63
CA PHE A 59 -34.74 25.63 10.29
C PHE A 59 -35.21 24.50 11.18
N PHE A 60 -36.19 24.74 12.06
CA PHE A 60 -36.60 23.68 12.98
C PHE A 60 -37.60 22.72 12.38
N ASP A 61 -38.19 23.08 11.23
CA ASP A 61 -38.86 22.10 10.39
C ASP A 61 -37.88 21.10 9.80
N THR A 62 -36.62 21.50 9.71
CA THR A 62 -35.56 20.66 9.19
C THR A 62 -34.82 19.93 10.30
N TYR A 63 -34.37 20.65 11.32
CA TYR A 63 -33.57 20.11 12.39
C TYR A 63 -34.36 20.02 13.70
N ASP A 64 -33.84 19.21 14.61
CA ASP A 64 -34.56 18.95 15.85
C ASP A 64 -34.49 20.13 16.81
N TRP A 65 -35.64 20.48 17.39
CA TRP A 65 -35.70 21.42 18.51
C TRP A 65 -35.72 20.67 19.84
N TYR A 66 -34.90 21.12 20.80
CA TYR A 66 -34.99 20.62 22.16
C TYR A 66 -35.26 21.80 23.11
N PRO A 67 -36.03 21.59 24.20
CA PRO A 67 -36.47 22.72 25.03
C PRO A 67 -35.35 23.65 25.47
N ALA A 68 -34.16 23.12 25.80
CA ALA A 68 -33.10 23.97 26.31
C ALA A 68 -32.34 24.69 25.20
N ALA A 69 -32.81 24.60 23.95
CA ALA A 69 -32.04 25.11 22.82
C ALA A 69 -31.59 26.53 23.07
N TYR A 70 -32.52 27.36 23.54
CA TYR A 70 -32.28 28.77 23.68
C TYR A 70 -32.43 29.24 25.11
N ASP A 71 -31.92 28.41 26.05
CA ASP A 71 -31.91 28.83 27.44
C ASP A 71 -31.15 30.14 27.59
N ASP A 72 -29.94 30.24 27.00
CA ASP A 72 -29.11 31.43 27.18
C ASP A 72 -29.82 32.67 26.68
N GLU A 73 -30.59 32.55 25.60
CA GLU A 73 -31.33 33.64 24.99
C GLU A 73 -32.74 33.81 25.58
N GLU A 74 -33.06 33.04 26.62
CA GLU A 74 -34.39 33.03 27.23
C GLU A 74 -35.48 32.81 26.18
N GLY A 75 -35.13 32.00 25.16
CA GLY A 75 -36.05 31.61 24.10
C GLY A 75 -36.08 32.47 22.83
N ASN A 76 -35.28 33.53 22.78
CA ASN A 76 -35.24 34.37 21.61
C ASN A 76 -34.32 33.77 20.56
N ALA A 77 -34.92 32.95 19.68
CA ALA A 77 -34.15 32.33 18.61
C ALA A 77 -33.53 33.39 17.70
N MET A 78 -34.17 34.54 17.53
CA MET A 78 -33.63 35.54 16.60
C MET A 78 -32.39 36.27 17.13
N LYS A 79 -31.88 35.88 18.29
CA LYS A 79 -30.56 36.30 18.79
C LYS A 79 -29.44 35.30 18.40
N ASP A 80 -29.79 34.11 17.90
CA ASP A 80 -28.84 33.12 17.40
C ASP A 80 -28.05 33.67 16.21
N ARG A 81 -26.71 33.68 16.36
CA ARG A 81 -25.83 34.27 15.35
C ARG A 81 -26.01 33.54 14.01
N GLU A 82 -26.12 32.20 14.05
CA GLU A 82 -26.36 31.46 12.81
C GLU A 82 -27.61 31.98 12.11
N LEU A 83 -28.75 31.96 12.84
CA LEU A 83 -30.04 32.35 12.26
C LEU A 83 -30.05 33.82 11.77
N ILE A 84 -29.30 34.69 12.45
CA ILE A 84 -29.16 36.06 11.98
C ILE A 84 -28.47 36.07 10.61
N GLN A 85 -27.39 35.27 10.45
CA GLN A 85 -26.69 35.18 9.18
C GLN A 85 -27.62 34.68 8.07
N TYR A 86 -28.35 33.57 8.30
CA TYR A 86 -29.26 33.04 7.28
C TYR A 86 -30.27 34.08 6.83
N GLU A 87 -30.81 34.84 7.80
CA GLU A 87 -31.79 35.89 7.55
C GLU A 87 -31.21 37.00 6.67
N ASP A 88 -29.99 37.45 6.99
CA ASP A 88 -29.32 38.50 6.22
C ASP A 88 -29.07 38.04 4.80
N TRP A 89 -28.61 36.78 4.65
CA TRP A 89 -28.39 36.16 3.36
C TRP A 89 -29.67 36.12 2.54
N CYS A 90 -30.79 35.61 3.13
CA CYS A 90 -32.06 35.49 2.41
C CYS A 90 -32.60 36.85 1.99
N ALA A 91 -32.55 37.86 2.88
CA ALA A 91 -33.03 39.21 2.51
C ALA A 91 -32.24 39.73 1.31
N LYS A 92 -30.90 39.60 1.36
CA LYS A 92 -30.02 40.05 0.27
C LYS A 92 -30.38 39.40 -1.06
N TYR A 93 -30.41 38.07 -1.11
CA TYR A 93 -30.64 37.40 -2.39
C TYR A 93 -32.09 37.44 -2.83
N ALA A 94 -33.05 37.46 -1.88
CA ALA A 94 -34.45 37.67 -2.27
C ALA A 94 -34.63 39.00 -2.99
N ARG A 95 -33.94 40.05 -2.53
CA ARG A 95 -33.99 41.36 -3.17
C ARG A 95 -33.31 41.34 -4.55
N THR A 96 -32.05 40.85 -4.61
CA THR A 96 -31.29 40.89 -5.86
C THR A 96 -31.96 40.04 -6.93
N LEU A 97 -32.54 38.91 -6.51
CA LEU A 97 -33.22 38.02 -7.44
C LEU A 97 -34.64 38.50 -7.79
N GLY A 98 -35.16 39.51 -7.09
CA GLY A 98 -36.55 39.95 -7.26
C GLY A 98 -37.56 38.90 -6.85
N LEU A 99 -37.31 38.20 -5.74
CA LEU A 99 -38.21 37.20 -5.19
C LEU A 99 -39.27 37.88 -4.31
N GLU A 100 -40.47 37.26 -4.25
CA GLU A 100 -41.53 37.74 -3.37
C GLU A 100 -41.20 37.43 -1.91
N VAL A 101 -41.32 38.43 -1.04
CA VAL A 101 -41.13 38.26 0.41
C VAL A 101 -42.39 38.66 1.14
N LYS A 102 -43.00 37.71 1.85
CA LYS A 102 -44.20 37.95 2.62
C LYS A 102 -43.86 38.30 4.06
N GLU A 103 -44.75 39.09 4.69
CA GLU A 103 -44.66 39.41 6.11
C GLU A 103 -45.71 38.58 6.86
N VAL A 104 -45.28 37.83 7.91
CA VAL A 104 -46.17 36.97 8.66
C VAL A 104 -46.02 37.23 10.16
N GLU A 105 -47.09 36.89 10.90
CA GLU A 105 -47.16 37.01 12.35
C GLU A 105 -46.11 36.13 13.02
N ALA A 106 -45.39 36.72 13.99
CA ALA A 106 -44.40 35.99 14.74
C ALA A 106 -45.08 34.98 15.67
N PRO A 107 -44.42 33.85 15.94
CA PRO A 107 -44.95 32.91 16.92
C PRO A 107 -44.85 33.52 18.31
N ALA A 108 -45.71 33.02 19.22
CA ALA A 108 -45.77 33.51 20.58
C ALA A 108 -44.41 33.50 21.28
N ALA A 109 -43.59 32.48 20.99
CA ALA A 109 -42.28 32.35 21.65
C ALA A 109 -41.33 33.50 21.29
N LEU A 110 -41.66 34.28 20.26
CA LEU A 110 -40.93 35.47 19.86
C LEU A 110 -41.71 36.77 20.13
N LYS A 111 -43.05 36.73 20.07
CA LYS A 111 -43.84 37.89 20.48
C LYS A 111 -43.46 38.33 21.89
N VAL A 112 -43.06 37.37 22.73
CA VAL A 112 -42.72 37.66 24.10
C VAL A 112 -41.41 38.42 24.24
N HIS A 113 -40.66 38.60 23.15
CA HIS A 113 -39.42 39.39 23.16
C HIS A 113 -39.55 40.68 22.37
N GLY A 114 -40.75 40.96 21.88
CA GLY A 114 -41.11 42.15 21.17
C GLY A 114 -41.14 41.99 19.68
N ILE A 115 -40.87 40.79 19.16
CA ILE A 115 -40.89 40.56 17.71
C ILE A 115 -42.32 40.30 17.31
N MET A 116 -42.91 41.22 16.55
CA MET A 116 -44.31 41.08 16.19
C MET A 116 -44.48 40.39 14.85
N ALA A 117 -43.55 40.62 13.92
CA ALA A 117 -43.62 40.02 12.60
C ALA A 117 -42.23 39.57 12.13
N LEU A 118 -42.23 38.55 11.24
CA LEU A 118 -41.02 37.97 10.66
C LEU A 118 -41.22 37.98 9.16
N LYS A 119 -40.11 38.03 8.42
CA LYS A 119 -40.15 37.88 6.97
C LYS A 119 -40.23 36.41 6.60
N ALA A 120 -41.07 36.09 5.63
CA ALA A 120 -41.18 34.74 5.08
C ALA A 120 -40.68 34.70 3.65
N TYR A 121 -39.74 33.78 3.34
CA TYR A 121 -39.10 33.63 2.03
C TYR A 121 -39.57 32.38 1.29
N PRO A 122 -39.42 32.33 -0.04
CA PRO A 122 -39.74 31.10 -0.79
C PRO A 122 -38.95 29.91 -0.28
N GLU A 123 -39.61 28.75 -0.20
CA GLU A 123 -38.95 27.59 0.39
C GLU A 123 -37.71 27.21 -0.40
N ALA A 124 -37.72 27.39 -1.73
CA ALA A 124 -36.55 27.09 -2.54
C ALA A 124 -35.32 27.89 -2.08
N LEU A 125 -35.51 29.19 -1.79
CA LEU A 125 -34.41 30.04 -1.32
C LEU A 125 -33.86 29.52 0.02
N LEU A 126 -34.76 29.12 0.94
CA LEU A 126 -34.33 28.60 2.24
C LEU A 126 -33.56 27.29 2.11
N GLU A 127 -33.99 26.41 1.18
CA GLU A 127 -33.32 25.14 0.90
C GLU A 127 -31.85 25.37 0.60
N ILE A 128 -31.56 26.37 -0.25
CA ILE A 128 -30.20 26.67 -0.65
C ILE A 128 -29.32 27.02 0.56
N ARG A 129 -29.77 27.99 1.37
CA ARG A 129 -28.96 28.52 2.46
C ARG A 129 -28.89 27.55 3.65
N LEU A 130 -30.00 26.88 4.00
CA LEU A 130 -30.08 26.13 5.26
C LEU A 130 -29.75 24.64 5.12
N ILE A 131 -29.80 24.09 3.91
CA ILE A 131 -29.53 22.69 3.65
C ILE A 131 -28.30 22.51 2.76
N GLU A 132 -28.23 23.23 1.64
CA GLU A 132 -27.11 23.06 0.72
C GLU A 132 -25.85 23.74 1.23
N MET A 133 -25.98 24.93 1.85
CA MET A 133 -24.81 25.64 2.39
C MET A 133 -24.77 25.44 3.93
N ASN B 16 -22.31 -23.25 9.96
CA ASN B 16 -20.94 -23.72 9.67
C ASN B 16 -19.86 -22.60 9.80
N PHE B 17 -20.37 -21.36 9.72
CA PHE B 17 -19.55 -20.16 9.83
C PHE B 17 -19.40 -19.77 11.29
N ASP B 18 -18.14 -19.80 11.78
CA ASP B 18 -17.79 -19.35 13.12
C ASP B 18 -17.05 -18.03 13.00
N PRO B 19 -17.72 -16.91 13.25
CA PRO B 19 -17.05 -15.62 13.06
C PRO B 19 -15.84 -15.43 13.95
N ASN B 20 -15.76 -16.11 15.06
CA ASN B 20 -14.70 -15.86 16.03
C ASN B 20 -13.52 -16.82 15.93
N ALA B 21 -13.57 -17.81 15.03
CA ALA B 21 -12.42 -18.66 14.76
C ALA B 21 -11.24 -17.81 14.28
N TRP B 22 -10.04 -18.20 14.70
CA TRP B 22 -8.81 -17.49 14.37
C TRP B 22 -8.40 -17.78 12.91
N HIS B 23 -8.34 -16.73 12.12
CA HIS B 23 -7.92 -16.83 10.72
C HIS B 23 -6.38 -16.81 10.59
N HIS B 24 -5.86 -17.48 9.56
CA HIS B 24 -4.40 -17.47 9.39
C HIS B 24 -3.82 -16.06 9.14
N SER B 25 -4.64 -15.08 8.76
CA SER B 25 -4.16 -13.71 8.73
C SER B 25 -3.97 -13.07 10.11
N GLN B 26 -4.18 -13.81 11.23
CA GLN B 26 -3.99 -13.34 12.62
C GLN B 26 -5.04 -12.31 13.00
N MET B 27 -6.30 -12.68 12.77
CA MET B 27 -7.50 -11.98 13.20
C MET B 27 -8.62 -13.02 13.14
N THR B 28 -9.79 -12.65 13.66
CA THR B 28 -10.96 -13.51 13.56
C THR B 28 -11.38 -13.58 12.11
N THR B 29 -12.01 -14.70 11.77
CA THR B 29 -12.57 -14.90 10.46
C THR B 29 -13.44 -13.74 10.05
N LEU B 30 -14.32 -13.30 10.97
CA LEU B 30 -15.17 -12.16 10.68
C LEU B 30 -14.31 -10.90 10.43
N GLU B 31 -13.29 -10.66 11.26
CA GLU B 31 -12.40 -9.51 11.07
C GLU B 31 -11.72 -9.54 9.69
N ALA B 32 -11.24 -10.72 9.25
CA ALA B 32 -10.59 -10.90 7.94
C ALA B 32 -11.54 -10.60 6.77
N ILE B 33 -12.78 -11.11 6.85
CA ILE B 33 -13.80 -10.80 5.84
C ILE B 33 -14.06 -9.29 5.78
N GLU B 34 -14.29 -8.67 6.97
CA GLU B 34 -14.54 -7.23 7.02
C GLU B 34 -13.37 -6.43 6.47
N LEU B 35 -12.13 -6.81 6.86
CA LEU B 35 -10.93 -6.15 6.35
C LEU B 35 -10.91 -6.21 4.82
N SER B 36 -11.21 -7.39 4.27
CA SER B 36 -11.27 -7.60 2.82
C SER B 36 -12.34 -6.72 2.19
N ARG B 37 -13.55 -6.68 2.77
CA ARG B 37 -14.65 -5.83 2.23
C ARG B 37 -14.35 -4.35 2.34
N SER B 38 -13.51 -3.94 3.28
CA SER B 38 -13.12 -2.53 3.34
C SER B 38 -11.92 -2.21 2.43
N GLY B 39 -11.46 -3.17 1.64
CA GLY B 39 -10.34 -3.00 0.73
C GLY B 39 -8.99 -3.09 1.40
N GLY B 40 -8.92 -3.73 2.59
CA GLY B 40 -7.70 -3.86 3.35
C GLY B 40 -7.02 -5.19 3.15
N HIS B 41 -5.89 -5.35 3.82
CA HIS B 41 -5.19 -6.63 3.79
C HIS B 41 -4.25 -6.71 4.99
N PRO B 42 -3.81 -7.90 5.35
CA PRO B 42 -2.96 -8.07 6.54
C PRO B 42 -1.45 -8.04 6.34
N TYR B 43 -0.93 -7.72 5.15
CA TYR B 43 0.48 -7.98 4.88
C TYR B 43 1.36 -6.73 4.90
N SER B 44 0.82 -5.57 5.30
CA SER B 44 1.64 -4.36 5.45
C SER B 44 2.58 -4.42 6.64
N SER B 45 3.74 -4.02 6.43
CA SER B 45 4.71 -3.93 7.51
C SER B 45 4.58 -2.59 8.24
N PRO B 46 4.85 -2.61 9.54
CA PRO B 46 4.88 -1.37 10.32
C PRO B 46 6.19 -0.64 10.09
N ASN B 47 6.12 0.68 10.23
CA ASN B 47 7.29 1.57 10.24
C ASN B 47 8.16 1.46 9.00
N VAL B 48 7.50 1.43 7.84
CA VAL B 48 8.19 1.35 6.57
C VAL B 48 8.61 2.77 6.23
N PRO B 49 9.90 3.00 5.94
CA PRO B 49 10.37 4.34 5.53
C PRO B 49 9.61 4.83 4.31
N LYS B 50 9.35 6.15 4.28
CA LYS B 50 8.59 6.77 3.20
C LYS B 50 9.30 6.52 1.87
N GLY B 51 8.50 6.30 0.85
CA GLY B 51 9.00 6.02 -0.48
C GLY B 51 9.42 4.58 -0.72
N PHE B 52 9.33 3.73 0.30
CA PHE B 52 9.62 2.32 0.15
C PHE B 52 8.41 1.45 0.53
N ASN B 53 8.43 0.21 0.06
CA ASN B 53 7.41 -0.76 0.38
C ASN B 53 7.97 -2.15 0.09
N THR B 54 7.36 -3.15 0.73
CA THR B 54 7.68 -4.55 0.43
C THR B 54 6.90 -5.01 -0.81
N VAL B 55 7.36 -6.10 -1.39
CA VAL B 55 6.67 -6.69 -2.53
C VAL B 55 5.24 -7.08 -2.15
N VAL B 56 5.06 -7.82 -1.04
CA VAL B 56 3.72 -8.26 -0.65
C VAL B 56 2.87 -7.06 -0.28
N GLY B 57 3.45 -6.08 0.43
CA GLY B 57 2.69 -4.89 0.83
C GLY B 57 2.13 -4.10 -0.35
N PHE B 58 3.01 -3.74 -1.31
CA PHE B 58 2.62 -3.01 -2.53
C PHE B 58 1.68 -3.81 -3.42
N PHE B 59 1.91 -5.11 -3.55
CA PHE B 59 1.02 -5.90 -4.34
C PHE B 59 -0.42 -5.77 -3.80
N PHE B 60 -0.61 -5.98 -2.49
CA PHE B 60 -1.99 -5.92 -1.99
C PHE B 60 -2.46 -4.50 -1.68
N ASP B 61 -1.55 -3.53 -1.63
CA ASP B 61 -1.98 -2.14 -1.73
C ASP B 61 -2.57 -1.84 -3.10
N THR B 62 -2.20 -2.60 -4.12
CA THR B 62 -2.69 -2.34 -5.46
C THR B 62 -3.85 -3.22 -5.92
N TYR B 63 -3.69 -4.53 -5.72
CA TYR B 63 -4.65 -5.55 -6.09
C TYR B 63 -5.37 -6.02 -4.82
N ASP B 64 -6.52 -6.65 -5.04
CA ASP B 64 -7.43 -7.05 -3.98
C ASP B 64 -6.91 -8.23 -3.18
N TRP B 65 -7.01 -8.15 -1.85
CA TRP B 65 -6.86 -9.33 -1.00
C TRP B 65 -8.21 -9.90 -0.61
N TYR B 66 -8.32 -11.23 -0.68
CA TYR B 66 -9.44 -11.96 -0.11
C TYR B 66 -8.95 -12.98 0.92
N PRO B 67 -9.75 -13.24 1.97
CA PRO B 67 -9.28 -14.07 3.10
C PRO B 67 -8.74 -15.42 2.72
N ALA B 68 -9.31 -16.08 1.71
CA ALA B 68 -8.86 -17.42 1.35
C ALA B 68 -7.65 -17.44 0.38
N ALA B 69 -7.12 -16.26 0.01
CA ALA B 69 -6.09 -16.17 -1.02
C ALA B 69 -4.98 -17.18 -0.80
N TYR B 70 -4.55 -17.35 0.45
CA TYR B 70 -3.45 -18.23 0.77
C TYR B 70 -3.85 -19.37 1.72
N ASP B 71 -5.05 -19.91 1.51
CA ASP B 71 -5.45 -21.06 2.30
C ASP B 71 -4.43 -22.18 2.18
N ASP B 72 -4.01 -22.51 0.95
CA ASP B 72 -3.08 -23.63 0.74
C ASP B 72 -1.76 -23.39 1.47
N GLU B 73 -1.34 -22.13 1.54
CA GLU B 73 -0.10 -21.74 2.20
C GLU B 73 -0.31 -21.44 3.69
N GLU B 74 -1.51 -21.65 4.20
CA GLU B 74 -1.83 -21.32 5.59
C GLU B 74 -1.47 -19.87 5.89
N GLY B 75 -1.66 -19.02 4.87
CA GLY B 75 -1.44 -17.58 4.98
C GLY B 75 -0.05 -17.11 4.64
N ASN B 76 0.87 -18.00 4.30
CA ASN B 76 2.24 -17.56 3.98
C ASN B 76 2.33 -17.03 2.55
N ALA B 77 2.09 -15.72 2.40
CA ALA B 77 2.16 -15.09 1.08
C ALA B 77 3.53 -15.24 0.44
N MET B 78 4.62 -15.28 1.22
CA MET B 78 5.96 -15.40 0.66
C MET B 78 6.26 -16.77 0.06
N LYS B 79 5.28 -17.69 0.01
CA LYS B 79 5.39 -18.93 -0.74
C LYS B 79 4.77 -18.86 -2.13
N ASP B 80 4.10 -17.74 -2.44
CA ASP B 80 3.53 -17.48 -3.76
C ASP B 80 4.61 -17.40 -4.84
N ARG B 81 4.50 -18.28 -5.85
CA ARG B 81 5.49 -18.32 -6.93
C ARG B 81 5.57 -16.96 -7.63
N GLU B 82 4.41 -16.31 -7.86
CA GLU B 82 4.36 -14.95 -8.45
C GLU B 82 5.13 -13.94 -7.60
N LEU B 83 4.86 -13.88 -6.28
CA LEU B 83 5.55 -12.90 -5.44
C LEU B 83 7.05 -13.21 -5.30
N ILE B 84 7.41 -14.49 -5.32
CA ILE B 84 8.83 -14.83 -5.26
C ILE B 84 9.56 -14.27 -6.49
N GLN B 85 8.95 -14.42 -7.68
CA GLN B 85 9.53 -13.88 -8.92
C GLN B 85 9.71 -12.37 -8.83
N TYR B 86 8.67 -11.66 -8.37
CA TYR B 86 8.75 -10.20 -8.21
C TYR B 86 9.90 -9.79 -7.30
N GLU B 87 10.06 -10.51 -6.18
CA GLU B 87 11.12 -10.25 -5.20
C GLU B 87 12.50 -10.47 -5.82
N ASP B 88 12.67 -11.56 -6.59
CA ASP B 88 13.94 -11.87 -7.24
C ASP B 88 14.32 -10.79 -8.25
N TRP B 89 13.34 -10.35 -9.07
CA TRP B 89 13.57 -9.24 -9.98
C TRP B 89 13.93 -7.95 -9.23
N CYS B 90 13.13 -7.58 -8.19
CA CYS B 90 13.40 -6.34 -7.46
C CYS B 90 14.79 -6.36 -6.83
N ALA B 91 15.20 -7.53 -6.28
CA ALA B 91 16.54 -7.64 -5.69
C ALA B 91 17.63 -7.46 -6.75
N LYS B 92 17.45 -8.11 -7.91
CA LYS B 92 18.40 -8.03 -9.03
C LYS B 92 18.59 -6.58 -9.49
N TYR B 93 17.50 -5.89 -9.82
CA TYR B 93 17.62 -4.56 -10.40
C TYR B 93 17.94 -3.50 -9.34
N ALA B 94 17.52 -3.68 -8.08
CA ALA B 94 18.01 -2.78 -7.02
C ALA B 94 19.54 -2.83 -6.93
N ARG B 95 20.11 -4.04 -7.07
CA ARG B 95 21.57 -4.22 -7.04
C ARG B 95 22.24 -3.58 -8.28
N THR B 96 21.83 -3.98 -9.51
CA THR B 96 22.47 -3.46 -10.72
C THR B 96 22.30 -1.95 -10.88
N LEU B 97 21.15 -1.39 -10.42
CA LEU B 97 20.91 0.06 -10.48
C LEU B 97 21.54 0.82 -9.33
N GLY B 98 22.06 0.13 -8.31
CA GLY B 98 22.55 0.76 -7.08
C GLY B 98 21.48 1.47 -6.28
N LEU B 99 20.28 0.87 -6.19
CA LEU B 99 19.18 1.40 -5.38
C LEU B 99 19.35 1.04 -3.90
N GLU B 100 18.84 1.92 -3.02
CA GLU B 100 18.81 1.66 -1.59
C GLU B 100 17.73 0.62 -1.29
N VAL B 101 18.07 -0.39 -0.49
CA VAL B 101 17.13 -1.42 -0.08
C VAL B 101 17.04 -1.40 1.45
N LYS B 102 15.83 -1.24 1.97
CA LYS B 102 15.59 -1.17 3.41
C LYS B 102 15.18 -2.53 3.96
N GLU B 103 15.52 -2.77 5.23
CA GLU B 103 15.05 -3.95 5.95
C GLU B 103 13.95 -3.50 6.90
N VAL B 104 12.79 -4.19 6.85
CA VAL B 104 11.66 -3.86 7.70
C VAL B 104 11.11 -5.09 8.41
N GLU B 105 10.45 -4.82 9.55
CA GLU B 105 9.73 -5.81 10.33
C GLU B 105 8.59 -6.41 9.50
N ALA B 106 8.49 -7.74 9.54
CA ALA B 106 7.39 -8.46 8.90
C ALA B 106 6.05 -8.22 9.62
N PRO B 107 4.95 -8.30 8.88
CA PRO B 107 3.62 -8.29 9.48
C PRO B 107 3.41 -9.59 10.25
N ALA B 108 2.47 -9.54 11.22
CA ALA B 108 2.15 -10.68 12.09
C ALA B 108 1.81 -11.91 11.27
N ALA B 109 1.07 -11.69 10.16
CA ALA B 109 0.67 -12.80 9.30
C ALA B 109 1.86 -13.48 8.64
N LEU B 110 3.04 -12.88 8.69
CA LEU B 110 4.26 -13.54 8.25
C LEU B 110 5.20 -13.88 9.39
N LYS B 111 5.21 -13.10 10.46
CA LYS B 111 5.94 -13.51 11.67
C LYS B 111 5.54 -14.92 12.11
N VAL B 112 4.30 -15.32 11.86
CA VAL B 112 3.78 -16.62 12.25
C VAL B 112 4.26 -17.78 11.40
N HIS B 113 5.06 -17.52 10.36
CA HIS B 113 5.71 -18.55 9.55
C HIS B 113 7.22 -18.52 9.65
N GLY B 114 7.75 -17.67 10.52
CA GLY B 114 9.16 -17.56 10.74
C GLY B 114 9.86 -16.48 9.95
N ILE B 115 9.10 -15.66 9.21
CA ILE B 115 9.62 -14.51 8.48
C ILE B 115 9.63 -13.32 9.44
N MET B 116 10.83 -12.95 9.91
CA MET B 116 10.92 -11.83 10.82
C MET B 116 11.13 -10.51 10.10
N ALA B 117 11.84 -10.54 8.97
CA ALA B 117 12.10 -9.31 8.26
C ALA B 117 11.91 -9.50 6.77
N LEU B 118 11.60 -8.38 6.12
CA LEU B 118 11.42 -8.31 4.69
C LEU B 118 12.25 -7.16 4.13
N LYS B 119 12.65 -7.32 2.85
CA LYS B 119 13.29 -6.27 2.08
C LYS B 119 12.21 -5.30 1.65
N ALA B 120 12.44 -4.01 1.85
CA ALA B 120 11.57 -2.96 1.33
C ALA B 120 12.33 -2.19 0.25
N TYR B 121 11.73 -2.08 -0.94
CA TYR B 121 12.30 -1.47 -2.14
C TYR B 121 11.65 -0.13 -2.45
N PRO B 122 12.32 0.71 -3.26
CA PRO B 122 11.69 1.97 -3.71
C PRO B 122 10.39 1.72 -4.47
N GLU B 123 9.41 2.59 -4.21
CA GLU B 123 8.08 2.41 -4.81
C GLU B 123 8.13 2.50 -6.33
N ALA B 124 8.97 3.42 -6.86
CA ALA B 124 9.17 3.51 -8.31
C ALA B 124 9.63 2.18 -8.90
N LEU B 125 10.53 1.46 -8.23
CA LEU B 125 10.96 0.15 -8.73
C LEU B 125 9.81 -0.84 -8.76
N LEU B 126 9.00 -0.90 -7.68
CA LEU B 126 7.85 -1.81 -7.59
C LEU B 126 6.79 -1.48 -8.64
N GLU B 127 6.53 -0.17 -8.84
CA GLU B 127 5.60 0.31 -9.87
C GLU B 127 5.92 -0.29 -11.24
N ILE B 128 7.21 -0.33 -11.59
CA ILE B 128 7.63 -0.93 -12.86
C ILE B 128 7.25 -2.40 -12.88
N ARG B 129 7.65 -3.14 -11.85
CA ARG B 129 7.49 -4.59 -11.90
C ARG B 129 6.03 -4.99 -11.72
N LEU B 130 5.33 -4.33 -10.80
CA LEU B 130 4.03 -4.86 -10.36
C LEU B 130 2.83 -4.30 -11.12
N ILE B 131 2.99 -3.17 -11.81
CA ILE B 131 1.93 -2.50 -12.53
C ILE B 131 2.19 -2.47 -14.02
N GLU B 132 3.41 -2.02 -14.42
CA GLU B 132 3.75 -1.81 -15.82
C GLU B 132 4.02 -3.14 -16.54
N MET B 133 4.64 -4.12 -15.86
CA MET B 133 4.83 -5.47 -16.43
C MET B 133 4.44 -6.55 -15.40
N PHE C 17 5.52 37.98 -29.79
CA PHE C 17 5.80 36.74 -29.05
C PHE C 17 7.02 36.02 -29.65
N ASP C 18 8.07 35.86 -28.85
CA ASP C 18 9.33 35.25 -29.26
C ASP C 18 9.44 33.87 -28.61
N PRO C 19 9.52 32.76 -29.37
CA PRO C 19 9.75 31.47 -28.71
C PRO C 19 11.02 31.38 -27.88
N ASN C 20 12.04 32.15 -28.20
CA ASN C 20 13.32 31.99 -27.50
C ASN C 20 13.51 33.01 -26.40
N ALA C 21 12.52 33.90 -26.21
CA ALA C 21 12.48 34.84 -25.10
C ALA C 21 12.51 34.07 -23.79
N TRP C 22 13.24 34.61 -22.83
CA TRP C 22 13.43 33.98 -21.54
C TRP C 22 12.16 34.14 -20.69
N HIS C 23 11.50 33.03 -20.39
CA HIS C 23 10.28 33.02 -19.59
C HIS C 23 10.61 33.06 -18.08
N HIS C 24 9.73 33.68 -17.29
CA HIS C 24 10.02 33.77 -15.85
C HIS C 24 10.12 32.40 -15.17
N SER C 25 9.64 31.32 -15.80
CA SER C 25 9.92 30.00 -15.25
C SER C 25 11.38 29.54 -15.40
N GLN C 26 12.28 30.36 -16.02
CA GLN C 26 13.72 30.07 -16.18
C GLN C 26 13.90 28.95 -17.21
N MET C 27 13.27 29.16 -18.37
CA MET C 27 13.38 28.38 -19.60
C MET C 27 12.87 29.37 -20.64
N THR C 28 13.04 29.00 -21.92
CA THR C 28 12.54 29.79 -23.03
C THR C 28 11.02 29.65 -23.07
N THR C 29 10.37 30.64 -23.65
CA THR C 29 8.93 30.61 -23.77
C THR C 29 8.43 29.28 -24.32
N LEU C 30 9.06 28.81 -25.40
CA LEU C 30 8.68 27.56 -26.04
C LEU C 30 8.88 26.39 -25.10
N GLU C 31 10.04 26.33 -24.44
CA GLU C 31 10.29 25.24 -23.48
C GLU C 31 9.21 25.24 -22.40
N ALA C 32 8.79 26.42 -21.93
CA ALA C 32 7.74 26.51 -20.91
C ALA C 32 6.42 25.96 -21.42
N ILE C 33 6.05 26.35 -22.65
CA ILE C 33 4.83 25.86 -23.29
C ILE C 33 4.87 24.35 -23.43
N GLU C 34 5.99 23.79 -23.96
CA GLU C 34 6.14 22.34 -24.09
C GLU C 34 6.06 21.65 -22.72
N LEU C 35 6.72 22.22 -21.70
CA LEU C 35 6.66 21.64 -20.35
C LEU C 35 5.22 21.58 -19.83
N SER C 36 4.45 22.66 -20.04
CA SER C 36 3.05 22.68 -19.63
C SER C 36 2.24 21.64 -20.41
N ARG C 37 2.45 21.52 -21.74
CA ARG C 37 1.73 20.53 -22.53
C ARG C 37 2.03 19.10 -22.08
N SER C 38 3.23 18.84 -21.59
CA SER C 38 3.57 17.50 -21.11
C SER C 38 3.09 17.26 -19.67
N GLY C 39 2.36 18.20 -19.08
CA GLY C 39 1.79 18.10 -17.73
C GLY C 39 2.80 18.34 -16.64
N GLY C 40 3.91 18.99 -17.01
CA GLY C 40 5.00 19.31 -16.10
C GLY C 40 4.90 20.72 -15.55
N HIS C 41 5.88 21.07 -14.71
CA HIS C 41 5.89 22.40 -14.14
C HIS C 41 7.30 22.72 -13.59
N PRO C 42 7.59 23.98 -13.38
CA PRO C 42 8.93 24.40 -12.94
C PRO C 42 9.15 24.58 -11.44
N TYR C 43 8.25 24.18 -10.55
CA TYR C 43 8.38 24.54 -9.15
C TYR C 43 8.77 23.39 -8.22
N SER C 44 9.14 22.23 -8.77
CA SER C 44 9.63 21.12 -7.96
C SER C 44 11.03 21.41 -7.44
N SER C 45 11.28 21.08 -6.15
CA SER C 45 12.58 21.24 -5.54
C SER C 45 13.48 20.03 -5.82
N PRO C 46 14.79 20.19 -5.94
CA PRO C 46 15.64 19.01 -6.13
C PRO C 46 15.93 18.33 -4.79
N ASN C 47 16.15 17.02 -4.85
CA ASN C 47 16.59 16.23 -3.69
C ASN C 47 15.65 16.31 -2.50
N VAL C 48 14.36 16.17 -2.78
CA VAL C 48 13.35 16.18 -1.74
C VAL C 48 13.31 14.76 -1.13
N PRO C 49 13.45 14.64 0.20
CA PRO C 49 13.37 13.32 0.85
C PRO C 49 12.04 12.66 0.55
N LYS C 50 12.07 11.33 0.43
CA LYS C 50 10.87 10.57 0.09
C LYS C 50 9.80 10.79 1.14
N GLY C 51 8.56 10.89 0.68
CA GLY C 51 7.41 11.09 1.53
C GLY C 51 7.16 12.52 1.92
N PHE C 52 8.01 13.44 1.45
CA PHE C 52 7.85 14.86 1.70
C PHE C 52 7.73 15.62 0.39
N ASN C 53 7.15 16.81 0.49
CA ASN C 53 7.03 17.69 -0.66
C ASN C 53 6.82 19.10 -0.17
N THR C 54 7.07 20.07 -1.05
CA THR C 54 6.74 21.47 -0.77
C THR C 54 5.28 21.74 -1.09
N VAL C 55 4.75 22.84 -0.56
CA VAL C 55 3.39 23.21 -0.88
C VAL C 55 3.25 23.43 -2.39
N VAL C 56 4.14 24.27 -2.96
CA VAL C 56 4.05 24.61 -4.37
C VAL C 56 4.29 23.38 -5.23
N GLY C 57 5.24 22.53 -4.82
CA GLY C 57 5.50 21.30 -5.56
C GLY C 57 4.30 20.39 -5.63
N PHE C 58 3.74 20.04 -4.45
CA PHE C 58 2.55 19.19 -4.37
C PHE C 58 1.37 19.82 -5.12
N PHE C 59 1.16 21.11 -4.97
CA PHE C 59 0.03 21.71 -5.66
C PHE C 59 0.13 21.45 -7.16
N PHE C 60 1.28 21.76 -7.77
CA PHE C 60 1.34 21.58 -9.23
C PHE C 60 1.68 20.15 -9.65
N ASP C 61 2.08 19.28 -8.72
CA ASP C 61 2.06 17.85 -9.01
C ASP C 61 0.63 17.34 -9.15
N THR C 62 -0.33 18.01 -8.52
CA THR C 62 -1.74 17.68 -8.50
C THR C 62 -2.56 18.43 -9.54
N TYR C 63 -2.35 19.73 -9.66
CA TYR C 63 -3.09 20.57 -10.57
C TYR C 63 -2.23 21.11 -11.71
N ASP C 64 -2.91 21.51 -12.78
CA ASP C 64 -2.25 21.90 -14.00
C ASP C 64 -1.53 23.22 -13.83
N TRP C 65 -0.27 23.26 -14.25
CA TRP C 65 0.46 24.52 -14.39
C TRP C 65 0.38 24.98 -15.84
N TYR C 66 0.07 26.27 -16.05
CA TYR C 66 0.16 26.85 -17.37
C TYR C 66 1.14 28.03 -17.30
N PRO C 67 1.91 28.29 -18.39
CA PRO C 67 3.03 29.24 -18.30
C PRO C 67 2.64 30.61 -17.80
N ALA C 68 1.46 31.10 -18.14
CA ALA C 68 1.10 32.45 -17.74
C ALA C 68 0.48 32.51 -16.32
N ALA C 69 0.51 31.40 -15.58
CA ALA C 69 -0.10 31.36 -14.24
C ALA C 69 0.38 32.52 -13.38
N TYR C 70 1.68 32.83 -13.44
CA TYR C 70 2.23 33.84 -12.55
C TYR C 70 2.92 34.99 -13.29
N ASP C 71 2.28 35.44 -14.38
CA ASP C 71 2.75 36.62 -15.07
C ASP C 71 2.74 37.83 -14.13
N ASP C 72 1.60 38.10 -13.47
CA ASP C 72 1.49 39.27 -12.59
C ASP C 72 2.55 39.25 -11.49
N GLU C 73 2.90 38.06 -11.02
CA GLU C 73 3.92 37.84 -10.00
C GLU C 73 5.32 37.66 -10.58
N GLU C 74 5.47 37.80 -11.90
CA GLU C 74 6.75 37.55 -12.58
C GLU C 74 7.34 36.19 -12.20
N GLY C 75 6.46 35.22 -12.03
CA GLY C 75 6.84 33.86 -11.73
C GLY C 75 6.97 33.52 -10.26
N ASN C 76 6.79 34.47 -9.36
CA ASN C 76 6.91 34.13 -7.94
C ASN C 76 5.61 33.51 -7.40
N ALA C 77 5.55 32.17 -7.48
CA ALA C 77 4.38 31.45 -7.02
C ALA C 77 4.12 31.67 -5.53
N MET C 78 5.19 31.91 -4.75
CA MET C 78 5.12 32.10 -3.30
C MET C 78 4.50 33.43 -2.90
N LYS C 79 4.02 34.20 -3.88
CA LYS C 79 3.19 35.37 -3.66
C LYS C 79 1.71 35.08 -3.81
N ASP C 80 1.37 33.89 -4.28
CA ASP C 80 -0.02 33.46 -4.39
C ASP C 80 -0.65 33.39 -3.00
N ARG C 81 -1.71 34.19 -2.81
CA ARG C 81 -2.39 34.24 -1.51
C ARG C 81 -2.92 32.87 -1.14
N GLU C 82 -3.45 32.13 -2.12
CA GLU C 82 -3.87 30.75 -1.91
C GLU C 82 -2.70 29.91 -1.36
N LEU C 83 -1.53 29.95 -2.02
CA LEU C 83 -0.42 29.10 -1.58
C LEU C 83 0.11 29.52 -0.21
N ILE C 84 0.08 30.83 0.10
CA ILE C 84 0.50 31.34 1.40
C ILE C 84 -0.37 30.77 2.52
N GLN C 85 -1.70 30.74 2.32
CA GLN C 85 -2.59 30.13 3.31
C GLN C 85 -2.23 28.66 3.53
N TYR C 86 -2.08 27.88 2.44
CA TYR C 86 -1.74 26.46 2.57
C TYR C 86 -0.49 26.27 3.41
N GLU C 87 0.57 27.05 3.12
CA GLU C 87 1.83 27.00 3.85
C GLU C 87 1.64 27.38 5.33
N ASP C 88 0.85 28.42 5.60
CA ASP C 88 0.57 28.82 6.99
C ASP C 88 -0.13 27.68 7.74
N TRP C 89 -1.15 27.07 7.10
CA TRP C 89 -1.87 25.95 7.67
C TRP C 89 -0.94 24.76 7.93
N CYS C 90 -0.17 24.36 6.90
CA CYS C 90 0.72 23.22 7.06
C CYS C 90 1.72 23.47 8.18
N ALA C 91 2.29 24.68 8.25
CA ALA C 91 3.29 24.97 9.29
C ALA C 91 2.69 24.81 10.67
N LYS C 92 1.48 25.35 10.88
CA LYS C 92 0.77 25.26 12.15
C LYS C 92 0.55 23.80 12.54
N TYR C 93 -0.11 23.04 11.67
CA TYR C 93 -0.48 21.69 12.07
C TYR C 93 0.70 20.74 12.10
N ALA C 94 1.73 20.93 11.26
CA ALA C 94 2.94 20.13 11.45
C ALA C 94 3.50 20.34 12.86
N ARG C 95 3.46 21.59 13.36
CA ARG C 95 3.93 21.90 14.71
C ARG C 95 3.04 21.25 15.78
N THR C 96 1.71 21.48 15.74
CA THR C 96 0.84 21.01 16.81
C THR C 96 0.82 19.49 16.88
N LEU C 97 0.90 18.82 15.71
CA LEU C 97 0.91 17.36 15.62
C LEU C 97 2.31 16.77 15.85
N GLY C 98 3.35 17.59 15.95
CA GLY C 98 4.73 17.14 16.05
C GLY C 98 5.22 16.39 14.82
N LEU C 99 4.85 16.87 13.63
CA LEU C 99 5.33 16.26 12.39
C LEU C 99 6.75 16.75 12.08
N GLU C 100 7.52 15.92 11.39
CA GLU C 100 8.82 16.31 10.89
C GLU C 100 8.61 17.28 9.72
N VAL C 101 9.35 18.38 9.71
CA VAL C 101 9.38 19.34 8.63
C VAL C 101 10.81 19.39 8.10
N LYS C 102 10.99 19.14 6.81
CA LYS C 102 12.30 19.16 6.16
C LYS C 102 12.56 20.50 5.50
N GLU C 103 13.85 20.85 5.34
CA GLU C 103 14.23 22.04 4.59
C GLU C 103 14.83 21.60 3.25
N VAL C 104 14.32 22.15 2.13
CA VAL C 104 14.88 21.80 0.83
C VAL C 104 15.25 23.02 0.00
N GLU C 105 16.19 22.80 -0.95
CA GLU C 105 16.62 23.79 -1.94
C GLU C 105 15.42 24.22 -2.76
N ALA C 106 15.29 25.53 -3.00
CA ALA C 106 14.20 26.03 -3.82
C ALA C 106 14.47 25.75 -5.31
N PRO C 107 13.41 25.62 -6.11
CA PRO C 107 13.59 25.50 -7.55
C PRO C 107 14.15 26.80 -8.11
N ALA C 108 14.77 26.70 -9.30
CA ALA C 108 15.37 27.86 -9.97
C ALA C 108 14.38 28.99 -10.12
N ALA C 109 13.12 28.63 -10.45
CA ALA C 109 12.07 29.63 -10.69
C ALA C 109 11.73 30.46 -9.46
N LEU C 110 12.20 30.06 -8.28
CA LEU C 110 12.05 30.82 -7.03
C LEU C 110 13.37 31.39 -6.52
N LYS C 111 14.48 30.72 -6.79
CA LYS C 111 15.79 31.31 -6.48
C LYS C 111 15.96 32.70 -7.13
N VAL C 112 15.38 32.91 -8.31
CA VAL C 112 15.51 34.20 -8.96
C VAL C 112 14.66 35.28 -8.29
N HIS C 113 13.88 34.91 -7.28
CA HIS C 113 13.20 35.92 -6.48
C HIS C 113 13.82 36.01 -5.10
N GLY C 114 14.91 35.27 -4.89
CA GLY C 114 15.67 35.31 -3.68
C GLY C 114 15.23 34.26 -2.69
N ILE C 115 14.32 33.38 -3.09
CA ILE C 115 13.90 32.28 -2.23
C ILE C 115 14.90 31.13 -2.37
N MET C 116 15.75 30.94 -1.36
N MET C 116 15.74 30.96 -1.35
CA MET C 116 16.79 29.92 -1.47
CA MET C 116 16.82 29.96 -1.38
C MET C 116 16.35 28.56 -0.96
C MET C 116 16.33 28.57 -0.98
N ALA C 117 15.45 28.51 0.03
CA ALA C 117 15.02 27.24 0.58
C ALA C 117 13.55 27.32 0.94
N LEU C 118 12.92 26.13 0.94
CA LEU C 118 11.50 25.98 1.22
C LEU C 118 11.25 24.89 2.24
N LYS C 119 10.14 25.01 2.96
CA LYS C 119 9.74 23.95 3.88
C LYS C 119 9.14 22.79 3.09
N ALA C 120 9.53 21.57 3.42
CA ALA C 120 8.91 20.37 2.86
C ALA C 120 8.20 19.61 3.97
N TYR C 121 6.91 19.32 3.75
CA TYR C 121 6.02 18.66 4.69
C TYR C 121 5.67 17.25 4.24
N PRO C 122 5.20 16.41 5.19
CA PRO C 122 4.73 15.06 4.83
C PRO C 122 3.60 15.10 3.81
N GLU C 123 3.68 14.20 2.82
CA GLU C 123 2.69 14.22 1.75
C GLU C 123 1.30 14.01 2.30
N ALA C 124 1.14 13.14 3.33
CA ALA C 124 -0.18 12.96 3.96
C ALA C 124 -0.75 14.27 4.47
N LEU C 125 0.09 15.11 5.09
CA LEU C 125 -0.39 16.42 5.58
C LEU C 125 -0.89 17.27 4.42
N LEU C 126 -0.11 17.32 3.32
CA LEU C 126 -0.48 18.12 2.16
C LEU C 126 -1.78 17.62 1.53
N GLU C 127 -1.94 16.28 1.43
CA GLU C 127 -3.15 15.67 0.88
C GLU C 127 -4.39 16.26 1.55
N ILE C 128 -4.35 16.37 2.88
CA ILE C 128 -5.47 16.91 3.62
C ILE C 128 -5.79 18.32 3.14
N ARG C 129 -4.80 19.21 3.15
CA ARG C 129 -5.03 20.63 2.91
C ARG C 129 -5.30 20.93 1.45
N LEU C 130 -4.59 20.26 0.54
CA LEU C 130 -4.62 20.62 -0.89
C LEU C 130 -5.60 19.80 -1.74
N ILE C 131 -6.06 18.66 -1.25
CA ILE C 131 -7.00 17.80 -1.95
C ILE C 131 -8.34 17.70 -1.23
N GLU C 132 -8.31 17.38 0.08
CA GLU C 132 -9.57 17.13 0.81
C GLU C 132 -10.32 18.42 1.14
N MET C 133 -9.61 19.51 1.45
CA MET C 133 -10.24 20.79 1.77
C MET C 133 -9.50 21.93 1.07
N PRO C 134 -9.39 21.89 -0.27
CA PRO C 134 -8.67 22.96 -0.96
C PRO C 134 -9.44 24.28 -0.90
N ASN D 16 18.23 6.20 -59.83
CA ASN D 16 19.20 5.09 -59.98
C ASN D 16 20.29 5.11 -58.89
N PHE D 17 20.76 3.92 -58.50
CA PHE D 17 21.65 3.76 -57.35
C PHE D 17 23.06 4.20 -57.74
N ASP D 18 23.60 5.18 -56.99
CA ASP D 18 24.98 5.64 -57.06
C ASP D 18 25.68 5.19 -55.78
N PRO D 19 26.73 4.36 -55.89
CA PRO D 19 27.44 3.91 -54.68
C PRO D 19 28.17 5.02 -53.94
N ASN D 20 28.53 6.14 -54.60
CA ASN D 20 29.23 7.25 -53.97
C ASN D 20 28.31 8.43 -53.60
N ALA D 21 27.02 8.34 -53.87
CA ALA D 21 26.06 9.29 -53.31
C ALA D 21 26.15 9.23 -51.78
N TRP D 22 25.93 10.40 -51.15
CA TRP D 22 25.97 10.60 -49.70
C TRP D 22 24.68 10.09 -49.07
N HIS D 23 24.81 9.13 -48.14
CA HIS D 23 23.69 8.59 -47.38
C HIS D 23 23.37 9.49 -46.17
N HIS D 24 22.11 9.48 -45.71
CA HIS D 24 21.76 10.34 -44.59
C HIS D 24 22.47 9.95 -43.28
N SER D 25 23.01 8.75 -43.19
CA SER D 25 23.83 8.37 -42.06
C SER D 25 25.19 9.04 -42.03
N GLN D 26 25.50 9.94 -43.01
CA GLN D 26 26.74 10.72 -43.07
C GLN D 26 27.93 9.83 -43.40
N MET D 27 27.76 9.10 -44.51
CA MET D 27 28.77 8.30 -45.18
C MET D 27 28.19 8.02 -46.56
N THR D 28 29.00 7.44 -47.44
CA THR D 28 28.51 7.08 -48.77
C THR D 28 27.54 5.92 -48.61
N THR D 29 26.62 5.83 -49.57
CA THR D 29 25.67 4.75 -49.63
C THR D 29 26.34 3.40 -49.49
N LEU D 30 27.44 3.22 -50.21
CA LEU D 30 28.16 1.97 -50.12
C LEU D 30 28.71 1.76 -48.71
N GLU D 31 29.31 2.79 -48.12
CA GLU D 31 29.85 2.69 -46.75
C GLU D 31 28.78 2.27 -45.76
N ALA D 32 27.53 2.80 -45.91
CA ALA D 32 26.40 2.47 -45.05
C ALA D 32 26.02 1.00 -45.15
N ILE D 33 25.98 0.49 -46.39
CA ILE D 33 25.72 -0.91 -46.66
C ILE D 33 26.77 -1.77 -45.95
N GLU D 34 28.06 -1.41 -46.11
CA GLU D 34 29.13 -2.17 -45.44
C GLU D 34 28.98 -2.08 -43.93
N LEU D 35 28.66 -0.89 -43.41
CA LEU D 35 28.50 -0.71 -41.97
C LEU D 35 27.42 -1.66 -41.41
N SER D 36 26.27 -1.72 -42.09
CA SER D 36 25.15 -2.60 -41.73
C SER D 36 25.54 -4.07 -41.86
N ARG D 37 26.26 -4.44 -42.93
CA ARG D 37 26.69 -5.83 -43.09
C ARG D 37 27.59 -6.25 -41.94
N SER D 38 28.40 -5.33 -41.42
CA SER D 38 29.34 -5.63 -40.36
C SER D 38 28.70 -5.63 -38.99
N GLY D 39 27.39 -5.38 -38.90
CA GLY D 39 26.63 -5.37 -37.66
C GLY D 39 26.80 -4.08 -36.86
N GLY D 40 27.22 -3.02 -37.55
CA GLY D 40 27.40 -1.71 -36.96
C GLY D 40 26.23 -0.79 -37.29
N HIS D 41 26.30 0.44 -36.76
CA HIS D 41 25.27 1.45 -37.02
C HIS D 41 25.87 2.83 -36.74
N PRO D 42 25.24 3.89 -37.28
CA PRO D 42 25.76 5.25 -37.14
C PRO D 42 25.27 6.08 -35.96
N TYR D 43 24.62 5.53 -34.94
CA TYR D 43 23.94 6.34 -33.93
C TYR D 43 24.60 6.34 -32.55
N SER D 44 25.77 5.71 -32.39
CA SER D 44 26.51 5.76 -31.13
C SER D 44 27.10 7.12 -30.86
N SER D 45 27.06 7.48 -29.71
CA SER D 45 27.65 8.72 -29.22
C SER D 45 29.12 8.49 -28.84
N PRO D 46 30.00 9.46 -29.07
CA PRO D 46 31.38 9.31 -28.60
C PRO D 46 31.53 9.60 -27.11
N ASN D 47 32.51 8.94 -26.51
CA ASN D 47 32.90 9.21 -25.11
C ASN D 47 31.73 8.96 -24.14
N VAL D 48 31.02 7.84 -24.35
CA VAL D 48 29.99 7.42 -23.41
C VAL D 48 30.61 6.55 -22.31
N PRO D 49 30.53 6.98 -21.05
CA PRO D 49 31.09 6.16 -19.95
C PRO D 49 30.50 4.74 -19.97
N LYS D 50 31.34 3.78 -19.60
CA LYS D 50 30.95 2.37 -19.64
C LYS D 50 29.77 2.17 -18.70
N GLY D 51 28.82 1.34 -19.12
CA GLY D 51 27.62 1.08 -18.34
C GLY D 51 26.49 2.08 -18.51
N PHE D 52 26.68 3.09 -19.37
CA PHE D 52 25.67 4.05 -19.79
C PHE D 52 25.47 3.93 -21.30
N ASN D 53 24.31 4.37 -21.76
CA ASN D 53 24.11 4.40 -23.20
C ASN D 53 22.94 5.30 -23.48
N THR D 54 22.83 5.75 -24.74
CA THR D 54 21.68 6.51 -25.16
C THR D 54 20.57 5.54 -25.54
N VAL D 55 19.36 6.09 -25.63
CA VAL D 55 18.26 5.26 -26.10
C VAL D 55 18.55 4.72 -27.48
N VAL D 56 18.88 5.61 -28.44
CA VAL D 56 19.12 5.18 -29.81
C VAL D 56 20.37 4.31 -29.87
N GLY D 57 21.40 4.65 -29.11
CA GLY D 57 22.60 3.83 -29.11
C GLY D 57 22.32 2.38 -28.70
N PHE D 58 21.68 2.20 -27.53
CA PHE D 58 21.33 0.87 -27.01
C PHE D 58 20.36 0.13 -27.94
N PHE D 59 19.41 0.85 -28.52
CA PHE D 59 18.49 0.18 -29.42
C PHE D 59 19.26 -0.49 -30.55
N PHE D 60 20.16 0.23 -31.26
CA PHE D 60 20.85 -0.41 -32.39
C PHE D 60 22.08 -1.22 -31.96
N ASP D 61 22.53 -1.08 -30.70
CA ASP D 61 23.43 -2.10 -30.12
C ASP D 61 22.72 -3.42 -29.91
N THR D 62 21.40 -3.39 -29.76
CA THR D 62 20.58 -4.57 -29.54
C THR D 62 20.00 -5.13 -30.83
N TYR D 63 19.36 -4.29 -31.64
CA TYR D 63 18.70 -4.71 -32.87
C TYR D 63 19.50 -4.26 -34.10
N ASP D 64 19.26 -4.92 -35.22
CA ASP D 64 20.06 -4.66 -36.41
C ASP D 64 19.71 -3.34 -37.08
N TRP D 65 20.71 -2.54 -37.43
CA TRP D 65 20.49 -1.35 -38.25
C TRP D 65 20.70 -1.73 -39.70
N TYR D 66 19.80 -1.26 -40.57
CA TYR D 66 19.86 -1.31 -42.04
C TYR D 66 19.77 0.13 -42.59
N PRO D 67 20.44 0.41 -43.73
CA PRO D 67 20.52 1.80 -44.24
C PRO D 67 19.18 2.48 -44.45
N ALA D 68 18.16 1.75 -44.87
CA ALA D 68 16.88 2.37 -45.13
C ALA D 68 16.02 2.54 -43.87
N ALA D 69 16.55 2.21 -42.68
CA ALA D 69 15.73 2.18 -41.46
C ALA D 69 14.97 3.49 -41.27
N TYR D 70 15.61 4.63 -41.51
CA TYR D 70 14.98 5.93 -41.31
C TYR D 70 14.91 6.80 -42.56
N ASP D 71 14.58 6.19 -43.70
CA ASP D 71 14.42 6.94 -44.93
C ASP D 71 13.35 8.01 -44.79
N ASP D 72 12.17 7.64 -44.28
CA ASP D 72 11.08 8.62 -44.14
C ASP D 72 11.49 9.80 -43.27
N GLU D 73 12.35 9.57 -42.28
CA GLU D 73 12.85 10.60 -41.39
C GLU D 73 14.14 11.25 -41.91
N GLU D 74 14.59 10.86 -43.09
CA GLU D 74 15.86 11.36 -43.62
C GLU D 74 16.97 11.16 -42.59
N GLY D 75 16.86 10.04 -41.83
CA GLY D 75 17.88 9.57 -40.90
C GLY D 75 17.76 10.07 -39.47
N ASN D 76 16.76 10.92 -39.18
CA ASN D 76 16.57 11.43 -37.84
C ASN D 76 15.82 10.40 -36.99
N ALA D 77 16.61 9.53 -36.33
CA ALA D 77 16.02 8.50 -35.48
C ALA D 77 15.19 9.11 -34.36
N MET D 78 15.57 10.28 -33.87
CA MET D 78 14.86 10.87 -32.73
C MET D 78 13.44 11.39 -33.08
N LYS D 79 13.00 11.16 -34.32
CA LYS D 79 11.60 11.31 -34.74
C LYS D 79 10.81 10.00 -34.75
N ASP D 80 11.46 8.86 -34.53
CA ASP D 80 10.79 7.56 -34.37
C ASP D 80 9.91 7.56 -33.11
N ARG D 81 8.59 7.33 -33.30
CA ARG D 81 7.64 7.42 -32.19
C ARG D 81 8.04 6.45 -31.08
N GLU D 82 8.45 5.21 -31.45
CA GLU D 82 8.91 4.23 -30.47
C GLU D 82 10.02 4.80 -29.61
N LEU D 83 11.09 5.31 -30.25
CA LEU D 83 12.25 5.80 -29.48
C LEU D 83 11.87 7.01 -28.62
N ILE D 84 10.93 7.84 -29.08
CA ILE D 84 10.46 8.95 -28.25
C ILE D 84 9.79 8.44 -26.96
N GLN D 85 8.94 7.40 -27.07
CA GLN D 85 8.31 6.80 -25.90
C GLN D 85 9.37 6.28 -24.95
N TYR D 86 10.36 5.53 -25.50
CA TYR D 86 11.44 4.97 -24.69
C TYR D 86 12.17 6.06 -23.93
N GLU D 87 12.49 7.17 -24.61
CA GLU D 87 13.18 8.31 -23.98
C GLU D 87 12.37 8.94 -22.84
N ASP D 88 11.05 9.10 -23.04
CA ASP D 88 10.19 9.71 -22.02
C ASP D 88 10.14 8.83 -20.77
N TRP D 89 9.96 7.53 -20.97
CA TRP D 89 9.93 6.56 -19.89
C TRP D 89 11.25 6.58 -19.11
N CYS D 90 12.40 6.50 -19.81
CA CYS D 90 13.70 6.51 -19.15
C CYS D 90 13.90 7.78 -18.34
N ALA D 91 13.50 8.93 -18.90
CA ALA D 91 13.67 10.20 -18.19
C ALA D 91 12.84 10.22 -16.90
N LYS D 92 11.59 9.72 -16.97
CA LYS D 92 10.70 9.66 -15.82
C LYS D 92 11.29 8.82 -14.72
N TYR D 93 11.61 7.56 -15.01
CA TYR D 93 12.04 6.67 -13.96
C TYR D 93 13.45 6.98 -13.49
N ALA D 94 14.34 7.49 -14.36
CA ALA D 94 15.65 7.91 -13.85
C ALA D 94 15.49 9.00 -12.80
N ARG D 95 14.54 9.91 -13.01
CA ARG D 95 14.29 11.00 -12.06
C ARG D 95 13.73 10.44 -10.76
N THR D 96 12.60 9.70 -10.83
CA THR D 96 11.93 9.23 -9.63
C THR D 96 12.84 8.29 -8.83
N LEU D 97 13.66 7.49 -9.52
CA LEU D 97 14.58 6.55 -8.90
C LEU D 97 15.90 7.18 -8.45
N GLY D 98 16.13 8.45 -8.77
CA GLY D 98 17.38 9.16 -8.51
C GLY D 98 18.58 8.52 -9.20
N LEU D 99 18.39 8.03 -10.44
CA LEU D 99 19.51 7.46 -11.22
C LEU D 99 20.34 8.59 -11.85
N GLU D 100 21.65 8.33 -11.99
CA GLU D 100 22.52 9.29 -12.71
C GLU D 100 22.21 9.30 -14.21
N VAL D 101 22.01 10.51 -14.76
CA VAL D 101 21.80 10.72 -16.19
C VAL D 101 22.92 11.60 -16.74
N LYS D 102 23.66 11.08 -17.71
CA LYS D 102 24.74 11.83 -18.34
C LYS D 102 24.29 12.54 -19.61
N GLU D 103 24.92 13.68 -19.89
CA GLU D 103 24.73 14.39 -21.15
C GLU D 103 25.92 14.09 -22.06
N VAL D 104 25.64 13.57 -23.26
CA VAL D 104 26.68 13.16 -24.19
C VAL D 104 26.42 13.80 -25.56
N GLU D 105 27.52 13.92 -26.32
CA GLU D 105 27.51 14.40 -27.70
C GLU D 105 26.69 13.48 -28.60
N ALA D 106 25.82 14.09 -29.40
CA ALA D 106 25.08 13.34 -30.41
C ALA D 106 26.03 12.87 -31.51
N PRO D 107 25.71 11.74 -32.15
CA PRO D 107 26.46 11.32 -33.36
C PRO D 107 26.19 12.27 -34.53
N ALA D 108 27.11 12.22 -35.52
CA ALA D 108 27.04 13.07 -36.73
C ALA D 108 25.69 12.94 -37.40
N ALA D 109 25.16 11.69 -37.47
CA ALA D 109 23.88 11.42 -38.14
C ALA D 109 22.70 12.09 -37.45
N LEU D 110 22.87 12.56 -36.23
CA LEU D 110 21.85 13.40 -35.62
C LEU D 110 22.30 14.86 -35.57
N LYS D 111 23.60 15.10 -35.49
CA LYS D 111 24.06 16.49 -35.54
C LYS D 111 23.52 17.20 -36.78
N VAL D 112 23.35 16.48 -37.90
CA VAL D 112 22.91 17.11 -39.13
C VAL D 112 21.45 17.45 -39.15
N HIS D 113 20.70 17.10 -38.11
CA HIS D 113 19.29 17.48 -37.92
C HIS D 113 19.12 18.50 -36.80
N GLY D 114 20.23 18.95 -36.24
CA GLY D 114 20.25 19.94 -35.19
C GLY D 114 20.36 19.38 -33.78
N ILE D 115 20.49 18.06 -33.63
CA ILE D 115 20.60 17.44 -32.32
C ILE D 115 22.05 17.46 -31.89
N MET D 116 22.37 18.34 -30.93
CA MET D 116 23.74 18.46 -30.48
C MET D 116 24.07 17.49 -29.36
N ALA D 117 23.10 17.11 -28.53
CA ALA D 117 23.41 16.28 -27.37
C ALA D 117 22.23 15.39 -27.01
N LEU D 118 22.55 14.27 -26.39
CA LEU D 118 21.56 13.30 -25.97
C LEU D 118 21.76 12.91 -24.50
N LYS D 119 20.68 12.46 -23.86
CA LYS D 119 20.75 11.92 -22.50
C LYS D 119 21.26 10.47 -22.56
N ALA D 120 22.21 10.11 -21.70
CA ALA D 120 22.67 8.74 -21.58
C ALA D 120 22.35 8.18 -20.21
N TYR D 121 21.69 7.03 -20.20
CA TYR D 121 21.16 6.38 -19.01
C TYR D 121 21.87 5.08 -18.66
N PRO D 122 21.72 4.62 -17.40
CA PRO D 122 22.23 3.30 -17.02
C PRO D 122 21.66 2.19 -17.90
N GLU D 123 22.54 1.26 -18.28
CA GLU D 123 22.13 0.19 -19.17
C GLU D 123 21.08 -0.68 -18.49
N ALA D 124 21.19 -0.86 -17.16
CA ALA D 124 20.16 -1.62 -16.44
C ALA D 124 18.80 -0.98 -16.66
N LEU D 125 18.73 0.37 -16.63
CA LEU D 125 17.45 1.03 -16.88
C LEU D 125 16.95 0.75 -18.29
N LEU D 126 17.84 0.83 -19.29
CA LEU D 126 17.49 0.61 -20.71
C LEU D 126 17.05 -0.82 -20.97
N GLU D 127 17.77 -1.79 -20.39
CA GLU D 127 17.46 -3.22 -20.50
C GLU D 127 16.01 -3.48 -20.15
N ILE D 128 15.53 -2.85 -19.08
CA ILE D 128 14.14 -3.05 -18.67
C ILE D 128 13.19 -2.62 -19.77
N ARG D 129 13.34 -1.37 -20.23
CA ARG D 129 12.39 -0.76 -21.16
C ARG D 129 12.51 -1.36 -22.56
N LEU D 130 13.73 -1.66 -23.00
CA LEU D 130 14.00 -1.95 -24.41
C LEU D 130 13.97 -3.42 -24.73
N ILE D 131 14.13 -4.27 -23.72
CA ILE D 131 14.24 -5.71 -23.89
C ILE D 131 13.16 -6.44 -23.11
N GLU D 132 12.98 -6.09 -21.82
CA GLU D 132 12.02 -6.79 -20.99
C GLU D 132 10.59 -6.37 -21.34
N MET D 133 10.38 -5.12 -21.73
CA MET D 133 9.03 -4.67 -22.11
C MET D 133 8.90 -4.51 -23.64
N ASP E 18 25.46 -27.37 -4.08
CA ASP E 18 25.29 -28.55 -3.22
C ASP E 18 26.57 -29.37 -3.24
N PRO E 19 27.20 -29.57 -2.09
CA PRO E 19 28.45 -30.33 -2.09
C PRO E 19 28.28 -31.80 -2.43
N ASN E 20 27.09 -32.37 -2.25
CA ASN E 20 26.86 -33.79 -2.50
C ASN E 20 26.20 -34.06 -3.84
N ALA E 21 25.86 -33.01 -4.60
CA ALA E 21 25.38 -33.17 -5.97
C ALA E 21 26.44 -33.84 -6.85
N TRP E 22 25.99 -34.70 -7.76
CA TRP E 22 26.87 -35.40 -8.68
C TRP E 22 27.31 -34.49 -9.80
N HIS E 23 28.61 -34.32 -9.92
CA HIS E 23 29.22 -33.56 -10.99
C HIS E 23 29.37 -34.43 -12.24
N HIS E 24 29.37 -33.78 -13.40
CA HIS E 24 29.51 -34.53 -14.66
C HIS E 24 30.86 -35.23 -14.79
N SER E 25 31.82 -34.90 -13.94
CA SER E 25 33.08 -35.63 -13.86
C SER E 25 32.96 -36.99 -13.18
N GLN E 26 31.75 -37.39 -12.72
CA GLN E 26 31.48 -38.70 -12.12
C GLN E 26 32.13 -38.82 -10.74
N MET E 27 31.89 -37.77 -9.94
CA MET E 27 32.25 -37.64 -8.53
C MET E 27 31.34 -36.52 -8.01
N THR E 28 31.37 -36.31 -6.70
CA THR E 28 30.58 -35.23 -6.09
C THR E 28 31.18 -33.88 -6.41
N THR E 29 30.31 -32.86 -6.47
CA THR E 29 30.79 -31.52 -6.76
C THR E 29 31.96 -31.17 -5.85
N LEU E 30 31.82 -31.46 -4.56
CA LEU E 30 32.90 -31.18 -3.61
C LEU E 30 34.16 -31.97 -3.96
N GLU E 31 34.01 -33.26 -4.28
CA GLU E 31 35.15 -34.08 -4.66
C GLU E 31 35.84 -33.52 -5.90
N ALA E 32 35.08 -33.01 -6.89
CA ALA E 32 35.63 -32.41 -8.10
C ALA E 32 36.45 -31.16 -7.78
N ILE E 33 35.93 -30.31 -6.90
CA ILE E 33 36.66 -29.13 -6.46
C ILE E 33 37.99 -29.54 -5.84
N GLU E 34 37.96 -30.49 -4.90
CA GLU E 34 39.18 -30.96 -4.24
C GLU E 34 40.16 -31.52 -5.26
N LEU E 35 39.67 -32.32 -6.22
CA LEU E 35 40.52 -32.89 -7.27
C LEU E 35 41.20 -31.79 -8.09
N SER E 36 40.45 -30.74 -8.46
CA SER E 36 41.00 -29.60 -9.20
C SER E 36 42.03 -28.83 -8.34
N ARG E 37 41.72 -28.61 -7.05
CA ARG E 37 42.67 -27.90 -6.18
C ARG E 37 43.99 -28.65 -6.05
N SER E 38 43.97 -29.99 -6.16
CA SER E 38 45.16 -30.83 -6.04
C SER E 38 45.91 -31.00 -7.38
N GLY E 39 45.50 -30.27 -8.42
CA GLY E 39 46.13 -30.32 -9.73
C GLY E 39 45.78 -31.55 -10.52
N GLY E 40 44.68 -32.22 -10.16
CA GLY E 40 44.21 -33.42 -10.81
C GLY E 40 43.10 -33.16 -11.81
N HIS E 41 42.69 -34.24 -12.47
CA HIS E 41 41.63 -34.17 -13.45
C HIS E 41 41.02 -35.56 -13.66
N PRO E 42 39.83 -35.64 -14.20
CA PRO E 42 39.09 -36.92 -14.33
C PRO E 42 39.24 -37.64 -15.66
N TYR E 43 40.13 -37.24 -16.55
CA TYR E 43 40.11 -37.74 -17.91
C TYR E 43 41.24 -38.70 -18.26
N SER E 44 42.01 -39.11 -17.26
CA SER E 44 43.08 -40.09 -17.44
C SER E 44 42.50 -41.49 -17.63
N SER E 45 43.05 -42.18 -18.52
CA SER E 45 42.65 -43.54 -18.81
C SER E 45 43.43 -44.53 -17.95
N PRO E 46 42.82 -45.65 -17.56
CA PRO E 46 43.56 -46.69 -16.84
C PRO E 46 44.41 -47.55 -17.75
N ASN E 47 45.51 -48.05 -17.18
CA ASN E 47 46.39 -49.04 -17.83
C ASN E 47 46.97 -48.55 -19.15
N VAL E 48 47.43 -47.30 -19.17
CA VAL E 48 48.05 -46.73 -20.37
C VAL E 48 49.53 -47.12 -20.41
N PRO E 49 49.99 -47.80 -21.49
CA PRO E 49 51.40 -48.21 -21.55
C PRO E 49 52.37 -47.04 -21.42
N LYS E 50 53.51 -47.33 -20.81
CA LYS E 50 54.50 -46.30 -20.55
C LYS E 50 54.90 -45.65 -21.86
N GLY E 51 55.05 -44.33 -21.84
CA GLY E 51 55.41 -43.59 -23.02
C GLY E 51 54.26 -43.26 -23.95
N PHE E 52 53.03 -43.61 -23.59
CA PHE E 52 51.83 -43.30 -24.35
C PHE E 52 50.84 -42.50 -23.50
N ASN E 53 49.95 -41.79 -24.18
CA ASN E 53 48.90 -41.07 -23.48
C ASN E 53 47.80 -40.75 -24.48
N THR E 54 46.62 -40.39 -23.95
CA THR E 54 45.55 -39.93 -24.80
C THR E 54 45.67 -38.44 -25.04
N VAL E 55 44.94 -37.95 -26.03
CA VAL E 55 44.95 -36.53 -26.25
C VAL E 55 44.46 -35.81 -25.00
N VAL E 56 43.27 -36.19 -24.51
CA VAL E 56 42.64 -35.51 -23.39
C VAL E 56 43.48 -35.73 -22.12
N GLY E 57 44.06 -36.92 -21.97
CA GLY E 57 44.92 -37.20 -20.84
C GLY E 57 46.11 -36.26 -20.77
N PHE E 58 46.91 -36.24 -21.84
CA PHE E 58 48.10 -35.39 -21.93
C PHE E 58 47.74 -33.91 -21.79
N PHE E 59 46.63 -33.51 -22.42
CA PHE E 59 46.22 -32.12 -22.31
C PHE E 59 46.02 -31.71 -20.86
N PHE E 60 45.25 -32.50 -20.06
CA PHE E 60 45.02 -32.10 -18.66
C PHE E 60 46.14 -32.53 -17.71
N ASP E 61 47.06 -33.40 -18.17
CA ASP E 61 48.34 -33.59 -17.47
C ASP E 61 49.24 -32.35 -17.59
N THR E 62 49.06 -31.59 -18.65
CA THR E 62 49.87 -30.42 -18.92
C THR E 62 49.22 -29.16 -18.40
N TYR E 63 47.96 -28.93 -18.73
CA TYR E 63 47.21 -27.74 -18.37
C TYR E 63 46.22 -28.03 -17.24
N ASP E 64 45.76 -26.97 -16.59
CA ASP E 64 44.88 -27.11 -15.43
C ASP E 64 43.46 -27.46 -15.86
N TRP E 65 42.88 -28.45 -15.20
CA TRP E 65 41.45 -28.72 -15.28
C TRP E 65 40.71 -28.05 -14.12
N TYR E 66 39.60 -27.35 -14.43
CA TYR E 66 38.70 -26.81 -13.44
C TYR E 66 37.29 -27.41 -13.65
N PRO E 67 36.53 -27.61 -12.55
CA PRO E 67 35.28 -28.38 -12.64
C PRO E 67 34.33 -27.87 -13.70
N ALA E 68 34.22 -26.56 -13.92
CA ALA E 68 33.26 -26.04 -14.88
C ALA E 68 33.78 -26.05 -16.31
N ALA E 69 34.94 -26.67 -16.56
CA ALA E 69 35.56 -26.60 -17.89
C ALA E 69 34.58 -27.01 -18.98
N TYR E 70 33.86 -28.10 -18.75
CA TYR E 70 32.99 -28.70 -19.75
C TYR E 70 31.53 -28.74 -19.30
N ASP E 71 31.08 -27.65 -18.68
CA ASP E 71 29.68 -27.51 -18.32
C ASP E 71 28.80 -27.58 -19.57
N ASP E 72 29.14 -26.79 -20.60
CA ASP E 72 28.34 -26.75 -21.82
C ASP E 72 28.25 -28.13 -22.47
N GLU E 73 29.32 -28.91 -22.39
CA GLU E 73 29.39 -30.25 -22.96
C GLU E 73 28.89 -31.33 -22.00
N GLU E 74 28.39 -30.93 -20.84
CA GLU E 74 27.98 -31.86 -19.80
C GLU E 74 29.07 -32.87 -19.50
N GLY E 75 30.33 -32.40 -19.58
CA GLY E 75 31.51 -33.19 -19.26
C GLY E 75 32.18 -33.97 -20.42
N ASN E 76 31.63 -33.90 -21.63
CA ASN E 76 32.19 -34.62 -22.77
C ASN E 76 33.34 -33.82 -23.37
N ALA E 77 34.55 -34.07 -22.86
CA ALA E 77 35.73 -33.36 -23.35
C ALA E 77 35.95 -33.58 -24.83
N MET E 78 35.57 -34.76 -25.35
CA MET E 78 35.79 -35.11 -26.76
C MET E 78 34.87 -34.38 -27.71
N LYS E 79 34.04 -33.47 -27.21
CA LYS E 79 33.30 -32.54 -28.02
C LYS E 79 34.02 -31.21 -28.17
N ASP E 80 35.11 -31.00 -27.44
CA ASP E 80 35.93 -29.78 -27.53
C ASP E 80 36.57 -29.66 -28.90
N ARG E 81 36.25 -28.55 -29.60
CA ARG E 81 36.76 -28.34 -30.95
C ARG E 81 38.29 -28.35 -30.94
N GLU E 82 38.91 -27.76 -29.91
CA GLU E 82 40.38 -27.83 -29.82
C GLU E 82 40.87 -29.28 -29.78
N LEU E 83 40.33 -30.07 -28.86
CA LEU E 83 40.79 -31.46 -28.67
C LEU E 83 40.49 -32.34 -29.90
N ILE E 84 39.42 -32.04 -30.63
CA ILE E 84 39.11 -32.76 -31.87
C ILE E 84 40.19 -32.52 -32.92
N GLN E 85 40.62 -31.26 -33.05
CA GLN E 85 41.73 -30.93 -33.96
C GLN E 85 42.99 -31.68 -33.55
N TYR E 86 43.36 -31.62 -32.27
CA TYR E 86 44.55 -32.33 -31.81
C TYR E 86 44.49 -33.82 -32.15
N GLU E 87 43.33 -34.44 -31.94
CA GLU E 87 43.12 -35.87 -32.21
C GLU E 87 43.26 -36.18 -33.71
N ASP E 88 42.64 -35.35 -34.57
CA ASP E 88 42.70 -35.56 -36.01
C ASP E 88 44.15 -35.49 -36.51
N TRP E 89 44.89 -34.47 -36.04
CA TRP E 89 46.31 -34.33 -36.37
C TRP E 89 47.13 -35.52 -35.88
N CYS E 90 46.98 -35.95 -34.60
CA CYS E 90 47.78 -37.07 -34.10
C CYS E 90 47.53 -38.32 -34.93
N ALA E 91 46.26 -38.59 -35.27
CA ALA E 91 45.91 -39.75 -36.08
C ALA E 91 46.53 -39.65 -37.47
N LYS E 92 46.46 -38.47 -38.09
CA LYS E 92 47.07 -38.27 -39.41
C LYS E 92 48.56 -38.57 -39.36
N TYR E 93 49.30 -37.90 -38.47
CA TYR E 93 50.74 -38.05 -38.44
C TYR E 93 51.22 -39.36 -37.83
N ALA E 94 50.47 -39.95 -36.87
CA ALA E 94 50.82 -41.30 -36.41
C ALA E 94 50.77 -42.30 -37.58
N ARG E 95 49.80 -42.16 -38.48
CA ARG E 95 49.70 -43.04 -39.64
C ARG E 95 50.88 -42.78 -40.59
N THR E 96 51.05 -41.51 -40.98
CA THR E 96 52.02 -41.17 -42.00
C THR E 96 53.44 -41.53 -41.59
N LEU E 97 53.76 -41.34 -40.31
CA LEU E 97 55.06 -41.65 -39.73
C LEU E 97 55.22 -43.12 -39.36
N GLY E 98 54.14 -43.91 -39.46
CA GLY E 98 54.14 -45.31 -39.03
C GLY E 98 54.40 -45.48 -37.54
N LEU E 99 53.81 -44.61 -36.70
CA LEU E 99 53.92 -44.69 -35.24
C LEU E 99 52.91 -45.70 -34.70
N GLU E 100 53.30 -46.38 -33.60
CA GLU E 100 52.39 -47.30 -32.93
C GLU E 100 51.29 -46.52 -32.22
N VAL E 101 50.04 -46.93 -32.44
CA VAL E 101 48.89 -46.33 -31.77
C VAL E 101 48.20 -47.42 -30.97
N LYS E 102 48.11 -47.23 -29.65
CA LYS E 102 47.42 -48.17 -28.77
C LYS E 102 45.99 -47.70 -28.50
N GLU E 103 45.11 -48.69 -28.24
CA GLU E 103 43.73 -48.48 -27.82
C GLU E 103 43.62 -48.72 -26.32
N VAL E 104 43.04 -47.76 -25.59
CA VAL E 104 42.91 -47.85 -24.15
C VAL E 104 41.48 -47.57 -23.73
N GLU E 105 41.12 -48.10 -22.54
CA GLU E 105 39.83 -47.87 -21.90
C GLU E 105 39.60 -46.39 -21.61
N ALA E 106 38.41 -45.88 -21.96
CA ALA E 106 38.04 -44.52 -21.67
C ALA E 106 37.86 -44.30 -20.16
N PRO E 107 38.07 -43.07 -19.67
CA PRO E 107 37.74 -42.76 -18.28
C PRO E 107 36.23 -42.70 -18.08
N ALA E 108 35.82 -42.91 -16.81
CA ALA E 108 34.40 -42.91 -16.45
C ALA E 108 33.73 -41.63 -16.97
N ALA E 109 34.43 -40.49 -16.84
CA ALA E 109 33.85 -39.22 -17.28
C ALA E 109 33.55 -39.20 -18.79
N LEU E 110 34.05 -40.16 -19.56
CA LEU E 110 33.69 -40.24 -20.97
C LEU E 110 32.82 -41.46 -21.31
N LYS E 111 32.99 -42.57 -20.58
CA LYS E 111 32.11 -43.74 -20.72
C LYS E 111 30.66 -43.35 -20.59
N VAL E 112 30.39 -42.31 -19.79
CA VAL E 112 29.04 -41.82 -19.57
C VAL E 112 28.50 -41.06 -20.77
N HIS E 113 29.30 -40.85 -21.80
CA HIS E 113 28.86 -40.27 -23.07
C HIS E 113 28.90 -41.28 -24.22
N GLY E 114 29.23 -42.54 -23.92
CA GLY E 114 29.25 -43.62 -24.87
C GLY E 114 30.61 -43.91 -25.44
N ILE E 115 31.63 -43.18 -24.98
CA ILE E 115 33.00 -43.37 -25.43
C ILE E 115 33.58 -44.51 -24.61
N MET E 116 33.80 -45.67 -25.24
CA MET E 116 34.31 -46.82 -24.49
C MET E 116 35.83 -46.90 -24.53
N ALA E 117 36.44 -46.41 -25.60
CA ALA E 117 37.87 -46.50 -25.78
C ALA E 117 38.36 -45.26 -26.50
N LEU E 118 39.64 -44.97 -26.29
CA LEU E 118 40.31 -43.84 -26.87
C LEU E 118 41.61 -44.32 -27.47
N LYS E 119 42.11 -43.56 -28.45
CA LYS E 119 43.44 -43.78 -29.02
C LYS E 119 44.48 -43.18 -28.10
N ALA E 120 45.57 -43.91 -27.83
CA ALA E 120 46.70 -43.38 -27.08
C ALA E 120 47.97 -43.40 -27.92
N TYR E 121 48.59 -42.21 -28.08
CA TYR E 121 49.71 -41.93 -28.95
C TYR E 121 51.00 -41.73 -28.19
N PRO E 122 52.14 -41.90 -28.86
CA PRO E 122 53.44 -41.66 -28.20
C PRO E 122 53.51 -40.25 -27.65
N GLU E 123 54.06 -40.14 -26.43
CA GLU E 123 54.08 -38.86 -25.74
C GLU E 123 54.85 -37.83 -26.54
N ALA E 124 55.93 -38.24 -27.22
CA ALA E 124 56.68 -37.29 -28.06
C ALA E 124 55.78 -36.65 -29.11
N LEU E 125 54.96 -37.45 -29.79
CA LEU E 125 54.05 -36.92 -30.81
C LEU E 125 53.11 -35.87 -30.20
N LEU E 126 52.57 -36.17 -28.98
CA LEU E 126 51.66 -35.25 -28.28
C LEU E 126 52.37 -33.97 -27.85
N GLU E 127 53.63 -34.08 -27.41
CA GLU E 127 54.47 -32.92 -27.09
C GLU E 127 54.50 -31.94 -28.26
N ILE E 128 54.72 -32.47 -29.47
CA ILE E 128 54.78 -31.61 -30.64
C ILE E 128 53.48 -30.84 -30.79
N ARG E 129 52.35 -31.54 -30.78
CA ARG E 129 51.09 -30.89 -31.16
C ARG E 129 50.55 -29.97 -30.06
N LEU E 130 50.64 -30.41 -28.79
CA LEU E 130 49.94 -29.73 -27.70
C LEU E 130 50.78 -28.70 -26.95
N ILE E 131 52.12 -28.74 -27.04
CA ILE E 131 52.99 -27.78 -26.37
C ILE E 131 53.71 -26.88 -27.35
N GLU E 132 54.35 -27.48 -28.39
CA GLU E 132 55.15 -26.69 -29.32
C GLU E 132 54.25 -25.89 -30.26
N MET E 133 53.08 -26.42 -30.66
CA MET E 133 52.15 -25.66 -31.50
C MET E 133 50.96 -25.18 -30.64
N ASP F 18 17.80 -40.24 -32.87
CA ASP F 18 19.19 -40.51 -33.26
C ASP F 18 19.60 -41.92 -32.78
N PRO F 19 19.77 -42.86 -33.73
CA PRO F 19 19.77 -44.31 -33.39
C PRO F 19 21.03 -44.80 -32.71
N ASN F 20 22.16 -44.15 -32.91
CA ASN F 20 23.40 -44.58 -32.27
C ASN F 20 23.74 -43.72 -31.08
N ALA F 21 22.89 -42.73 -30.78
CA ALA F 21 23.04 -41.87 -29.62
C ALA F 21 23.04 -42.70 -28.34
N TRP F 22 23.73 -42.18 -27.32
CA TRP F 22 23.86 -42.84 -26.03
C TRP F 22 22.60 -42.66 -25.19
N HIS F 23 21.99 -43.78 -24.84
CA HIS F 23 20.81 -43.73 -24.02
C HIS F 23 21.17 -43.62 -22.55
N HIS F 24 20.30 -42.95 -21.79
CA HIS F 24 20.54 -42.76 -20.37
C HIS F 24 20.62 -44.09 -19.63
N SER F 25 20.18 -45.19 -20.26
CA SER F 25 20.40 -46.51 -19.69
C SER F 25 21.83 -46.99 -19.79
N GLN F 26 22.73 -46.17 -20.36
CA GLN F 26 24.17 -46.47 -20.53
C GLN F 26 24.36 -47.59 -21.55
N MET F 27 23.73 -47.38 -22.72
CA MET F 27 23.90 -48.20 -23.91
C MET F 27 23.39 -47.33 -25.07
N THR F 28 23.56 -47.83 -26.29
CA THR F 28 23.04 -47.10 -27.43
C THR F 28 21.53 -47.19 -27.46
N THR F 29 20.90 -46.14 -28.00
CA THR F 29 19.47 -46.14 -28.14
C THR F 29 18.98 -47.42 -28.78
N LEU F 30 19.69 -47.88 -29.81
CA LEU F 30 19.32 -49.14 -30.47
C LEU F 30 19.44 -50.33 -29.50
N GLU F 31 20.54 -50.40 -28.74
CA GLU F 31 20.74 -51.48 -27.78
C GLU F 31 19.63 -51.50 -26.71
N ALA F 32 19.21 -50.29 -26.24
CA ALA F 32 18.13 -50.18 -25.25
C ALA F 32 16.83 -50.76 -25.80
N ILE F 33 16.50 -50.41 -27.04
CA ILE F 33 15.32 -50.95 -27.70
C ILE F 33 15.42 -52.46 -27.76
N GLU F 34 16.57 -52.99 -28.19
CA GLU F 34 16.71 -54.44 -28.27
C GLU F 34 16.54 -55.10 -26.90
N LEU F 35 17.16 -54.51 -25.85
CA LEU F 35 17.08 -55.04 -24.48
C LEU F 35 15.64 -55.08 -23.96
N SER F 36 14.88 -53.99 -24.16
CA SER F 36 13.47 -53.94 -23.78
C SER F 36 12.67 -55.00 -24.53
N ARG F 37 12.88 -55.13 -25.86
CA ARG F 37 12.18 -56.13 -26.67
C ARG F 37 12.49 -57.54 -26.22
N SER F 38 13.68 -57.76 -25.64
CA SER F 38 14.04 -59.07 -25.13
C SER F 38 13.53 -59.31 -23.70
N GLY F 39 12.77 -58.36 -23.14
CA GLY F 39 12.19 -58.45 -21.81
C GLY F 39 13.17 -58.17 -20.69
N GLY F 40 14.25 -57.47 -21.03
CA GLY F 40 15.30 -57.11 -20.11
C GLY F 40 15.12 -55.69 -19.62
N HIS F 41 16.06 -55.27 -18.77
CA HIS F 41 16.12 -53.91 -18.23
C HIS F 41 17.54 -53.66 -17.76
N PRO F 42 17.95 -52.40 -17.64
CA PRO F 42 19.35 -52.09 -17.27
C PRO F 42 19.62 -51.89 -15.79
N TYR F 43 18.71 -52.21 -14.88
CA TYR F 43 18.85 -51.78 -13.49
C TYR F 43 19.22 -52.88 -12.51
N SER F 44 19.58 -54.05 -12.99
CA SER F 44 20.06 -55.14 -12.15
C SER F 44 21.47 -54.87 -11.64
N SER F 45 21.70 -55.22 -10.43
CA SER F 45 22.97 -55.12 -9.75
C SER F 45 23.79 -56.38 -9.96
N PRO F 46 25.12 -56.25 -10.05
CA PRO F 46 25.97 -57.43 -10.16
C PRO F 46 26.19 -58.09 -8.82
N ASN F 47 26.37 -59.41 -8.87
CA ASN F 47 26.81 -60.20 -7.72
C ASN F 47 25.90 -60.03 -6.52
N VAL F 48 24.60 -60.10 -6.77
CA VAL F 48 23.61 -60.07 -5.69
C VAL F 48 23.44 -61.47 -5.13
N PRO F 49 23.69 -61.71 -3.82
CA PRO F 49 23.55 -63.06 -3.26
C PRO F 49 22.18 -63.64 -3.49
N LYS F 50 22.13 -64.98 -3.63
CA LYS F 50 20.89 -65.67 -3.94
C LYS F 50 19.83 -65.43 -2.86
N GLY F 51 18.58 -65.27 -3.30
CA GLY F 51 17.46 -64.97 -2.43
C GLY F 51 17.32 -63.51 -2.08
N PHE F 52 18.18 -62.65 -2.62
CA PHE F 52 18.13 -61.21 -2.41
C PHE F 52 18.01 -60.47 -3.74
N ASN F 53 17.52 -59.24 -3.65
CA ASN F 53 17.42 -58.37 -4.80
C ASN F 53 17.22 -56.94 -4.30
N THR F 54 17.43 -55.97 -5.20
CA THR F 54 17.16 -54.56 -4.95
C THR F 54 15.71 -54.25 -5.23
N VAL F 55 15.25 -53.09 -4.76
CA VAL F 55 13.88 -52.71 -5.05
C VAL F 55 13.69 -52.54 -6.55
N VAL F 56 14.57 -51.73 -7.18
CA VAL F 56 14.48 -51.46 -8.61
C VAL F 56 14.70 -52.76 -9.39
N GLY F 57 15.66 -53.57 -8.94
CA GLY F 57 15.96 -54.82 -9.61
C GLY F 57 14.76 -55.74 -9.69
N PHE F 58 14.15 -56.04 -8.54
CA PHE F 58 12.97 -56.90 -8.46
C PHE F 58 11.79 -56.30 -9.20
N PHE F 59 11.59 -54.98 -9.11
CA PHE F 59 10.47 -54.36 -9.80
C PHE F 59 10.55 -54.61 -11.31
N PHE F 60 11.71 -54.37 -11.94
CA PHE F 60 11.79 -54.59 -13.39
C PHE F 60 12.07 -56.05 -13.74
N ASP F 61 12.44 -56.86 -12.75
CA ASP F 61 12.36 -58.31 -12.94
C ASP F 61 10.93 -58.79 -13.06
N THR F 62 9.98 -58.03 -12.50
CA THR F 62 8.56 -58.36 -12.49
C THR F 62 7.75 -57.65 -13.56
N TYR F 63 7.92 -56.34 -13.70
CA TYR F 63 7.19 -55.53 -14.66
C TYR F 63 8.09 -55.08 -15.82
N ASP F 64 7.45 -54.71 -16.92
CA ASP F 64 8.14 -54.40 -18.17
C ASP F 64 8.88 -53.06 -18.08
N TRP F 65 10.17 -53.07 -18.42
CA TRP F 65 10.93 -51.84 -18.62
C TRP F 65 10.85 -51.44 -20.09
N TYR F 66 10.53 -50.16 -20.37
CA TYR F 66 10.60 -49.54 -21.70
C TYR F 66 11.64 -48.43 -21.71
N PRO F 67 12.33 -48.22 -22.84
CA PRO F 67 13.47 -47.26 -22.85
C PRO F 67 13.08 -45.86 -22.36
N ALA F 68 11.90 -45.37 -22.68
CA ALA F 68 11.52 -44.02 -22.27
C ALA F 68 10.96 -43.96 -20.84
N ALA F 69 11.03 -45.05 -20.08
CA ALA F 69 10.40 -45.10 -18.75
C ALA F 69 10.84 -43.92 -17.88
N TYR F 70 12.13 -43.64 -17.85
CA TYR F 70 12.68 -42.61 -16.98
C TYR F 70 13.36 -41.49 -17.76
N ASP F 71 12.71 -41.07 -18.85
CA ASP F 71 13.18 -39.93 -19.62
C ASP F 71 13.23 -38.69 -18.74
N ASP F 72 12.13 -38.39 -18.03
CA ASP F 72 12.07 -37.18 -17.21
C ASP F 72 13.17 -37.17 -16.16
N GLU F 73 13.52 -38.34 -15.61
CA GLU F 73 14.55 -38.50 -14.59
C GLU F 73 15.94 -38.74 -15.18
N GLU F 74 16.06 -38.68 -16.51
CA GLU F 74 17.31 -38.95 -17.21
C GLU F 74 17.90 -40.29 -16.80
N GLY F 75 17.00 -41.25 -16.60
CA GLY F 75 17.35 -42.63 -16.30
C GLY F 75 17.48 -42.97 -14.82
N ASN F 76 17.29 -42.00 -13.92
CA ASN F 76 17.46 -42.26 -12.48
C ASN F 76 16.14 -42.81 -11.91
N ALA F 77 15.99 -44.16 -11.96
CA ALA F 77 14.81 -44.80 -11.38
C ALA F 77 14.64 -44.46 -9.89
N MET F 78 15.75 -44.27 -9.15
CA MET F 78 15.61 -44.03 -7.71
C MET F 78 15.03 -42.66 -7.38
N LYS F 79 14.62 -41.89 -8.38
CA LYS F 79 13.84 -40.69 -8.20
C LYS F 79 12.33 -40.96 -8.28
N ASP F 80 11.95 -42.18 -8.67
CA ASP F 80 10.56 -42.59 -8.75
C ASP F 80 9.87 -42.60 -7.37
N ARG F 81 8.82 -41.78 -7.25
CA ARG F 81 8.12 -41.70 -5.98
C ARG F 81 7.63 -43.08 -5.55
N GLU F 82 7.09 -43.87 -6.52
CA GLU F 82 6.66 -45.24 -6.19
C GLU F 82 7.80 -46.05 -5.59
N LEU F 83 8.93 -46.12 -6.33
CA LEU F 83 10.09 -46.92 -5.89
C LEU F 83 10.67 -46.39 -4.56
N ILE F 84 10.58 -45.07 -4.33
CA ILE F 84 11.04 -44.53 -3.05
C ILE F 84 10.20 -45.09 -1.89
N GLN F 85 8.86 -45.10 -2.07
CA GLN F 85 7.94 -45.66 -1.07
C GLN F 85 8.22 -47.12 -0.81
N TYR F 86 8.43 -47.91 -1.87
CA TYR F 86 8.76 -49.32 -1.70
C TYR F 86 10.03 -49.50 -0.88
N GLU F 87 11.07 -48.70 -1.18
CA GLU F 87 12.36 -48.75 -0.47
C GLU F 87 12.19 -48.40 1.01
N ASP F 88 11.42 -47.35 1.32
CA ASP F 88 11.21 -46.95 2.71
C ASP F 88 10.53 -48.07 3.48
N TRP F 89 9.47 -48.64 2.89
CA TRP F 89 8.73 -49.74 3.52
C TRP F 89 9.66 -50.91 3.80
N CYS F 90 10.44 -51.35 2.80
CA CYS F 90 11.33 -52.50 3.00
C CYS F 90 12.36 -52.20 4.09
N ALA F 91 12.94 -50.99 4.10
CA ALA F 91 13.92 -50.65 5.13
C ALA F 91 13.30 -50.74 6.52
N LYS F 92 12.09 -50.19 6.69
CA LYS F 92 11.36 -50.24 7.96
C LYS F 92 11.13 -51.67 8.43
N TYR F 93 10.48 -52.49 7.61
CA TYR F 93 10.10 -53.84 8.04
C TYR F 93 11.27 -54.81 8.08
N ALA F 94 12.29 -54.62 7.24
CA ALA F 94 13.52 -55.40 7.38
C ALA F 94 14.15 -55.16 8.75
N ARG F 95 14.13 -53.91 9.22
CA ARG F 95 14.66 -53.58 10.53
C ARG F 95 13.82 -54.22 11.64
N THR F 96 12.51 -53.95 11.65
CA THR F 96 11.66 -54.41 12.76
C THR F 96 11.62 -55.93 12.84
N LEU F 97 11.67 -56.61 11.68
CA LEU F 97 11.65 -58.06 11.60
C LEU F 97 13.02 -58.71 11.85
N GLY F 98 14.08 -57.89 11.98
CA GLY F 98 15.47 -58.36 12.09
C GLY F 98 15.94 -59.14 10.88
N LEU F 99 15.52 -58.71 9.68
CA LEU F 99 15.93 -59.36 8.43
C LEU F 99 17.34 -58.90 8.03
N GLU F 100 18.09 -59.82 7.39
CA GLU F 100 19.41 -59.48 6.85
C GLU F 100 19.22 -58.59 5.65
N VAL F 101 19.95 -57.47 5.59
CA VAL F 101 19.95 -56.57 4.45
C VAL F 101 21.36 -56.46 3.91
N LYS F 102 21.56 -56.82 2.64
CA LYS F 102 22.88 -56.74 2.03
C LYS F 102 23.07 -55.42 1.29
N GLU F 103 24.34 -55.01 1.18
CA GLU F 103 24.74 -53.89 0.34
C GLU F 103 25.38 -54.43 -0.94
N VAL F 104 24.89 -53.96 -2.10
CA VAL F 104 25.36 -54.39 -3.41
C VAL F 104 25.71 -53.19 -4.28
N GLU F 105 26.60 -53.44 -5.26
CA GLU F 105 26.99 -52.46 -6.27
C GLU F 105 25.78 -52.00 -7.08
N ALA F 106 25.66 -50.68 -7.28
CA ALA F 106 24.61 -50.14 -8.14
C ALA F 106 24.89 -50.46 -9.61
N PRO F 107 23.84 -50.55 -10.43
CA PRO F 107 24.04 -50.71 -11.88
C PRO F 107 24.57 -49.43 -12.49
N ALA F 108 25.23 -49.58 -13.67
CA ALA F 108 25.81 -48.47 -14.42
C ALA F 108 24.80 -47.35 -14.63
N ALA F 109 23.54 -47.72 -14.93
CA ALA F 109 22.49 -46.74 -15.20
C ALA F 109 22.14 -45.86 -13.99
N LEU F 110 22.59 -46.24 -12.79
CA LEU F 110 22.42 -45.43 -11.59
C LEU F 110 23.74 -44.85 -11.08
N LYS F 111 24.87 -45.56 -11.29
CA LYS F 111 26.17 -45.00 -10.93
C LYS F 111 26.37 -43.64 -11.56
N VAL F 112 25.81 -43.43 -12.76
CA VAL F 112 25.98 -42.16 -13.46
C VAL F 112 25.19 -41.04 -12.82
N HIS F 113 24.39 -41.34 -11.80
CA HIS F 113 23.67 -40.33 -11.01
C HIS F 113 24.24 -40.18 -9.61
N GLY F 114 25.33 -40.88 -9.33
CA GLY F 114 26.03 -40.81 -8.07
C GLY F 114 25.66 -41.87 -7.08
N ILE F 115 24.75 -42.79 -7.44
CA ILE F 115 24.36 -43.90 -6.58
C ILE F 115 25.37 -45.01 -6.82
N MET F 116 26.26 -45.24 -5.85
CA MET F 116 27.29 -46.27 -5.96
C MET F 116 26.83 -47.61 -5.40
N ALA F 117 25.92 -47.62 -4.41
CA ALA F 117 25.48 -48.88 -3.82
C ALA F 117 24.00 -48.81 -3.47
N LEU F 118 23.38 -49.99 -3.46
CA LEU F 118 21.96 -50.10 -3.12
C LEU F 118 21.77 -51.19 -2.08
N LYS F 119 20.67 -51.06 -1.33
CA LYS F 119 20.27 -52.10 -0.37
C LYS F 119 19.58 -53.26 -1.11
N ALA F 120 19.92 -54.50 -0.75
CA ALA F 120 19.24 -55.69 -1.24
C ALA F 120 18.53 -56.44 -0.10
N TYR F 121 17.25 -56.67 -0.26
CA TYR F 121 16.40 -57.29 0.72
C TYR F 121 16.02 -58.70 0.30
N PRO F 122 15.57 -59.53 1.25
CA PRO F 122 15.08 -60.86 0.90
C PRO F 122 13.93 -60.77 -0.08
N GLU F 123 13.94 -61.67 -1.06
CA GLU F 123 12.92 -61.64 -2.11
C GLU F 123 11.53 -61.83 -1.53
N ALA F 124 11.39 -62.66 -0.49
CA ALA F 124 10.08 -62.79 0.15
C ALA F 124 9.56 -61.43 0.65
N LEU F 125 10.44 -60.60 1.20
CA LEU F 125 10.01 -59.27 1.64
C LEU F 125 9.49 -58.44 0.46
N LEU F 126 10.26 -58.42 -0.67
CA LEU F 126 9.88 -57.62 -1.84
C LEU F 126 8.56 -58.11 -2.43
N GLU F 127 8.36 -59.43 -2.49
CA GLU F 127 7.13 -59.99 -3.03
C GLU F 127 5.89 -59.43 -2.34
N ILE F 128 5.93 -59.36 -1.00
CA ILE F 128 4.82 -58.80 -0.22
C ILE F 128 4.51 -57.37 -0.68
N ARG F 129 5.52 -56.51 -0.70
CA ARG F 129 5.33 -55.10 -0.99
C ARG F 129 5.09 -54.85 -2.48
N LEU F 130 5.78 -55.58 -3.37
CA LEU F 130 5.79 -55.22 -4.79
C LEU F 130 4.74 -55.96 -5.61
N ILE F 131 4.24 -57.11 -5.13
CA ILE F 131 3.30 -57.95 -5.86
C ILE F 131 1.97 -58.05 -5.13
N GLU F 132 2.00 -58.37 -3.83
CA GLU F 132 0.76 -58.58 -3.08
C GLU F 132 0.09 -57.24 -2.71
N MET F 133 0.87 -56.17 -2.53
CA MET F 133 0.27 -54.82 -2.30
C MET F 133 0.49 -53.91 -3.52
N PHE G 17 -25.55 -54.55 34.41
CA PHE G 17 -26.23 -54.80 33.15
C PHE G 17 -27.68 -55.23 33.38
N ASP G 18 -28.60 -54.41 32.89
CA ASP G 18 -30.03 -54.51 33.13
C ASP G 18 -30.72 -54.86 31.81
N PRO G 19 -31.51 -55.94 31.77
CA PRO G 19 -32.14 -56.35 30.50
C PRO G 19 -33.21 -55.41 30.02
N ASN G 20 -33.82 -54.61 30.89
CA ASN G 20 -34.86 -53.68 30.46
C ASN G 20 -34.34 -52.25 30.26
N ALA G 21 -33.06 -52.00 30.56
CA ALA G 21 -32.44 -50.69 30.28
C ALA G 21 -32.49 -50.38 28.79
N TRP G 22 -32.68 -49.10 28.46
CA TRP G 22 -32.82 -48.68 27.07
C TRP G 22 -31.49 -48.61 26.37
N HIS G 23 -31.41 -49.34 25.26
CA HIS G 23 -30.22 -49.31 24.42
C HIS G 23 -30.25 -48.11 23.46
N HIS G 24 -29.05 -47.64 23.10
CA HIS G 24 -29.01 -46.52 22.17
C HIS G 24 -29.62 -46.89 20.81
N SER G 25 -29.84 -48.18 20.50
CA SER G 25 -30.55 -48.51 19.27
C SER G 25 -32.05 -48.24 19.33
N GLN G 26 -32.57 -47.74 20.47
CA GLN G 26 -33.99 -47.38 20.68
C GLN G 26 -34.88 -48.62 20.76
N MET G 27 -34.44 -49.53 21.63
CA MET G 27 -35.14 -50.74 22.08
C MET G 27 -34.45 -51.13 23.38
N THR G 28 -35.02 -52.10 24.10
CA THR G 28 -34.43 -52.57 25.35
C THR G 28 -33.14 -53.32 25.04
N THR G 29 -32.22 -53.31 26.01
CA THR G 29 -30.98 -54.08 25.84
C THR G 29 -31.28 -55.52 25.44
N LEU G 30 -32.26 -56.15 26.10
CA LEU G 30 -32.65 -57.51 25.74
C LEU G 30 -33.12 -57.56 24.29
N GLU G 31 -34.00 -56.63 23.88
CA GLU G 31 -34.50 -56.59 22.50
C GLU G 31 -33.36 -56.44 21.49
N ALA G 32 -32.37 -55.58 21.79
CA ALA G 32 -31.24 -55.40 20.89
C ALA G 32 -30.50 -56.71 20.71
N ILE G 33 -30.25 -57.39 21.83
CA ILE G 33 -29.59 -58.69 21.79
C ILE G 33 -30.37 -59.66 20.90
N GLU G 34 -31.68 -59.79 21.13
CA GLU G 34 -32.51 -60.68 20.31
C GLU G 34 -32.48 -60.30 18.84
N LEU G 35 -32.45 -58.98 18.54
CA LEU G 35 -32.34 -58.50 17.16
C LEU G 35 -31.00 -58.89 16.54
N SER G 36 -29.90 -58.70 17.28
CA SER G 36 -28.58 -59.05 16.76
C SER G 36 -28.46 -60.55 16.48
N ARG G 37 -28.94 -61.40 17.41
CA ARG G 37 -28.88 -62.85 17.21
C ARG G 37 -29.71 -63.30 16.01
N SER G 38 -30.79 -62.57 15.71
CA SER G 38 -31.62 -62.91 14.57
C SER G 38 -31.05 -62.35 13.25
N GLY G 39 -29.87 -61.74 13.30
CA GLY G 39 -29.18 -61.20 12.14
C GLY G 39 -29.75 -59.90 11.63
N GLY G 40 -30.52 -59.20 12.47
CA GLY G 40 -31.12 -57.92 12.14
C GLY G 40 -30.28 -56.77 12.68
N HIS G 41 -30.74 -55.57 12.38
CA HIS G 41 -30.07 -54.35 12.82
C HIS G 41 -31.09 -53.22 12.87
N PRO G 42 -30.80 -52.17 13.61
CA PRO G 42 -31.76 -51.06 13.79
C PRO G 42 -31.64 -49.89 12.82
N TYR G 43 -30.84 -49.97 11.76
CA TYR G 43 -30.52 -48.79 10.96
C TYR G 43 -31.20 -48.76 9.58
N SER G 44 -32.14 -49.67 9.32
CA SER G 44 -32.96 -49.62 8.11
C SER G 44 -33.97 -48.48 8.19
N SER G 45 -34.15 -47.83 7.12
CA SER G 45 -35.09 -46.75 6.87
C SER G 45 -36.44 -47.30 6.43
N PRO G 46 -37.55 -46.71 6.81
CA PRO G 46 -38.86 -47.18 6.32
C PRO G 46 -39.15 -46.65 4.93
N ASN G 47 -39.90 -47.44 4.17
CA ASN G 47 -40.42 -47.03 2.86
C ASN G 47 -39.31 -46.66 1.86
N VAL G 48 -38.28 -47.49 1.79
CA VAL G 48 -37.21 -47.31 0.81
C VAL G 48 -37.57 -48.01 -0.49
N PRO G 49 -37.66 -47.29 -1.62
CA PRO G 49 -38.03 -47.94 -2.89
C PRO G 49 -37.08 -49.06 -3.21
N LYS G 50 -37.65 -50.12 -3.80
CA LYS G 50 -36.88 -51.32 -4.14
C LYS G 50 -35.76 -50.95 -5.12
N GLY G 51 -34.59 -51.55 -4.91
CA GLY G 51 -33.39 -51.28 -5.70
C GLY G 51 -32.54 -50.09 -5.24
N PHE G 52 -32.95 -49.43 -4.15
CA PHE G 52 -32.25 -48.35 -3.49
C PHE G 52 -31.99 -48.72 -2.04
N ASN G 53 -31.02 -48.06 -1.43
CA ASN G 53 -30.73 -48.26 -0.02
C ASN G 53 -29.87 -47.10 0.46
N THR G 54 -29.82 -46.94 1.78
CA THR G 54 -28.90 -46.00 2.39
C THR G 54 -27.52 -46.65 2.55
N VAL G 55 -26.53 -45.82 2.79
CA VAL G 55 -25.21 -46.37 3.10
C VAL G 55 -25.28 -47.27 4.35
N VAL G 56 -25.85 -46.77 5.44
CA VAL G 56 -25.88 -47.54 6.69
C VAL G 56 -26.79 -48.78 6.58
N GLY G 57 -27.96 -48.65 5.94
CA GLY G 57 -28.81 -49.82 5.73
C GLY G 57 -28.09 -50.93 4.99
N PHE G 58 -27.51 -50.60 3.81
CA PHE G 58 -26.76 -51.55 2.99
C PHE G 58 -25.56 -52.13 3.74
N PHE G 59 -24.86 -51.31 4.50
CA PHE G 59 -23.72 -51.86 5.24
C PHE G 59 -24.19 -52.97 6.20
N PHE G 60 -25.22 -52.73 7.03
CA PHE G 60 -25.63 -53.78 7.98
C PHE G 60 -26.57 -54.83 7.38
N ASP G 61 -27.14 -54.55 6.19
CA ASP G 61 -27.72 -55.62 5.38
C ASP G 61 -26.65 -56.59 4.88
N THR G 62 -25.41 -56.12 4.77
CA THR G 62 -24.30 -56.93 4.29
C THR G 62 -23.48 -57.53 5.43
N TYR G 63 -23.08 -56.71 6.39
CA TYR G 63 -22.25 -57.11 7.51
C TYR G 63 -23.06 -57.16 8.81
N ASP G 64 -22.49 -57.87 9.79
CA ASP G 64 -23.16 -58.14 11.05
C ASP G 64 -23.19 -56.91 11.96
N TRP G 65 -24.36 -56.59 12.48
CA TRP G 65 -24.47 -55.61 13.55
C TRP G 65 -24.42 -56.31 14.90
N TYR G 66 -23.63 -55.77 15.82
CA TYR G 66 -23.70 -56.22 17.20
C TYR G 66 -24.05 -55.04 18.11
N PRO G 67 -24.76 -55.29 19.22
CA PRO G 67 -25.28 -54.15 20.03
C PRO G 67 -24.25 -53.13 20.42
N ALA G 68 -23.04 -53.54 20.76
CA ALA G 68 -22.02 -52.60 21.24
C ALA G 68 -21.25 -51.91 20.10
N ALA G 69 -21.67 -52.11 18.84
CA ALA G 69 -20.91 -51.61 17.68
C ALA G 69 -20.61 -50.13 17.81
N TYR G 70 -21.58 -49.35 18.27
CA TYR G 70 -21.44 -47.91 18.33
C TYR G 70 -21.69 -47.36 19.74
N ASP G 71 -21.14 -48.06 20.73
CA ASP G 71 -21.20 -47.59 22.11
C ASP G 71 -20.55 -46.22 22.22
N ASP G 72 -19.32 -46.09 21.70
CA ASP G 72 -18.58 -44.84 21.79
C ASP G 72 -19.35 -43.69 21.16
N GLU G 73 -20.06 -43.97 20.08
CA GLU G 73 -20.82 -42.96 19.36
C GLU G 73 -22.23 -42.80 19.90
N GLU G 74 -22.56 -43.53 20.97
CA GLU G 74 -23.90 -43.54 21.54
C GLU G 74 -24.96 -43.89 20.48
N GLY G 75 -24.58 -44.78 19.57
CA GLY G 75 -25.45 -45.32 18.55
C GLY G 75 -25.49 -44.53 17.25
N ASN G 76 -24.76 -43.42 17.17
CA ASN G 76 -24.76 -42.63 15.96
C ASN G 76 -23.82 -43.28 14.95
N ALA G 77 -24.37 -44.16 14.10
CA ALA G 77 -23.55 -44.81 13.08
C ALA G 77 -22.95 -43.79 12.11
N MET G 78 -23.64 -42.68 11.82
CA MET G 78 -23.17 -41.69 10.84
C MET G 78 -21.98 -40.87 11.34
N LYS G 79 -21.43 -41.18 12.52
CA LYS G 79 -20.14 -40.65 12.97
C LYS G 79 -18.99 -41.58 12.61
N ASP G 80 -19.29 -42.79 12.14
CA ASP G 80 -18.29 -43.75 11.69
C ASP G 80 -17.51 -43.18 10.52
N ARG G 81 -16.18 -43.05 10.69
CA ARG G 81 -15.32 -42.47 9.66
C ARG G 81 -15.42 -43.27 8.36
N GLU G 82 -15.52 -44.61 8.45
CA GLU G 82 -15.72 -45.42 7.24
C GLU G 82 -17.02 -45.05 6.51
N LEU G 83 -18.14 -45.03 7.25
CA LEU G 83 -19.44 -44.79 6.66
C LEU G 83 -19.54 -43.38 6.11
N ILE G 84 -18.81 -42.44 6.72
CA ILE G 84 -18.73 -41.08 6.19
C ILE G 84 -18.03 -41.07 4.81
N GLN G 85 -16.90 -41.79 4.70
CA GLN G 85 -16.22 -41.91 3.43
C GLN G 85 -17.15 -42.49 2.39
N TYR G 86 -17.80 -43.64 2.74
CA TYR G 86 -18.72 -44.28 1.80
C TYR G 86 -19.80 -43.32 1.31
N GLU G 87 -20.41 -42.56 2.24
CA GLU G 87 -21.46 -41.61 1.90
C GLU G 87 -20.93 -40.53 0.96
N ASP G 88 -19.72 -39.99 1.24
CA ASP G 88 -19.13 -38.92 0.44
C ASP G 88 -18.88 -39.39 -0.99
N TRP G 89 -18.34 -40.61 -1.12
CA TRP G 89 -18.12 -41.26 -2.40
C TRP G 89 -19.43 -41.41 -3.19
N CYS G 90 -20.48 -42.01 -2.55
CA CYS G 90 -21.74 -42.22 -3.26
C CYS G 90 -22.34 -40.91 -3.72
N ALA G 91 -22.32 -39.87 -2.88
CA ALA G 91 -22.89 -38.58 -3.29
C ALA G 91 -22.19 -38.03 -4.53
N LYS G 92 -20.85 -38.10 -4.56
CA LYS G 92 -20.05 -37.60 -5.68
C LYS G 92 -20.37 -38.37 -6.95
N TYR G 93 -20.26 -39.68 -6.90
CA TYR G 93 -20.45 -40.43 -8.13
C TYR G 93 -21.92 -40.50 -8.53
N ALA G 94 -22.86 -40.52 -7.56
CA ALA G 94 -24.26 -40.40 -7.95
C ALA G 94 -24.51 -39.11 -8.71
N ARG G 95 -23.87 -38.00 -8.31
CA ARG G 95 -24.02 -36.74 -9.05
C ARG G 95 -23.33 -36.80 -10.43
N THR G 96 -22.05 -37.18 -10.48
CA THR G 96 -21.30 -37.10 -11.73
C THR G 96 -21.90 -38.02 -12.80
N LEU G 97 -22.42 -39.18 -12.37
CA LEU G 97 -23.05 -40.17 -13.22
C LEU G 97 -24.53 -39.89 -13.52
N GLY G 98 -25.11 -38.84 -12.92
CA GLY G 98 -26.53 -38.47 -13.02
C GLY G 98 -27.46 -39.57 -12.54
N LEU G 99 -27.07 -40.28 -11.47
CA LEU G 99 -27.89 -41.35 -10.88
C LEU G 99 -29.04 -40.77 -10.06
N GLU G 100 -30.15 -41.52 -10.02
CA GLU G 100 -31.25 -41.11 -9.17
C GLU G 100 -30.87 -41.27 -7.72
N VAL G 101 -31.08 -40.21 -6.92
CA VAL G 101 -30.87 -40.27 -5.48
C VAL G 101 -32.19 -39.94 -4.79
N LYS G 102 -32.68 -40.85 -3.96
CA LYS G 102 -33.89 -40.65 -3.19
C LYS G 102 -33.59 -40.13 -1.78
N GLU G 103 -34.55 -39.39 -1.22
CA GLU G 103 -34.52 -38.96 0.17
C GLU G 103 -35.49 -39.84 0.97
N VAL G 104 -34.99 -40.50 2.02
CA VAL G 104 -35.82 -41.38 2.83
C VAL G 104 -35.71 -40.97 4.30
N GLU G 105 -36.76 -41.34 5.06
CA GLU G 105 -36.81 -41.15 6.51
C GLU G 105 -35.71 -41.92 7.18
N ALA G 106 -35.00 -41.26 8.10
CA ALA G 106 -33.98 -41.93 8.87
C ALA G 106 -34.62 -42.89 9.88
N PRO G 107 -33.90 -43.95 10.25
CA PRO G 107 -34.37 -44.86 11.31
C PRO G 107 -34.36 -44.14 12.64
N ALA G 108 -35.18 -44.64 13.59
CA ALA G 108 -35.29 -44.05 14.92
C ALA G 108 -33.93 -43.91 15.60
N ALA G 109 -33.09 -44.96 15.45
CA ALA G 109 -31.76 -44.97 16.05
C ALA G 109 -30.85 -43.86 15.50
N LEU G 110 -31.27 -43.16 14.44
CA LEU G 110 -30.55 -41.96 14.02
C LEU G 110 -31.36 -40.70 14.30
N LYS G 111 -32.69 -40.79 14.23
CA LYS G 111 -33.56 -39.68 14.59
C LYS G 111 -33.21 -39.13 15.94
N VAL G 112 -32.75 -39.97 16.86
CA VAL G 112 -32.39 -39.48 18.18
C VAL G 112 -31.06 -38.73 18.17
N HIS G 113 -30.36 -38.65 17.04
CA HIS G 113 -29.16 -37.83 16.96
C HIS G 113 -29.31 -36.59 16.09
N GLY G 114 -30.52 -36.31 15.64
CA GLY G 114 -30.85 -35.15 14.86
C GLY G 114 -30.89 -35.39 13.37
N ILE G 115 -30.64 -36.63 12.93
CA ILE G 115 -30.71 -37.02 11.52
C ILE G 115 -32.14 -37.40 11.19
N MET G 116 -32.86 -36.51 10.50
CA MET G 116 -34.26 -36.78 10.13
C MET G 116 -34.37 -37.53 8.80
N ALA G 117 -33.42 -37.37 7.89
CA ALA G 117 -33.54 -37.99 6.58
C ALA G 117 -32.17 -38.42 6.07
N LEU G 118 -32.18 -39.41 5.21
CA LEU G 118 -30.95 -39.91 4.62
C LEU G 118 -31.11 -39.99 3.10
N LYS G 119 -29.96 -39.94 2.41
CA LYS G 119 -29.90 -40.21 0.98
C LYS G 119 -29.89 -41.73 0.77
N ALA G 120 -30.75 -42.21 -0.13
CA ALA G 120 -30.80 -43.61 -0.54
C ALA G 120 -30.37 -43.70 -2.01
N TYR G 121 -29.35 -44.51 -2.28
CA TYR G 121 -28.71 -44.64 -3.60
C TYR G 121 -29.00 -45.97 -4.27
N PRO G 122 -28.79 -46.09 -5.59
CA PRO G 122 -28.96 -47.40 -6.23
C PRO G 122 -28.02 -48.44 -5.63
N GLU G 123 -28.57 -49.66 -5.45
CA GLU G 123 -27.82 -50.75 -4.82
C GLU G 123 -26.60 -51.12 -5.66
N ALA G 124 -26.69 -51.04 -6.99
CA ALA G 124 -25.50 -51.29 -7.81
C ALA G 124 -24.38 -50.33 -7.42
N LEU G 125 -24.70 -49.05 -7.17
CA LEU G 125 -23.68 -48.10 -6.76
C LEU G 125 -23.08 -48.50 -5.43
N LEU G 126 -23.92 -48.92 -4.46
CA LEU G 126 -23.44 -49.33 -3.13
C LEU G 126 -22.58 -50.59 -3.21
N GLU G 127 -22.99 -51.55 -4.05
CA GLU G 127 -22.20 -52.77 -4.29
C GLU G 127 -20.76 -52.43 -4.67
N ILE G 128 -20.59 -51.45 -5.57
CA ILE G 128 -19.25 -51.09 -6.02
C ILE G 128 -18.40 -50.65 -4.83
N ARG G 129 -18.90 -49.70 -4.04
CA ARG G 129 -18.13 -49.08 -2.97
C ARG G 129 -17.99 -49.98 -1.75
N LEU G 130 -19.06 -50.68 -1.38
CA LEU G 130 -19.09 -51.39 -0.10
C LEU G 130 -18.69 -52.86 -0.18
N ILE G 131 -18.65 -53.42 -1.39
CA ILE G 131 -18.31 -54.82 -1.60
C ILE G 131 -17.04 -54.97 -2.44
N GLU G 132 -17.01 -54.34 -3.63
CA GLU G 132 -15.89 -54.50 -4.55
C GLU G 132 -14.68 -53.70 -4.08
N MET G 133 -14.93 -52.47 -3.60
CA MET G 133 -13.82 -51.63 -3.11
C MET G 133 -13.79 -51.52 -1.56
N PHE H 17 4.32 21.20 -30.95
CA PHE H 17 3.60 22.47 -30.68
C PHE H 17 3.82 23.43 -31.84
N ASP H 18 2.69 23.83 -32.50
CA ASP H 18 2.82 24.75 -33.61
C ASP H 18 2.16 26.07 -33.23
N PRO H 19 2.88 27.18 -33.48
CA PRO H 19 2.35 28.54 -33.21
C PRO H 19 1.26 28.94 -34.13
N ASN H 20 1.30 28.43 -35.36
CA ASN H 20 0.36 28.97 -36.33
C ASN H 20 -0.90 28.12 -36.43
N ALA H 21 -0.93 26.99 -35.72
CA ALA H 21 -2.08 26.11 -35.75
C ALA H 21 -3.33 26.82 -35.24
N TRP H 22 -4.48 26.42 -35.79
CA TRP H 22 -5.78 26.95 -35.39
C TRP H 22 -6.11 26.35 -34.04
N HIS H 23 -6.27 27.22 -33.04
CA HIS H 23 -6.60 26.78 -31.71
C HIS H 23 -8.08 26.46 -31.62
N HIS H 24 -8.41 25.49 -30.78
CA HIS H 24 -9.81 25.10 -30.63
C HIS H 24 -10.67 26.20 -30.05
N SER H 25 -10.06 27.29 -29.59
CA SER H 25 -10.85 28.47 -29.21
C SER H 25 -11.36 29.25 -30.43
N GLN H 26 -11.10 28.77 -31.66
CA GLN H 26 -11.54 29.36 -32.93
C GLN H 26 -10.82 30.69 -33.17
N MET H 27 -9.50 30.62 -33.03
CA MET H 27 -8.56 31.69 -33.35
C MET H 27 -7.19 31.05 -33.52
N THR H 28 -6.23 31.86 -33.91
CA THR H 28 -4.86 31.37 -34.01
C THR H 28 -4.30 31.14 -32.61
N THR H 29 -3.40 30.17 -32.49
CA THR H 29 -2.72 29.94 -31.22
C THR H 29 -2.16 31.24 -30.66
N LEU H 30 -1.51 32.07 -31.47
CA LEU H 30 -0.96 33.30 -30.93
C LEU H 30 -2.07 34.17 -30.36
N GLU H 31 -3.17 34.32 -31.09
CA GLU H 31 -4.31 35.10 -30.63
C GLU H 31 -4.88 34.54 -29.33
N ALA H 32 -4.94 33.20 -29.19
CA ALA H 32 -5.41 32.60 -27.95
C ALA H 32 -4.53 33.02 -26.78
N ILE H 33 -3.21 32.95 -26.98
CA ILE H 33 -2.26 33.36 -25.97
C ILE H 33 -2.44 34.83 -25.62
N GLU H 34 -2.53 35.70 -26.62
CA GLU H 34 -2.74 37.12 -26.32
C GLU H 34 -4.06 37.33 -25.56
N LEU H 35 -5.13 36.62 -25.98
CA LEU H 35 -6.44 36.73 -25.31
C LEU H 35 -6.34 36.36 -23.84
N SER H 36 -5.67 35.23 -23.54
CA SER H 36 -5.52 34.78 -22.16
C SER H 36 -4.69 35.76 -21.32
N ARG H 37 -3.57 36.28 -21.88
CA ARG H 37 -2.74 37.25 -21.16
C ARG H 37 -3.49 38.55 -20.88
N SER H 38 -4.47 38.91 -21.71
CA SER H 38 -5.26 40.12 -21.52
C SER H 38 -6.46 39.93 -20.57
N GLY H 39 -6.58 38.72 -19.96
CA GLY H 39 -7.61 38.35 -19.01
C GLY H 39 -8.95 38.01 -19.61
N GLY H 40 -8.98 37.75 -20.92
CA GLY H 40 -10.17 37.41 -21.67
C GLY H 40 -10.32 35.92 -21.86
N HIS H 41 -11.40 35.56 -22.57
CA HIS H 41 -11.68 34.16 -22.84
C HIS H 41 -12.62 34.06 -24.04
N PRO H 42 -12.73 32.90 -24.64
CA PRO H 42 -13.55 32.74 -25.86
C PRO H 42 -14.98 32.29 -25.64
N TYR H 43 -15.48 32.20 -24.42
CA TYR H 43 -16.74 31.50 -24.22
C TYR H 43 -17.92 32.45 -23.94
N SER H 44 -17.73 33.76 -24.11
CA SER H 44 -18.86 34.68 -23.99
C SER H 44 -19.76 34.60 -25.21
N SER H 45 -21.11 34.63 -24.94
CA SER H 45 -22.16 34.64 -25.93
C SER H 45 -22.40 36.07 -26.39
N PRO H 46 -22.78 36.28 -27.65
CA PRO H 46 -23.18 37.62 -28.09
C PRO H 46 -24.58 38.00 -27.66
N ASN H 47 -24.78 39.30 -27.49
CA ASN H 47 -26.13 39.86 -27.30
C ASN H 47 -26.83 39.23 -26.11
N VAL H 48 -26.11 39.10 -24.99
CA VAL H 48 -26.70 38.56 -23.77
C VAL H 48 -27.44 39.69 -23.06
N PRO H 49 -28.74 39.57 -22.78
CA PRO H 49 -29.46 40.64 -22.08
C PRO H 49 -28.78 41.00 -20.76
N LYS H 50 -28.85 42.28 -20.43
CA LYS H 50 -28.20 42.81 -19.23
C LYS H 50 -28.77 42.13 -18.00
N GLY H 51 -27.90 41.83 -17.05
CA GLY H 51 -28.27 41.14 -15.83
C GLY H 51 -28.31 39.63 -15.98
N PHE H 52 -28.00 39.10 -17.14
CA PHE H 52 -27.95 37.67 -17.38
C PHE H 52 -26.57 37.24 -17.86
N ASN H 53 -26.29 35.94 -17.70
CA ASN H 53 -25.08 35.37 -18.24
C ASN H 53 -25.27 33.86 -18.32
N THR H 54 -24.46 33.22 -19.17
CA THR H 54 -24.40 31.77 -19.25
C THR H 54 -23.47 31.26 -18.16
N VAL H 55 -23.60 29.97 -17.84
CA VAL H 55 -22.73 29.39 -16.83
C VAL H 55 -21.27 29.53 -17.24
N VAL H 56 -20.93 29.10 -18.47
CA VAL H 56 -19.54 29.13 -18.91
C VAL H 56 -19.03 30.57 -18.99
N GLY H 57 -19.86 31.49 -19.51
CA GLY H 57 -19.49 32.91 -19.58
C GLY H 57 -19.19 33.50 -18.21
N PHE H 58 -20.11 33.32 -17.25
CA PHE H 58 -19.91 33.83 -15.91
C PHE H 58 -18.70 33.17 -15.25
N PHE H 59 -18.49 31.87 -15.48
CA PHE H 59 -17.36 31.19 -14.86
C PHE H 59 -16.02 31.81 -15.30
N PHE H 60 -15.81 32.03 -16.60
CA PHE H 60 -14.53 32.59 -17.07
C PHE H 60 -14.49 34.12 -17.01
N ASP H 61 -15.65 34.76 -16.78
CA ASP H 61 -15.66 36.16 -16.35
C ASP H 61 -15.11 36.32 -14.93
N THR H 62 -15.15 35.27 -14.14
CA THR H 62 -14.74 35.22 -12.74
C THR H 62 -13.35 34.65 -12.52
N TYR H 63 -13.10 33.49 -13.11
CA TYR H 63 -11.85 32.75 -13.03
C TYR H 63 -11.13 32.85 -14.37
N ASP H 64 -9.84 32.55 -14.30
CA ASP H 64 -8.91 32.74 -15.42
C ASP H 64 -9.06 31.63 -16.46
N TRP H 65 -9.14 32.00 -17.73
CA TRP H 65 -8.99 31.04 -18.81
C TRP H 65 -7.55 30.99 -19.34
N TYR H 66 -7.00 29.78 -19.50
CA TYR H 66 -5.71 29.60 -20.17
C TYR H 66 -5.92 28.69 -21.39
N PRO H 67 -5.18 28.95 -22.51
CA PRO H 67 -5.50 28.29 -23.79
C PRO H 67 -5.60 26.78 -23.72
N ALA H 68 -4.77 26.11 -22.91
CA ALA H 68 -4.79 24.66 -22.85
C ALA H 68 -5.89 24.12 -21.94
N ALA H 69 -6.79 24.97 -21.43
CA ALA H 69 -7.78 24.58 -20.43
C ALA H 69 -8.60 23.36 -20.86
N TYR H 70 -9.02 23.33 -22.12
CA TYR H 70 -9.87 22.27 -22.62
C TYR H 70 -9.23 21.56 -23.83
N ASP H 71 -7.92 21.28 -23.72
CA ASP H 71 -7.24 20.46 -24.74
C ASP H 71 -7.86 19.08 -24.82
N ASP H 72 -8.09 18.42 -23.66
CA ASP H 72 -8.66 17.07 -23.67
C ASP H 72 -10.05 17.04 -24.31
N GLU H 73 -10.83 18.08 -24.11
CA GLU H 73 -12.17 18.21 -24.66
C GLU H 73 -12.18 18.86 -26.04
N GLU H 74 -11.02 19.15 -26.58
CA GLU H 74 -10.91 19.83 -27.87
C GLU H 74 -11.70 21.13 -27.87
N GLY H 75 -11.73 21.79 -26.71
CA GLY H 75 -12.34 23.10 -26.53
C GLY H 75 -13.80 23.12 -26.10
N ASN H 76 -14.42 21.95 -25.93
CA ASN H 76 -15.81 21.88 -25.52
C ASN H 76 -15.93 22.04 -24.01
N ALA H 77 -16.08 23.29 -23.55
CA ALA H 77 -16.22 23.53 -22.11
C ALA H 77 -17.43 22.83 -21.53
N MET H 78 -18.49 22.66 -22.31
CA MET H 78 -19.71 22.02 -21.80
C MET H 78 -19.57 20.52 -21.58
N LYS H 79 -18.39 19.96 -21.75
CA LYS H 79 -18.12 18.60 -21.33
C LYS H 79 -17.53 18.54 -19.93
N ASP H 80 -17.16 19.69 -19.38
CA ASP H 80 -16.61 19.83 -18.03
C ASP H 80 -17.61 19.39 -16.98
N ARG H 81 -17.22 18.36 -16.20
CA ARG H 81 -18.11 17.83 -15.17
C ARG H 81 -18.49 18.93 -14.19
N GLU H 82 -17.54 19.83 -13.89
CA GLU H 82 -17.79 21.01 -13.05
C GLU H 82 -18.91 21.89 -13.66
N LEU H 83 -18.78 22.29 -14.95
CA LEU H 83 -19.76 23.21 -15.53
C LEU H 83 -21.13 22.56 -15.72
N ILE H 84 -21.15 21.25 -16.02
CA ILE H 84 -22.41 20.55 -16.16
C ILE H 84 -23.17 20.60 -14.83
N GLN H 85 -22.47 20.35 -13.71
CA GLN H 85 -23.12 20.39 -12.40
C GLN H 85 -23.74 21.76 -12.17
N TYR H 86 -22.94 22.83 -12.39
CA TYR H 86 -23.46 24.17 -12.22
C TYR H 86 -24.70 24.39 -13.10
N GLU H 87 -24.63 23.98 -14.38
CA GLU H 87 -25.76 24.18 -15.29
C GLU H 87 -27.01 23.48 -14.77
N ASP H 88 -26.86 22.24 -14.30
CA ASP H 88 -27.98 21.46 -13.78
C ASP H 88 -28.61 22.14 -12.57
N TRP H 89 -27.76 22.61 -11.65
CA TRP H 89 -28.21 23.34 -10.47
C TRP H 89 -28.97 24.60 -10.85
N CYS H 90 -28.38 25.43 -11.74
CA CYS H 90 -29.05 26.68 -12.13
C CYS H 90 -30.40 26.39 -12.76
N ALA H 91 -30.49 25.36 -13.64
CA ALA H 91 -31.78 25.04 -14.26
C ALA H 91 -32.81 24.71 -13.19
N LYS H 92 -32.40 23.87 -12.23
CA LYS H 92 -33.26 23.42 -11.14
C LYS H 92 -33.83 24.60 -10.37
N TYR H 93 -32.96 25.47 -9.87
CA TYR H 93 -33.43 26.52 -8.96
C TYR H 93 -34.09 27.67 -9.69
N ALA H 94 -33.67 27.99 -10.93
CA ALA H 94 -34.40 29.00 -11.69
C ALA H 94 -35.86 28.58 -11.88
N ARG H 95 -36.11 27.29 -12.10
CA ARG H 95 -37.48 26.80 -12.25
C ARG H 95 -38.25 26.91 -10.92
N THR H 96 -37.76 26.26 -9.84
CA THR H 96 -38.52 26.23 -8.59
C THR H 96 -38.73 27.64 -8.04
N LEU H 97 -37.75 28.53 -8.26
CA LEU H 97 -37.82 29.93 -7.83
C LEU H 97 -38.61 30.82 -8.78
N GLY H 98 -39.06 30.31 -9.92
CA GLY H 98 -39.75 31.13 -10.92
C GLY H 98 -38.89 32.25 -11.48
N LEU H 99 -37.60 31.97 -11.73
CA LEU H 99 -36.70 32.95 -12.36
C LEU H 99 -36.83 32.94 -13.88
N GLU H 100 -36.61 34.11 -14.48
CA GLU H 100 -36.58 34.20 -15.94
C GLU H 100 -35.30 33.56 -16.45
N VAL H 101 -35.42 32.71 -17.47
CA VAL H 101 -34.27 32.12 -18.13
C VAL H 101 -34.28 32.50 -19.59
N LYS H 102 -33.20 33.11 -20.06
CA LYS H 102 -33.05 33.56 -21.45
C LYS H 102 -32.32 32.53 -22.26
N GLU H 103 -32.61 32.47 -23.57
CA GLU H 103 -31.86 31.65 -24.53
C GLU H 103 -30.99 32.57 -25.37
N VAL H 104 -29.66 32.27 -25.43
CA VAL H 104 -28.71 33.10 -26.16
C VAL H 104 -27.87 32.25 -27.11
N GLU H 105 -27.36 32.91 -28.17
CA GLU H 105 -26.46 32.29 -29.17
C GLU H 105 -25.17 31.82 -28.48
N ALA H 106 -24.74 30.59 -28.81
CA ALA H 106 -23.50 30.07 -28.29
C ALA H 106 -22.30 30.79 -28.93
N PRO H 107 -21.18 30.87 -28.22
CA PRO H 107 -19.94 31.38 -28.82
C PRO H 107 -19.42 30.39 -29.87
N ALA H 108 -18.63 30.93 -30.81
CA ALA H 108 -18.07 30.13 -31.90
C ALA H 108 -17.35 28.92 -31.34
N ALA H 109 -16.63 29.08 -30.22
CA ALA H 109 -15.88 27.96 -29.65
C ALA H 109 -16.78 26.80 -29.20
N LEU H 110 -18.10 27.03 -29.10
CA LEU H 110 -19.05 25.96 -28.78
C LEU H 110 -19.92 25.59 -29.99
N LYS H 111 -20.19 26.56 -30.87
CA LYS H 111 -20.88 26.26 -32.12
C LYS H 111 -20.15 25.16 -32.89
N VAL H 112 -18.82 25.10 -32.77
CA VAL H 112 -18.04 24.11 -33.51
C VAL H 112 -18.22 22.71 -32.96
N HIS H 113 -18.90 22.54 -31.84
CA HIS H 113 -19.17 21.23 -31.26
C HIS H 113 -20.65 20.84 -31.36
N GLY H 114 -21.45 21.67 -31.99
CA GLY H 114 -22.85 21.41 -32.19
C GLY H 114 -23.77 22.10 -31.19
N ILE H 115 -23.23 22.92 -30.29
CA ILE H 115 -24.03 23.67 -29.34
C ILE H 115 -24.42 24.98 -30.02
N MET H 116 -25.70 25.10 -30.42
CA MET H 116 -26.12 26.30 -31.15
C MET H 116 -26.50 27.43 -30.20
N ALA H 117 -26.97 27.08 -28.99
CA ALA H 117 -27.57 28.04 -28.07
C ALA H 117 -27.40 27.57 -26.64
N LEU H 118 -27.41 28.53 -25.73
CA LEU H 118 -27.20 28.26 -24.33
C LEU H 118 -28.27 28.94 -23.48
N LYS H 119 -28.49 28.39 -22.29
CA LYS H 119 -29.33 29.04 -21.29
C LYS H 119 -28.53 30.14 -20.60
N ALA H 120 -29.12 31.33 -20.46
CA ALA H 120 -28.56 32.42 -19.67
C ALA H 120 -29.40 32.70 -18.44
N TYR H 121 -28.79 32.65 -17.25
CA TYR H 121 -29.47 32.81 -15.98
C TYR H 121 -29.18 34.19 -15.34
N PRO H 122 -30.05 34.64 -14.42
CA PRO H 122 -29.76 35.88 -13.69
C PRO H 122 -28.43 35.79 -12.94
N GLU H 123 -27.67 36.89 -13.00
CA GLU H 123 -26.33 36.91 -12.44
C GLU H 123 -26.35 36.61 -10.95
N ALA H 124 -27.38 37.07 -10.21
CA ALA H 124 -27.48 36.77 -8.79
C ALA H 124 -27.51 35.26 -8.54
N LEU H 125 -28.23 34.52 -9.38
CA LEU H 125 -28.25 33.07 -9.25
C LEU H 125 -26.85 32.48 -9.48
N LEU H 126 -26.13 32.97 -10.51
CA LEU H 126 -24.80 32.46 -10.80
C LEU H 126 -23.85 32.72 -9.64
N GLU H 127 -23.94 33.94 -9.08
CA GLU H 127 -23.17 34.36 -7.91
C GLU H 127 -23.29 33.34 -6.77
N ILE H 128 -24.49 32.86 -6.52
CA ILE H 128 -24.68 31.89 -5.45
C ILE H 128 -23.88 30.62 -5.74
N ARG H 129 -24.06 30.06 -6.94
CA ARG H 129 -23.51 28.75 -7.26
C ARG H 129 -22.00 28.82 -7.55
N LEU H 130 -21.55 29.85 -8.26
CA LEU H 130 -20.22 29.87 -8.85
C LEU H 130 -19.16 30.51 -7.98
N ILE H 131 -19.57 31.33 -7.01
CA ILE H 131 -18.69 32.05 -6.11
C ILE H 131 -18.89 31.66 -4.66
N GLU H 132 -20.15 31.65 -4.18
CA GLU H 132 -20.45 31.39 -2.78
C GLU H 132 -20.35 29.89 -2.45
N MET H 133 -20.93 29.01 -3.28
CA MET H 133 -20.77 27.57 -3.04
C MET H 133 -19.61 26.98 -3.88
N ASN I 16 -22.63 -4.46 7.56
CA ASN I 16 -22.05 -5.63 8.23
C ASN I 16 -22.26 -6.94 7.46
N PHE I 17 -21.33 -7.88 7.61
CA PHE I 17 -21.34 -9.13 6.85
C PHE I 17 -22.40 -10.07 7.41
N ASP I 18 -23.28 -10.55 6.53
CA ASP I 18 -24.26 -11.56 6.82
C ASP I 18 -23.95 -12.80 6.01
N PRO I 19 -23.61 -13.93 6.64
CA PRO I 19 -23.26 -15.14 5.89
C PRO I 19 -24.39 -15.75 5.06
N ASN I 20 -25.65 -15.45 5.35
CA ASN I 20 -26.73 -16.03 4.56
C ASN I 20 -27.30 -15.07 3.52
N ALA I 21 -26.73 -13.86 3.41
CA ALA I 21 -27.10 -12.92 2.36
C ALA I 21 -26.83 -13.52 0.98
N TRP I 22 -27.67 -13.15 0.01
CA TRP I 22 -27.55 -13.63 -1.36
C TRP I 22 -26.43 -12.88 -2.06
N HIS I 23 -25.44 -13.62 -2.55
CA HIS I 23 -24.34 -13.03 -3.31
C HIS I 23 -24.70 -12.86 -4.80
N HIS I 24 -24.10 -11.85 -5.45
CA HIS I 24 -24.40 -11.60 -6.87
C HIS I 24 -24.02 -12.79 -7.75
N SER I 25 -23.22 -13.72 -7.26
CA SER I 25 -22.99 -14.95 -8.01
C SER I 25 -24.17 -15.95 -7.95
N GLN I 26 -25.27 -15.56 -7.29
CA GLN I 26 -26.51 -16.36 -7.23
C GLN I 26 -26.28 -17.58 -6.38
N MET I 27 -25.76 -17.33 -5.18
CA MET I 27 -25.63 -18.32 -4.11
C MET I 27 -25.45 -17.47 -2.87
N THR I 28 -25.45 -18.15 -1.72
CA THR I 28 -25.26 -17.45 -0.47
C THR I 28 -23.86 -16.91 -0.38
N THR I 29 -23.72 -15.82 0.36
CA THR I 29 -22.39 -15.27 0.58
C THR I 29 -21.41 -16.35 1.00
N LEU I 30 -21.81 -17.17 1.98
CA LEU I 30 -20.92 -18.22 2.47
C LEU I 30 -20.65 -19.26 1.38
N GLU I 31 -21.68 -19.68 0.64
CA GLU I 31 -21.51 -20.63 -0.47
C GLU I 31 -20.51 -20.11 -1.51
N ALA I 32 -20.55 -18.78 -1.80
CA ALA I 32 -19.61 -18.17 -2.72
C ALA I 32 -18.17 -18.31 -2.22
N ILE I 33 -17.94 -18.05 -0.93
CA ILE I 33 -16.62 -18.20 -0.32
C ILE I 33 -16.12 -19.64 -0.48
N GLU I 34 -16.97 -20.63 -0.16
CA GLU I 34 -16.55 -22.03 -0.29
C GLU I 34 -16.27 -22.41 -1.74
N LEU I 35 -17.12 -21.97 -2.67
CA LEU I 35 -16.94 -22.23 -4.08
C LEU I 35 -15.58 -21.69 -4.53
N SER I 36 -15.24 -20.46 -4.12
CA SER I 36 -13.92 -19.91 -4.43
C SER I 36 -12.79 -20.71 -3.76
N ARG I 37 -12.95 -21.12 -2.48
CA ARG I 37 -11.89 -21.90 -1.85
C ARG I 37 -11.67 -23.23 -2.53
N SER I 38 -12.72 -23.83 -3.10
CA SER I 38 -12.61 -25.11 -3.79
C SER I 38 -12.11 -24.95 -5.24
N GLY I 39 -11.75 -23.73 -5.65
CA GLY I 39 -11.17 -23.46 -6.96
C GLY I 39 -12.18 -23.45 -8.08
N GLY I 40 -13.45 -23.27 -7.75
CA GLY I 40 -14.55 -23.19 -8.69
C GLY I 40 -14.95 -21.75 -8.93
N HIS I 41 -15.96 -21.59 -9.79
CA HIS I 41 -16.47 -20.27 -10.12
C HIS I 41 -17.89 -20.40 -10.67
N PRO I 42 -18.66 -19.34 -10.66
CA PRO I 42 -20.07 -19.42 -11.10
C PRO I 42 -20.32 -19.07 -12.55
N TYR I 43 -19.32 -18.98 -13.43
CA TYR I 43 -19.54 -18.44 -14.77
C TYR I 43 -19.47 -19.48 -15.89
N SER I 44 -19.41 -20.77 -15.57
CA SER I 44 -19.52 -21.81 -16.59
C SER I 44 -20.94 -21.91 -17.15
N SER I 45 -21.05 -22.14 -18.46
CA SER I 45 -22.31 -22.41 -19.15
C SER I 45 -22.61 -23.89 -19.14
N PRO I 46 -23.89 -24.28 -19.12
CA PRO I 46 -24.24 -25.70 -19.25
C PRO I 46 -24.23 -26.20 -20.68
N ASN I 47 -23.92 -27.48 -20.83
CA ASN I 47 -24.06 -28.18 -22.12
C ASN I 47 -23.22 -27.56 -23.24
N VAL I 48 -21.95 -27.26 -22.94
CA VAL I 48 -21.03 -26.70 -23.93
C VAL I 48 -20.37 -27.81 -24.74
N PRO I 49 -20.54 -27.80 -26.08
CA PRO I 49 -19.95 -28.86 -26.93
C PRO I 49 -18.45 -29.01 -26.69
N LYS I 50 -17.95 -30.23 -26.86
CA LYS I 50 -16.56 -30.54 -26.59
C LYS I 50 -15.64 -29.72 -27.47
N GLY I 51 -14.57 -29.19 -26.88
CA GLY I 51 -13.59 -28.37 -27.57
C GLY I 51 -13.97 -26.90 -27.70
N PHE I 52 -15.09 -26.51 -27.13
CA PHE I 52 -15.54 -25.13 -27.14
C PHE I 52 -15.67 -24.61 -25.71
N ASN I 53 -15.60 -23.28 -25.57
CA ASN I 53 -15.80 -22.64 -24.29
C ASN I 53 -16.15 -21.19 -24.55
N THR I 54 -16.72 -20.57 -23.53
CA THR I 54 -16.96 -19.14 -23.51
C THR I 54 -15.72 -18.39 -23.08
N VAL I 55 -15.72 -17.11 -23.39
CA VAL I 55 -14.64 -16.26 -22.94
C VAL I 55 -14.58 -16.27 -21.40
N VAL I 56 -15.72 -15.96 -20.75
CA VAL I 56 -15.72 -15.88 -19.28
C VAL I 56 -15.42 -17.23 -18.66
N GLY I 57 -15.99 -18.30 -19.24
CA GLY I 57 -15.74 -19.65 -18.75
C GLY I 57 -14.27 -20.05 -18.80
N PHE I 58 -13.65 -19.93 -19.98
CA PHE I 58 -12.24 -20.24 -20.16
C PHE I 58 -11.37 -19.39 -19.23
N PHE I 59 -11.68 -18.11 -19.11
CA PHE I 59 -10.90 -17.25 -18.24
C PHE I 59 -10.88 -17.77 -16.80
N PHE I 60 -12.06 -18.10 -16.21
CA PHE I 60 -12.06 -18.58 -14.83
C PHE I 60 -11.81 -20.08 -14.72
N ASP I 61 -11.78 -20.79 -15.86
CA ASP I 61 -11.19 -22.14 -15.89
C ASP I 61 -9.65 -22.08 -15.81
N THR I 62 -9.07 -20.92 -16.14
CA THR I 62 -7.64 -20.65 -16.14
C THR I 62 -7.14 -19.86 -14.93
N TYR I 63 -7.78 -18.76 -14.60
CA TYR I 63 -7.40 -17.90 -13.49
C TYR I 63 -8.38 -18.06 -12.33
N ASP I 64 -7.95 -17.64 -11.14
CA ASP I 64 -8.75 -17.85 -9.93
C ASP I 64 -9.91 -16.86 -9.80
N TRP I 65 -11.11 -17.36 -9.47
CA TRP I 65 -12.24 -16.51 -9.12
C TRP I 65 -12.31 -16.31 -7.62
N TYR I 66 -12.52 -15.06 -7.20
CA TYR I 66 -12.80 -14.74 -5.81
C TYR I 66 -14.15 -13.99 -5.73
N PRO I 67 -14.90 -14.17 -4.65
CA PRO I 67 -16.28 -13.64 -4.61
C PRO I 67 -16.36 -12.15 -4.93
N ALA I 68 -15.41 -11.33 -4.52
CA ALA I 68 -15.54 -9.91 -4.77
C ALA I 68 -15.01 -9.47 -6.15
N ALA I 69 -14.61 -10.41 -7.03
CA ALA I 69 -14.01 -10.04 -8.31
C ALA I 69 -14.84 -8.97 -9.00
N TYR I 70 -16.17 -9.14 -9.01
CA TYR I 70 -17.04 -8.24 -9.77
C TYR I 70 -18.08 -7.49 -8.94
N ASP I 71 -17.67 -7.05 -7.76
CA ASP I 71 -18.53 -6.24 -6.93
C ASP I 71 -19.00 -4.99 -7.68
N ASP I 72 -18.06 -4.25 -8.27
CA ASP I 72 -18.41 -2.97 -8.91
C ASP I 72 -19.45 -3.19 -10.01
N GLU I 73 -19.38 -4.34 -10.70
CA GLU I 73 -20.30 -4.73 -11.76
C GLU I 73 -21.50 -5.54 -11.26
N GLU I 74 -21.64 -5.70 -9.94
CA GLU I 74 -22.74 -6.45 -9.33
C GLU I 74 -22.82 -7.85 -9.94
N GLY I 75 -21.65 -8.42 -10.22
CA GLY I 75 -21.50 -9.77 -10.73
C GLY I 75 -21.51 -9.91 -12.24
N ASN I 76 -21.73 -8.80 -12.96
CA ASN I 76 -21.77 -8.87 -14.41
C ASN I 76 -20.36 -8.88 -14.94
N ALA I 77 -19.82 -10.10 -15.11
CA ALA I 77 -18.47 -10.27 -15.65
C ALA I 77 -18.35 -9.72 -17.06
N MET I 78 -19.41 -9.75 -17.86
CA MET I 78 -19.34 -9.24 -19.22
C MET I 78 -19.31 -7.72 -19.31
N LYS I 79 -19.19 -7.01 -18.20
CA LYS I 79 -18.88 -5.58 -18.18
C LYS I 79 -17.41 -5.30 -17.96
N ASP I 80 -16.62 -6.33 -17.68
CA ASP I 80 -15.17 -6.24 -17.56
C ASP I 80 -14.57 -5.84 -18.89
N ARG I 81 -13.85 -4.71 -18.92
CA ARG I 81 -13.27 -4.25 -20.18
C ARG I 81 -12.31 -5.28 -20.73
N GLU I 82 -11.54 -5.96 -19.85
CA GLU I 82 -10.63 -7.02 -20.31
C GLU I 82 -11.41 -8.09 -21.10
N LEU I 83 -12.49 -8.63 -20.49
CA LEU I 83 -13.24 -9.72 -21.12
C LEU I 83 -13.96 -9.25 -22.38
N ILE I 84 -14.40 -8.00 -22.41
CA ILE I 84 -14.99 -7.40 -23.60
C ILE I 84 -13.99 -7.39 -24.76
N GLN I 85 -12.73 -6.98 -24.48
CA GLN I 85 -11.69 -6.99 -25.51
C GLN I 85 -11.45 -8.39 -26.04
N TYR I 86 -11.35 -9.38 -25.14
CA TYR I 86 -11.19 -10.77 -25.55
C TYR I 86 -12.34 -11.24 -26.43
N GLU I 87 -13.59 -10.91 -26.03
CA GLU I 87 -14.78 -11.29 -26.77
C GLU I 87 -14.81 -10.64 -28.15
N ASP I 88 -14.45 -9.35 -28.24
CA ASP I 88 -14.40 -8.68 -29.54
C ASP I 88 -13.35 -9.34 -30.45
N TRP I 89 -12.17 -9.64 -29.89
CA TRP I 89 -11.10 -10.30 -30.64
C TRP I 89 -11.54 -11.68 -31.14
N CYS I 90 -12.11 -12.54 -30.24
CA CYS I 90 -12.54 -13.89 -30.64
C CYS I 90 -13.60 -13.83 -31.73
N ALA I 91 -14.52 -12.85 -31.65
CA ALA I 91 -15.55 -12.70 -32.68
C ALA I 91 -14.93 -12.32 -34.04
N LYS I 92 -13.96 -11.40 -34.03
CA LYS I 92 -13.29 -10.96 -35.26
C LYS I 92 -12.58 -12.11 -35.96
N TYR I 93 -11.70 -12.81 -35.23
CA TYR I 93 -10.89 -13.84 -35.86
C TYR I 93 -11.68 -15.11 -36.14
N ALA I 94 -12.66 -15.47 -35.29
CA ALA I 94 -13.53 -16.60 -35.66
C ALA I 94 -14.19 -16.33 -37.02
N ARG I 95 -14.65 -15.09 -37.25
CA ARG I 95 -15.28 -14.74 -38.51
C ARG I 95 -14.27 -14.78 -39.66
N THR I 96 -13.16 -14.02 -39.55
CA THR I 96 -12.20 -13.96 -40.66
C THR I 96 -11.65 -15.34 -40.96
N LEU I 97 -11.45 -16.15 -39.92
CA LEU I 97 -10.93 -17.51 -40.08
C LEU I 97 -12.00 -18.53 -40.51
N GLY I 98 -13.27 -18.15 -40.52
CA GLY I 98 -14.35 -19.09 -40.79
C GLY I 98 -14.43 -20.21 -39.76
N LEU I 99 -14.21 -19.87 -38.49
CA LEU I 99 -14.31 -20.84 -37.40
C LEU I 99 -15.77 -21.01 -36.99
N GLU I 100 -16.12 -22.23 -36.56
CA GLU I 100 -17.47 -22.52 -36.04
C GLU I 100 -17.62 -21.84 -34.68
N VAL I 101 -18.74 -21.14 -34.49
CA VAL I 101 -19.07 -20.45 -33.24
C VAL I 101 -20.38 -21.01 -32.72
N LYS I 102 -20.37 -21.53 -31.51
CA LYS I 102 -21.56 -22.12 -30.92
C LYS I 102 -22.30 -21.07 -30.09
N GLU I 103 -23.62 -21.21 -30.00
CA GLU I 103 -24.42 -20.42 -29.07
C GLU I 103 -24.77 -21.35 -27.91
N VAL I 104 -24.50 -20.89 -26.67
CA VAL I 104 -24.76 -21.66 -25.45
C VAL I 104 -25.51 -20.80 -24.43
N GLU I 105 -26.25 -21.50 -23.53
CA GLU I 105 -26.97 -20.90 -22.42
C GLU I 105 -26.00 -20.20 -21.44
N ALA I 106 -26.38 -18.99 -21.02
CA ALA I 106 -25.62 -18.23 -20.05
C ALA I 106 -25.72 -18.87 -18.65
N PRO I 107 -24.69 -18.71 -17.81
CA PRO I 107 -24.83 -19.14 -16.41
C PRO I 107 -25.79 -18.21 -15.69
N ALA I 108 -26.36 -18.74 -14.59
CA ALA I 108 -27.34 -18.00 -13.78
C ALA I 108 -26.80 -16.64 -13.37
N ALA I 109 -25.50 -16.58 -13.01
CA ALA I 109 -24.89 -15.31 -12.59
C ALA I 109 -24.85 -14.26 -13.70
N LEU I 110 -25.10 -14.62 -14.96
CA LEU I 110 -25.26 -13.63 -16.01
C LEU I 110 -26.72 -13.48 -16.46
N LYS I 111 -27.51 -14.56 -16.42
CA LYS I 111 -28.95 -14.45 -16.71
C LYS I 111 -29.61 -13.35 -15.90
N VAL I 112 -29.12 -13.14 -14.68
CA VAL I 112 -29.68 -12.13 -13.82
C VAL I 112 -29.36 -10.72 -14.25
N HIS I 113 -28.53 -10.55 -15.28
CA HIS I 113 -28.27 -9.22 -15.85
C HIS I 113 -28.85 -9.04 -17.26
N GLY I 114 -29.59 -10.04 -17.75
CA GLY I 114 -30.22 -10.01 -19.05
C GLY I 114 -29.46 -10.77 -20.11
N ILE I 115 -28.36 -11.41 -19.74
CA ILE I 115 -27.60 -12.20 -20.71
C ILE I 115 -28.22 -13.58 -20.72
N MET I 116 -28.98 -13.88 -21.78
CA MET I 116 -29.58 -15.21 -21.87
C MET I 116 -28.62 -16.21 -22.47
N ALA I 117 -27.75 -15.75 -23.38
CA ALA I 117 -26.91 -16.65 -24.16
C ALA I 117 -25.55 -16.03 -24.37
N LEU I 118 -24.57 -16.91 -24.57
CA LEU I 118 -23.21 -16.50 -24.85
C LEU I 118 -22.67 -17.22 -26.08
N LYS I 119 -21.66 -16.60 -26.73
CA LYS I 119 -20.92 -17.24 -27.81
C LYS I 119 -19.87 -18.16 -27.21
N ALA I 120 -19.77 -19.39 -27.72
CA ALA I 120 -18.68 -20.29 -27.35
C ALA I 120 -17.78 -20.54 -28.56
N TYR I 121 -16.47 -20.29 -28.39
CA TYR I 121 -15.45 -20.38 -29.44
C TYR I 121 -14.57 -21.59 -29.24
N PRO I 122 -13.86 -22.00 -30.28
CA PRO I 122 -12.90 -23.09 -30.15
C PRO I 122 -11.84 -22.81 -29.09
N GLU I 123 -11.50 -23.85 -28.32
CA GLU I 123 -10.57 -23.69 -27.22
C GLU I 123 -9.21 -23.22 -27.73
N ALA I 124 -8.78 -23.74 -28.90
CA ALA I 124 -7.51 -23.28 -29.48
C ALA I 124 -7.54 -21.77 -29.68
N LEU I 125 -8.66 -21.23 -30.19
CA LEU I 125 -8.78 -19.78 -30.38
C LEU I 125 -8.64 -19.02 -29.03
N LEU I 126 -9.32 -19.49 -27.96
CA LEU I 126 -9.23 -18.85 -26.64
C LEU I 126 -7.81 -18.93 -26.10
N GLU I 127 -7.18 -20.09 -26.28
CA GLU I 127 -5.79 -20.30 -25.86
C GLU I 127 -4.91 -19.18 -26.41
N ILE I 128 -5.08 -18.84 -27.69
CA ILE I 128 -4.24 -17.78 -28.27
C ILE I 128 -4.42 -16.50 -27.50
N ARG I 129 -5.69 -16.05 -27.36
CA ARG I 129 -5.97 -14.72 -26.83
C ARG I 129 -5.74 -14.61 -25.33
N LEU I 130 -6.12 -15.65 -24.58
CA LEU I 130 -6.19 -15.52 -23.12
C LEU I 130 -4.95 -16.01 -22.39
N ILE I 131 -4.08 -16.77 -23.05
CA ILE I 131 -2.87 -17.30 -22.46
C ILE I 131 -1.62 -16.77 -23.13
N GLU I 132 -1.56 -16.87 -24.48
CA GLU I 132 -0.35 -16.52 -25.23
C GLU I 132 -0.18 -15.00 -25.36
N MET I 133 -1.28 -14.25 -25.53
CA MET I 133 -1.22 -12.77 -25.51
C MET I 133 -2.35 -12.19 -24.62
N PHE J 17 -44.47 10.94 29.75
CA PHE J 17 -43.14 11.26 30.22
C PHE J 17 -43.02 11.13 31.75
N ASP J 18 -41.90 10.56 32.23
CA ASP J 18 -41.62 10.29 33.64
C ASP J 18 -40.22 10.83 33.92
N PRO J 19 -40.06 11.71 34.93
CA PRO J 19 -38.71 12.22 35.24
C PRO J 19 -37.76 11.19 35.83
N ASN J 20 -38.24 10.10 36.42
CA ASN J 20 -37.36 9.08 36.98
C ASN J 20 -37.19 7.87 36.09
N ALA J 21 -37.85 7.84 34.92
CA ALA J 21 -37.58 6.82 33.92
C ALA J 21 -36.11 6.91 33.47
N TRP J 22 -35.54 5.77 33.12
CA TRP J 22 -34.13 5.64 32.75
C TRP J 22 -33.87 6.03 31.29
N HIS J 23 -33.05 7.04 31.08
CA HIS J 23 -32.69 7.47 29.72
C HIS J 23 -31.56 6.59 29.14
N HIS J 24 -31.54 6.42 27.80
CA HIS J 24 -30.49 5.59 27.18
C HIS J 24 -29.10 6.18 27.42
N SER J 25 -29.03 7.45 27.84
CA SER J 25 -27.73 7.93 28.30
C SER J 25 -27.29 7.40 29.67
N GLN J 26 -28.08 6.54 30.37
CA GLN J 26 -27.67 5.90 31.63
C GLN J 26 -27.63 6.93 32.77
N MET J 27 -28.78 7.61 32.91
CA MET J 27 -29.16 8.53 33.97
C MET J 27 -30.68 8.62 33.79
N THR J 28 -31.33 9.27 34.73
CA THR J 28 -32.77 9.52 34.61
C THR J 28 -33.02 10.52 33.50
N THR J 29 -34.19 10.43 32.88
CA THR J 29 -34.61 11.40 31.87
C THR J 29 -34.42 12.82 32.39
N LEU J 30 -34.75 13.07 33.67
CA LEU J 30 -34.57 14.42 34.20
C LEU J 30 -33.11 14.81 34.23
N GLU J 31 -32.25 13.93 34.81
CA GLU J 31 -30.82 14.20 34.88
C GLU J 31 -30.24 14.49 33.50
N ALA J 32 -30.68 13.75 32.46
CA ALA J 32 -30.25 13.98 31.08
C ALA J 32 -30.63 15.37 30.59
N ILE J 33 -31.89 15.79 30.84
CA ILE J 33 -32.32 17.16 30.51
C ILE J 33 -31.42 18.16 31.23
N GLU J 34 -31.17 17.96 32.54
CA GLU J 34 -30.32 18.87 33.31
C GLU J 34 -28.89 18.88 32.78
N LEU J 35 -28.33 17.70 32.49
CA LEU J 35 -26.97 17.60 31.94
C LEU J 35 -26.85 18.41 30.65
N SER J 36 -27.85 18.30 29.77
CA SER J 36 -27.88 19.06 28.53
C SER J 36 -28.01 20.56 28.79
N ARG J 37 -28.86 20.95 29.75
CA ARG J 37 -29.00 22.37 30.03
C ARG J 37 -27.68 22.96 30.54
N SER J 38 -26.86 22.17 31.22
CA SER J 38 -25.58 22.63 31.72
C SER J 38 -24.48 22.55 30.67
N GLY J 39 -24.81 22.15 29.43
CA GLY J 39 -23.84 22.06 28.34
C GLY J 39 -22.96 20.83 28.38
N GLY J 40 -23.43 19.78 29.07
CA GLY J 40 -22.71 18.53 29.21
C GLY J 40 -23.19 17.44 28.26
N HIS J 41 -22.53 16.28 28.37
CA HIS J 41 -22.92 15.13 27.57
C HIS J 41 -22.41 13.86 28.24
N PRO J 42 -22.99 12.72 27.95
CA PRO J 42 -22.57 11.45 28.58
C PRO J 42 -21.51 10.65 27.85
N TYR J 43 -20.86 11.18 26.82
CA TYR J 43 -20.04 10.33 25.97
C TYR J 43 -18.54 10.52 26.15
N SER J 44 -18.12 11.27 27.17
CA SER J 44 -16.69 11.37 27.47
C SER J 44 -16.18 10.09 28.09
N SER J 45 -15.08 9.70 27.75
CA SER J 45 -14.41 8.55 28.32
C SER J 45 -13.63 8.97 29.56
N PRO J 46 -13.46 8.05 30.50
CA PRO J 46 -12.65 8.33 31.69
C PRO J 46 -11.15 8.13 31.46
N ASN J 47 -10.36 8.94 32.17
CA ASN J 47 -8.89 8.81 32.20
C ASN J 47 -8.25 8.96 30.82
N VAL J 48 -8.71 9.94 30.06
CA VAL J 48 -8.15 10.19 28.72
C VAL J 48 -6.92 11.07 28.87
N PRO J 49 -5.74 10.63 28.42
CA PRO J 49 -4.52 11.44 28.57
C PRO J 49 -4.70 12.83 27.96
N LYS J 50 -4.04 13.80 28.60
CA LYS J 50 -4.11 15.18 28.13
C LYS J 50 -3.62 15.26 26.68
N GLY J 51 -4.33 16.07 25.88
CA GLY J 51 -4.06 16.28 24.48
C GLY J 51 -4.68 15.26 23.54
N PHE J 52 -5.41 14.27 24.08
CA PHE J 52 -6.08 13.23 23.33
C PHE J 52 -7.56 13.28 23.59
N ASN J 53 -8.32 12.71 22.66
CA ASN J 53 -9.76 12.61 22.87
C ASN J 53 -10.34 11.62 21.88
N THR J 54 -11.56 11.16 22.19
CA THR J 54 -12.31 10.30 21.28
C THR J 54 -13.06 11.15 20.27
N VAL J 55 -13.44 10.49 19.17
CA VAL J 55 -14.22 11.18 18.15
C VAL J 55 -15.52 11.68 18.78
N VAL J 56 -16.25 10.78 19.46
CA VAL J 56 -17.53 11.15 20.09
C VAL J 56 -17.30 12.16 21.19
N GLY J 57 -16.25 11.97 22.01
CA GLY J 57 -15.93 12.90 23.08
C GLY J 57 -15.68 14.31 22.60
N PHE J 58 -14.72 14.46 21.68
CA PHE J 58 -14.41 15.75 21.06
C PHE J 58 -15.61 16.34 20.32
N PHE J 59 -16.40 15.49 19.65
CA PHE J 59 -17.54 16.00 18.92
C PHE J 59 -18.51 16.75 19.83
N PHE J 60 -18.92 16.14 20.95
CA PHE J 60 -19.87 16.80 21.87
C PHE J 60 -19.21 17.70 22.88
N ASP J 61 -17.87 17.63 23.00
CA ASP J 61 -17.13 18.71 23.64
C ASP J 61 -17.19 19.98 22.79
N THR J 62 -17.38 19.82 21.48
CA THR J 62 -17.47 20.93 20.56
C THR J 62 -18.90 21.39 20.33
N TYR J 63 -19.80 20.47 19.98
CA TYR J 63 -21.19 20.79 19.66
C TYR J 63 -22.14 20.38 20.81
N ASP J 64 -23.34 20.96 20.80
CA ASP J 64 -24.27 20.71 21.90
C ASP J 64 -24.87 19.31 21.81
N TRP J 65 -24.87 18.60 22.93
CA TRP J 65 -25.64 17.38 23.06
C TRP J 65 -27.01 17.69 23.63
N TYR J 66 -28.06 17.09 23.06
CA TYR J 66 -29.42 17.09 23.58
C TYR J 66 -29.90 15.64 23.79
N PRO J 67 -30.77 15.39 24.81
CA PRO J 67 -31.13 13.99 25.14
C PRO J 67 -31.63 13.17 23.96
N ALA J 68 -32.38 13.74 23.03
CA ALA J 68 -32.95 12.97 21.93
C ALA J 68 -32.00 12.77 20.74
N ALA J 69 -30.74 13.22 20.86
CA ALA J 69 -29.81 13.16 19.72
C ALA J 69 -29.79 11.77 19.12
N TYR J 70 -29.80 10.74 19.96
CA TYR J 70 -29.70 9.35 19.51
C TYR J 70 -30.84 8.43 19.98
N ASP J 71 -32.06 8.95 19.93
CA ASP J 71 -33.24 8.13 20.17
C ASP J 71 -33.31 6.97 19.20
N ASP J 72 -33.12 7.25 17.89
CA ASP J 72 -33.24 6.19 16.88
C ASP J 72 -32.24 5.07 17.12
N GLU J 73 -31.05 5.40 17.61
CA GLU J 73 -29.98 4.45 17.91
C GLU J 73 -30.04 3.96 19.35
N GLU J 74 -31.03 4.41 20.11
CA GLU J 74 -31.16 4.03 21.52
C GLU J 74 -29.88 4.35 22.28
N GLY J 75 -29.27 5.47 21.93
CA GLY J 75 -28.08 6.01 22.57
C GLY J 75 -26.75 5.55 22.00
N ASN J 76 -26.74 4.66 21.03
CA ASN J 76 -25.47 4.21 20.47
C ASN J 76 -24.94 5.21 19.47
N ALA J 77 -24.12 6.17 19.97
CA ALA J 77 -23.54 7.18 19.10
C ALA J 77 -22.71 6.54 18.00
N MET J 78 -22.04 5.44 18.31
CA MET J 78 -21.14 4.84 17.34
C MET J 78 -21.87 4.22 16.16
N LYS J 79 -23.18 4.35 16.08
CA LYS J 79 -23.91 4.01 14.86
C LYS J 79 -24.20 5.22 13.95
N ASP J 80 -23.89 6.41 14.42
CA ASP J 80 -24.01 7.64 13.62
C ASP J 80 -23.06 7.59 12.43
N ARG J 81 -23.64 7.64 11.21
CA ARG J 81 -22.86 7.52 9.97
C ARG J 81 -21.80 8.62 9.90
N GLU J 82 -22.17 9.81 10.34
CA GLU J 82 -21.27 10.95 10.47
C GLU J 82 -20.05 10.60 11.31
N LEU J 83 -20.27 10.06 12.53
CA LEU J 83 -19.17 9.76 13.44
C LEU J 83 -18.35 8.59 12.94
N ILE J 84 -18.98 7.64 12.27
CA ILE J 84 -18.21 6.52 11.74
C ILE J 84 -17.19 7.01 10.73
N GLN J 85 -17.60 7.90 9.82
CA GLN J 85 -16.69 8.47 8.82
C GLN J 85 -15.50 9.17 9.49
N TYR J 86 -15.81 10.04 10.46
CA TYR J 86 -14.77 10.77 11.19
C TYR J 86 -13.74 9.83 11.76
N GLU J 87 -14.22 8.74 12.38
CA GLU J 87 -13.38 7.72 12.98
C GLU J 87 -12.51 7.02 11.95
N ASP J 88 -13.09 6.67 10.80
CA ASP J 88 -12.32 6.03 9.72
C ASP J 88 -11.24 6.97 9.23
N TRP J 89 -11.59 8.24 9.00
CA TRP J 89 -10.65 9.28 8.60
C TRP J 89 -9.52 9.40 9.61
N CYS J 90 -9.86 9.53 10.91
CA CYS J 90 -8.83 9.68 11.95
C CYS J 90 -7.90 8.47 12.00
N ALA J 91 -8.45 7.25 11.89
CA ALA J 91 -7.60 6.05 11.95
C ALA J 91 -6.63 5.98 10.78
N LYS J 92 -7.09 6.32 9.57
CA LYS J 92 -6.24 6.35 8.38
C LYS J 92 -5.09 7.33 8.55
N TYR J 93 -5.41 8.59 8.81
CA TYR J 93 -4.39 9.63 8.85
C TYR J 93 -3.53 9.55 10.10
N ALA J 94 -4.05 9.06 11.24
CA ALA J 94 -3.17 8.80 12.37
C ALA J 94 -2.11 7.77 11.99
N ARG J 95 -2.48 6.74 11.23
CA ARG J 95 -1.49 5.76 10.78
C ARG J 95 -0.49 6.40 9.80
N THR J 96 -0.97 7.03 8.72
CA THR J 96 -0.06 7.50 7.68
C THR J 96 0.92 8.54 8.22
N LEU J 97 0.46 9.40 9.14
CA LEU J 97 1.27 10.44 9.76
C LEU J 97 2.14 9.93 10.91
N GLY J 98 1.95 8.67 11.33
CA GLY J 98 2.63 8.10 12.49
C GLY J 98 2.26 8.78 13.79
N LEU J 99 0.98 9.11 13.96
CA LEU J 99 0.49 9.71 15.20
C LEU J 99 0.23 8.61 16.23
N GLU J 100 0.49 8.95 17.51
CA GLU J 100 0.18 8.05 18.61
C GLU J 100 -1.32 7.97 18.76
N VAL J 101 -1.83 6.74 18.86
CA VAL J 101 -3.23 6.46 19.13
C VAL J 101 -3.33 5.69 20.43
N LYS J 102 -4.10 6.23 21.38
CA LYS J 102 -4.34 5.59 22.66
C LYS J 102 -5.67 4.86 22.64
N GLU J 103 -5.75 3.81 23.48
CA GLU J 103 -6.99 3.08 23.74
C GLU J 103 -7.52 3.52 25.11
N VAL J 104 -8.80 3.93 25.15
CA VAL J 104 -9.43 4.34 26.41
C VAL J 104 -10.74 3.55 26.59
N GLU J 105 -11.14 3.47 27.86
CA GLU J 105 -12.41 2.90 28.26
C GLU J 105 -13.56 3.72 27.69
N ALA J 106 -14.54 3.01 27.10
CA ALA J 106 -15.74 3.65 26.61
C ALA J 106 -16.60 4.15 27.78
N PRO J 107 -17.37 5.22 27.55
CA PRO J 107 -18.33 5.71 28.56
C PRO J 107 -19.50 4.74 28.74
N ALA J 108 -20.19 4.87 29.88
CA ALA J 108 -21.30 3.95 30.23
C ALA J 108 -22.38 3.90 29.16
N ALA J 109 -22.69 5.07 28.55
CA ALA J 109 -23.73 5.14 27.52
C ALA J 109 -23.39 4.31 26.27
N LEU J 110 -22.14 3.87 26.14
CA LEU J 110 -21.73 2.96 25.06
C LEU J 110 -21.38 1.56 25.56
N LYS J 111 -20.89 1.43 26.78
CA LYS J 111 -20.70 0.10 27.39
C LYS J 111 -21.99 -0.71 27.33
N VAL J 112 -23.13 -0.04 27.36
CA VAL J 112 -24.41 -0.71 27.28
C VAL J 112 -24.78 -1.20 25.89
N HIS J 113 -24.00 -0.88 24.85
CA HIS J 113 -24.21 -1.41 23.51
C HIS J 113 -23.17 -2.44 23.15
N GLY J 114 -22.32 -2.76 24.11
CA GLY J 114 -21.31 -3.77 23.96
C GLY J 114 -19.96 -3.18 23.57
N ILE J 115 -19.86 -1.86 23.55
CA ILE J 115 -18.60 -1.17 23.24
C ILE J 115 -17.79 -1.05 24.51
N MET J 116 -16.66 -1.74 24.53
CA MET J 116 -15.75 -1.70 25.65
C MET J 116 -14.72 -0.59 25.53
N ALA J 117 -14.18 -0.36 24.31
CA ALA J 117 -13.08 0.58 24.21
C ALA J 117 -13.19 1.44 22.97
N LEU J 118 -12.59 2.60 23.10
CA LEU J 118 -12.56 3.55 22.03
C LEU J 118 -11.12 3.97 21.77
N LYS J 119 -10.87 4.38 20.52
CA LYS J 119 -9.61 4.95 20.13
C LYS J 119 -9.65 6.42 20.51
N ALA J 120 -8.56 6.90 21.13
CA ALA J 120 -8.34 8.32 21.40
C ALA J 120 -7.18 8.85 20.54
N TYR J 121 -7.43 9.95 19.80
CA TYR J 121 -6.52 10.59 18.85
C TYR J 121 -6.06 11.95 19.36
N PRO J 122 -4.95 12.47 18.83
CA PRO J 122 -4.51 13.83 19.18
C PRO J 122 -5.58 14.86 18.84
N GLU J 123 -5.72 15.85 19.71
CA GLU J 123 -6.78 16.84 19.54
C GLU J 123 -6.59 17.64 18.26
N ALA J 124 -5.32 17.94 17.90
CA ALA J 124 -5.05 18.64 16.64
C ALA J 124 -5.61 17.86 15.46
N LEU J 125 -5.44 16.52 15.45
CA LEU J 125 -5.99 15.71 14.37
C LEU J 125 -7.52 15.81 14.32
N LEU J 126 -8.18 15.70 15.49
CA LEU J 126 -9.65 15.82 15.55
C LEU J 126 -10.12 17.22 15.12
N GLU J 127 -9.40 18.26 15.55
CA GLU J 127 -9.69 19.65 15.18
C GLU J 127 -9.80 19.77 13.66
N ILE J 128 -8.85 19.17 12.93
CA ILE J 128 -8.87 19.24 11.46
C ILE J 128 -10.18 18.65 10.93
N ARG J 129 -10.50 17.42 11.37
CA ARG J 129 -11.61 16.67 10.79
C ARG J 129 -12.98 17.18 11.27
N LEU J 130 -13.11 17.58 12.55
CA LEU J 130 -14.45 17.81 13.09
C LEU J 130 -14.88 19.28 13.11
N ILE J 131 -13.92 20.20 13.04
CA ILE J 131 -14.18 21.62 13.10
C ILE J 131 -13.76 22.31 11.79
N GLU J 132 -12.54 22.03 11.34
CA GLU J 132 -11.99 22.58 10.12
C GLU J 132 -12.26 21.64 8.95
N PHE K 17 27.86 34.93 50.59
CA PHE K 17 28.19 33.97 49.52
C PHE K 17 27.53 32.62 49.88
N ASP K 18 26.62 32.17 49.02
CA ASP K 18 25.75 31.04 49.30
C ASP K 18 26.08 29.95 48.30
N PRO K 19 26.36 28.73 48.76
CA PRO K 19 26.72 27.65 47.81
C PRO K 19 25.56 27.19 46.94
N ASN K 20 24.30 27.33 47.40
CA ASN K 20 23.09 26.90 46.70
C ASN K 20 22.41 28.06 45.95
N ALA K 21 23.02 29.26 46.00
CA ALA K 21 22.62 30.37 45.14
C ALA K 21 22.83 29.95 43.68
N TRP K 22 21.92 30.39 42.81
CA TRP K 22 21.96 30.04 41.39
C TRP K 22 23.04 30.86 40.69
N HIS K 23 23.98 30.16 40.08
CA HIS K 23 25.05 30.82 39.34
C HIS K 23 24.60 31.10 37.91
N HIS K 24 25.21 32.13 37.31
CA HIS K 24 24.84 32.46 35.93
C HIS K 24 25.19 31.34 34.96
N SER K 25 26.04 30.38 35.35
CA SER K 25 26.26 29.23 34.50
C SER K 25 25.09 28.28 34.44
N GLN K 26 24.00 28.61 35.16
CA GLN K 26 22.74 27.84 35.23
C GLN K 26 22.96 26.53 35.97
N MET K 27 23.55 26.68 37.15
CA MET K 27 23.75 25.65 38.16
C MET K 27 23.94 26.40 39.47
N THR K 28 24.08 25.65 40.55
CA THR K 28 24.40 26.28 41.82
C THR K 28 25.86 26.70 41.83
N THR K 29 26.10 27.79 42.57
CA THR K 29 27.45 28.28 42.72
C THR K 29 28.40 27.16 43.11
N LEU K 30 27.99 26.32 44.07
CA LEU K 30 28.83 25.20 44.47
C LEU K 30 29.09 24.26 43.29
N GLU K 31 28.03 23.90 42.55
CA GLU K 31 28.15 23.03 41.37
C GLU K 31 29.09 23.63 40.34
N ALA K 32 29.01 24.96 40.11
CA ALA K 32 29.90 25.64 39.17
C ALA K 32 31.35 25.45 39.58
N ILE K 33 31.64 25.66 40.86
CA ILE K 33 32.99 25.47 41.38
C ILE K 33 33.45 24.04 41.15
N GLU K 34 32.60 23.06 41.52
CA GLU K 34 32.99 21.67 41.30
C GLU K 34 33.28 21.44 39.82
N LEU K 35 32.40 21.96 38.94
CA LEU K 35 32.57 21.78 37.49
C LEU K 35 33.92 22.35 37.02
N SER K 36 34.27 23.56 37.48
CA SER K 36 35.55 24.15 37.10
C SER K 36 36.72 23.28 37.61
N ARG K 37 36.64 22.84 38.90
CA ARG K 37 37.70 22.01 39.50
C ARG K 37 37.88 20.71 38.73
N SER K 38 36.83 20.21 38.10
CA SER K 38 36.88 18.98 37.32
C SER K 38 37.36 19.18 35.88
N GLY K 39 37.71 20.42 35.51
CA GLY K 39 38.17 20.78 34.17
C GLY K 39 37.07 20.93 33.14
N GLY K 40 35.83 21.11 33.60
CA GLY K 40 34.68 21.27 32.75
C GLY K 40 34.23 22.72 32.63
N HIS K 41 33.19 22.93 31.83
CA HIS K 41 32.65 24.26 31.60
C HIS K 41 31.19 24.11 31.14
N PRO K 42 30.40 25.16 31.25
CA PRO K 42 28.98 25.10 30.91
C PRO K 42 28.60 25.50 29.48
N TYR K 43 29.53 25.68 28.55
CA TYR K 43 29.18 26.33 27.28
C TYR K 43 29.14 25.40 26.09
N SER K 44 29.26 24.08 26.30
CA SER K 44 29.14 23.11 25.23
C SER K 44 27.69 22.96 24.81
N SER K 45 27.50 22.79 23.53
CA SER K 45 26.23 22.53 22.88
C SER K 45 25.94 21.04 22.84
N PRO K 46 24.66 20.68 22.86
CA PRO K 46 24.30 19.28 22.64
C PRO K 46 24.24 18.87 21.19
N ASN K 47 24.52 17.60 20.96
CA ASN K 47 24.32 16.95 19.66
C ASN K 47 25.13 17.63 18.54
N VAL K 48 26.38 17.92 18.83
CA VAL K 48 27.26 18.52 17.83
C VAL K 48 27.84 17.40 16.97
N PRO K 49 27.62 17.44 15.65
CA PRO K 49 28.13 16.38 14.76
C PRO K 49 29.64 16.24 14.88
N LYS K 50 30.11 15.02 14.64
CA LYS K 50 31.52 14.71 14.76
C LYS K 50 32.33 15.60 13.85
N GLY K 51 33.46 16.08 14.37
CA GLY K 51 34.37 16.96 13.69
C GLY K 51 34.01 18.44 13.69
N PHE K 52 32.92 18.84 14.36
CA PHE K 52 32.52 20.23 14.44
C PHE K 52 32.41 20.72 15.88
N ASN K 53 32.52 22.04 16.06
CA ASN K 53 32.36 22.60 17.39
C ASN K 53 32.06 24.08 17.26
N THR K 54 31.53 24.65 18.34
CA THR K 54 31.30 26.07 18.45
C THR K 54 32.57 26.78 18.85
N VAL K 55 32.59 28.08 18.60
CA VAL K 55 33.72 28.89 19.03
C VAL K 55 33.86 28.80 20.55
N VAL K 56 32.76 29.04 21.28
CA VAL K 56 32.82 29.03 22.74
C VAL K 56 33.11 27.61 23.26
N GLY K 57 32.47 26.59 22.66
CA GLY K 57 32.73 25.23 23.07
C GLY K 57 34.21 24.86 22.97
N PHE K 58 34.78 25.01 21.76
CA PHE K 58 36.21 24.73 21.52
C PHE K 58 37.11 25.61 22.39
N PHE K 59 36.75 26.87 22.58
CA PHE K 59 37.60 27.70 23.40
C PHE K 59 37.76 27.10 24.81
N PHE K 60 36.64 26.73 25.46
CA PHE K 60 36.72 26.19 26.84
C PHE K 60 36.99 24.68 26.91
N ASP K 61 36.89 23.96 25.76
CA ASP K 61 37.48 22.64 25.66
C ASP K 61 39.02 22.70 25.66
N THR K 62 39.57 23.84 25.25
CA THR K 62 41.00 24.05 25.15
C THR K 62 41.59 24.76 26.35
N TYR K 63 40.96 25.87 26.77
CA TYR K 63 41.40 26.69 27.88
C TYR K 63 40.46 26.54 29.09
N ASP K 64 40.98 26.96 30.24
CA ASP K 64 40.30 26.72 31.50
C ASP K 64 39.13 27.67 31.71
N TRP K 65 37.97 27.11 32.08
CA TRP K 65 36.86 27.92 32.55
C TRP K 65 36.88 27.99 34.06
N TYR K 66 36.75 29.21 34.61
CA TYR K 66 36.57 29.50 36.00
C TYR K 66 35.21 30.16 36.18
N PRO K 67 34.52 29.90 37.29
CA PRO K 67 33.13 30.40 37.43
C PRO K 67 32.99 31.90 37.25
N ALA K 68 33.93 32.70 37.71
CA ALA K 68 33.77 34.15 37.61
C ALA K 68 34.19 34.72 36.23
N ALA K 69 34.52 33.85 35.26
CA ALA K 69 35.06 34.30 33.97
C ALA K 69 34.19 35.40 33.38
N TYR K 70 32.86 35.22 33.42
CA TYR K 70 31.91 36.14 32.80
C TYR K 70 30.91 36.76 33.79
N ASP K 71 31.41 37.15 34.97
CA ASP K 71 30.58 37.86 35.94
C ASP K 71 30.05 39.16 35.36
N ASP K 72 30.94 39.99 34.77
CA ASP K 72 30.52 41.29 34.23
C ASP K 72 29.44 41.12 33.16
N GLU K 73 29.51 40.04 32.39
CA GLU K 73 28.55 39.76 31.35
C GLU K 73 27.34 38.94 31.84
N GLU K 74 27.28 38.66 33.15
CA GLU K 74 26.22 37.82 33.74
C GLU K 74 26.12 36.48 33.03
N GLY K 75 27.30 35.95 32.63
CA GLY K 75 27.41 34.64 32.03
C GLY K 75 27.30 34.60 30.52
N ASN K 76 27.08 35.75 29.88
CA ASN K 76 26.96 35.77 28.43
C ASN K 76 28.35 35.79 27.81
N ALA K 77 28.82 34.57 27.51
CA ALA K 77 30.14 34.41 26.89
C ALA K 77 30.22 35.09 25.52
N MET K 78 29.12 35.12 24.75
CA MET K 78 29.08 35.71 23.41
C MET K 78 29.15 37.24 23.40
N LYS K 79 29.36 37.86 24.55
CA LYS K 79 29.71 39.27 24.62
C LYS K 79 31.20 39.51 24.76
N ASP K 80 31.97 38.44 24.97
CA ASP K 80 33.43 38.51 25.01
C ASP K 80 33.96 39.02 23.67
N ARG K 81 34.70 40.14 23.73
CA ARG K 81 35.20 40.77 22.51
C ARG K 81 36.11 39.81 21.76
N GLU K 82 36.96 39.07 22.48
CA GLU K 82 37.82 38.03 21.90
C GLU K 82 36.99 36.96 21.17
N LEU K 83 35.93 36.42 21.81
CA LEU K 83 35.14 35.36 21.16
C LEU K 83 34.37 35.89 19.95
N ILE K 84 33.88 37.13 20.01
CA ILE K 84 33.21 37.72 18.85
C ILE K 84 34.16 37.79 17.63
N GLN K 85 35.42 38.21 17.85
CA GLN K 85 36.43 38.26 16.80
C GLN K 85 36.66 36.87 16.21
N TYR K 86 36.83 35.84 17.06
CA TYR K 86 37.00 34.48 16.58
C TYR K 86 35.85 34.06 15.67
N GLU K 87 34.62 34.35 16.09
CA GLU K 87 33.42 33.98 15.33
C GLU K 87 33.38 34.65 13.96
N ASP K 88 33.68 35.95 13.90
CA ASP K 88 33.67 36.70 12.65
C ASP K 88 34.72 36.13 11.67
N TRP K 89 35.92 35.84 12.19
CA TRP K 89 36.97 35.19 11.40
C TRP K 89 36.52 33.80 10.93
N CYS K 90 35.92 32.99 11.84
CA CYS K 90 35.50 31.65 11.41
C CYS K 90 34.44 31.74 10.33
N ALA K 91 33.46 32.64 10.49
CA ALA K 91 32.40 32.78 9.51
C ALA K 91 32.94 33.22 8.14
N LYS K 92 33.87 34.18 8.13
CA LYS K 92 34.48 34.68 6.90
C LYS K 92 35.19 33.57 6.14
N TYR K 93 36.13 32.89 6.80
CA TYR K 93 36.96 31.88 6.16
C TYR K 93 36.18 30.61 5.90
N ALA K 94 35.17 30.29 6.73
CA ALA K 94 34.29 29.19 6.36
C ALA K 94 33.62 29.47 5.03
N ARG K 95 33.19 30.72 4.83
CA ARG K 95 32.52 31.13 3.58
C ARG K 95 33.47 31.09 2.38
N THR K 96 34.62 31.78 2.48
CA THR K 96 35.55 31.86 1.35
C THR K 96 36.12 30.49 0.98
N LEU K 97 36.34 29.61 1.99
CA LEU K 97 36.84 28.27 1.74
C LEU K 97 35.74 27.30 1.33
N GLY K 98 34.47 27.74 1.39
CA GLY K 98 33.33 26.85 1.14
C GLY K 98 33.24 25.71 2.14
N LEU K 99 33.52 25.97 3.43
CA LEU K 99 33.39 24.95 4.48
C LEU K 99 31.94 24.79 4.90
N GLU K 100 31.57 23.57 5.30
CA GLU K 100 30.24 23.31 5.85
C GLU K 100 30.13 23.96 7.22
N VAL K 101 29.04 24.70 7.45
CA VAL K 101 28.74 25.28 8.75
C VAL K 101 27.42 24.74 9.25
N LYS K 102 27.46 24.09 10.41
CA LYS K 102 26.31 23.45 11.02
C LYS K 102 25.63 24.42 11.99
N GLU K 103 24.31 24.24 12.17
CA GLU K 103 23.58 24.98 13.18
C GLU K 103 23.31 24.06 14.36
N VAL K 104 23.70 24.49 15.58
CA VAL K 104 23.50 23.65 16.75
C VAL K 104 22.80 24.43 17.85
N GLU K 105 22.12 23.67 18.73
CA GLU K 105 21.44 24.20 19.90
C GLU K 105 22.44 24.90 20.82
N ALA K 106 22.09 26.10 21.29
CA ALA K 106 22.91 26.80 22.27
C ALA K 106 22.81 26.10 23.64
N PRO K 107 23.86 26.21 24.46
CA PRO K 107 23.78 25.69 25.83
C PRO K 107 22.88 26.58 26.70
N ALA K 108 22.36 25.96 27.79
CA ALA K 108 21.49 26.64 28.75
C ALA K 108 22.11 27.94 29.22
N ALA K 109 23.43 27.92 29.46
CA ALA K 109 24.09 29.14 29.93
C ALA K 109 24.00 30.27 28.89
N LEU K 110 23.64 29.95 27.65
CA LEU K 110 23.42 31.00 26.66
C LEU K 110 21.96 31.18 26.27
N LYS K 111 21.16 30.11 26.30
CA LYS K 111 19.73 30.27 26.05
C LYS K 111 19.11 31.33 26.94
N VAL K 112 19.64 31.49 28.16
CA VAL K 112 19.08 32.44 29.11
C VAL K 112 19.37 33.89 28.76
N HIS K 113 20.17 34.14 27.73
CA HIS K 113 20.43 35.50 27.23
C HIS K 113 19.75 35.72 25.89
N GLY K 114 18.99 34.73 25.43
CA GLY K 114 18.23 34.77 24.22
C GLY K 114 18.90 34.15 23.00
N ILE K 115 20.09 33.55 23.17
CA ILE K 115 20.82 32.90 22.10
C ILE K 115 20.26 31.49 22.02
N MET K 116 19.54 31.18 20.93
CA MET K 116 18.89 29.88 20.83
C MET K 116 19.76 28.86 20.13
N ALA K 117 20.61 29.31 19.20
CA ALA K 117 21.42 28.40 18.40
C ALA K 117 22.76 29.06 18.12
N LEU K 118 23.76 28.21 17.86
CA LEU K 118 25.09 28.70 17.53
C LEU K 118 25.57 28.04 16.25
N LYS K 119 26.48 28.73 15.55
CA LYS K 119 27.17 28.16 14.39
C LYS K 119 28.23 27.20 14.90
N ALA K 120 28.30 26.01 14.33
CA ALA K 120 29.37 25.06 14.62
C ALA K 120 30.23 24.82 13.39
N TYR K 121 31.54 25.05 13.52
CA TYR K 121 32.51 24.99 12.43
C TYR K 121 33.42 23.77 12.53
N PRO K 122 34.06 23.35 11.41
CA PRO K 122 35.02 22.25 11.49
C PRO K 122 36.13 22.56 12.48
N GLU K 123 36.50 21.54 13.26
CA GLU K 123 37.49 21.71 14.32
C GLU K 123 38.81 22.18 13.76
N ALA K 124 39.18 21.69 12.57
CA ALA K 124 40.41 22.14 11.95
C ALA K 124 40.40 23.66 11.78
N LEU K 125 39.25 24.22 11.40
CA LEU K 125 39.17 25.67 11.24
C LEU K 125 39.41 26.37 12.57
N LEU K 126 38.74 25.90 13.65
CA LEU K 126 38.89 26.47 14.99
C LEU K 126 40.32 26.29 15.48
N GLU K 127 40.90 25.10 15.23
CA GLU K 127 42.28 24.84 15.65
C GLU K 127 43.19 25.96 15.17
N ILE K 128 43.03 26.36 13.90
CA ILE K 128 43.87 27.42 13.32
C ILE K 128 43.72 28.73 14.08
N ARG K 129 42.47 29.18 14.26
CA ARG K 129 42.19 30.49 14.83
C ARG K 129 42.48 30.55 16.34
N LEU K 130 42.13 29.48 17.09
CA LEU K 130 42.14 29.52 18.56
C LEU K 130 43.40 28.99 19.21
N ILE K 131 44.19 28.18 18.50
CA ILE K 131 45.42 27.60 19.01
C ILE K 131 46.64 28.11 18.26
N GLU K 132 46.63 28.06 16.92
CA GLU K 132 47.80 28.43 16.13
C GLU K 132 47.91 29.95 16.09
N PHE L 17 12.70 51.23 22.69
CA PHE L 17 12.06 49.90 22.62
C PHE L 17 12.86 48.97 21.73
N ASP L 18 13.39 47.87 22.30
CA ASP L 18 14.03 46.87 21.45
C ASP L 18 13.16 45.61 21.41
N PRO L 19 12.56 45.28 20.27
CA PRO L 19 11.69 44.11 20.23
C PRO L 19 12.44 42.81 20.43
N ASN L 20 13.73 42.78 20.15
CA ASN L 20 14.50 41.54 20.17
C ASN L 20 15.28 41.34 21.47
N ALA L 21 15.26 42.33 22.38
CA ALA L 21 15.82 42.18 23.70
C ALA L 21 15.12 41.03 24.45
N TRP L 22 15.94 40.25 25.18
CA TRP L 22 15.52 39.06 25.90
C TRP L 22 14.78 39.50 27.14
N HIS L 23 13.55 39.08 27.26
CA HIS L 23 12.74 39.37 28.43
C HIS L 23 12.94 38.30 29.50
N HIS L 24 12.79 38.70 30.76
CA HIS L 24 12.94 37.70 31.81
C HIS L 24 11.92 36.58 31.75
N SER L 25 10.85 36.69 30.97
CA SER L 25 9.98 35.53 30.79
C SER L 25 10.61 34.47 29.88
N GLN L 26 11.84 34.70 29.38
CA GLN L 26 12.61 33.78 28.50
C GLN L 26 11.95 33.71 27.12
N MET L 27 11.79 34.91 26.55
CA MET L 27 11.33 35.16 25.20
C MET L 27 11.75 36.60 24.93
N THR L 28 11.58 37.02 23.67
CA THR L 28 11.83 38.40 23.29
C THR L 28 10.81 39.31 23.93
N THR L 29 11.20 40.56 24.11
CA THR L 29 10.25 41.55 24.57
C THR L 29 8.97 41.53 23.75
N LEU L 30 9.10 41.51 22.41
CA LEU L 30 7.92 41.49 21.56
C LEU L 30 7.11 40.23 21.76
N GLU L 31 7.76 39.06 21.79
CA GLU L 31 7.05 37.81 22.00
C GLU L 31 6.29 37.85 23.33
N ALA L 32 6.92 38.43 24.39
CA ALA L 32 6.28 38.57 25.71
C ALA L 32 5.01 39.41 25.61
N ILE L 33 5.09 40.57 24.94
CA ILE L 33 3.93 41.42 24.73
C ILE L 33 2.83 40.67 23.95
N GLU L 34 3.20 40.01 22.83
CA GLU L 34 2.20 39.27 22.05
C GLU L 34 1.55 38.17 22.89
N LEU L 35 2.35 37.44 23.70
CA LEU L 35 1.81 36.40 24.57
C LEU L 35 0.78 37.00 25.54
N SER L 36 1.11 38.13 26.15
CA SER L 36 0.19 38.79 27.08
C SER L 36 -1.07 39.28 26.34
N ARG L 37 -0.92 39.87 25.14
CA ARG L 37 -2.11 40.32 24.41
C ARG L 37 -3.03 39.17 24.04
N SER L 38 -2.49 37.96 23.84
CA SER L 38 -3.30 36.80 23.52
C SER L 38 -3.89 36.12 24.76
N GLY L 39 -3.68 36.72 25.94
CA GLY L 39 -4.22 36.23 27.22
C GLY L 39 -3.48 35.05 27.80
N GLY L 40 -2.24 34.85 27.35
CA GLY L 40 -1.39 33.76 27.77
C GLY L 40 -0.39 34.16 28.84
N HIS L 41 0.43 33.20 29.25
CA HIS L 41 1.45 33.52 30.23
C HIS L 41 2.59 32.48 30.15
N PRO L 42 3.75 32.81 30.69
CA PRO L 42 4.94 31.96 30.61
C PRO L 42 5.19 31.03 31.79
N TYR L 43 4.28 30.87 32.73
CA TYR L 43 4.57 30.14 33.97
C TYR L 43 3.84 28.79 34.07
N SER L 44 3.26 28.29 32.97
CA SER L 44 2.66 26.96 32.97
C SER L 44 3.72 25.86 32.96
N SER L 45 3.47 24.84 33.72
CA SER L 45 4.39 23.70 33.70
C SER L 45 3.99 22.69 32.63
N PRO L 46 4.97 22.00 32.02
CA PRO L 46 4.67 20.90 31.09
C PRO L 46 4.23 19.64 31.80
N ASN L 47 3.35 18.89 31.11
CA ASN L 47 2.92 17.54 31.52
C ASN L 47 2.28 17.50 32.92
N VAL L 48 1.41 18.46 33.19
CA VAL L 48 0.73 18.44 34.48
C VAL L 48 -0.48 17.50 34.37
N PRO L 49 -0.57 16.47 35.20
CA PRO L 49 -1.71 15.55 35.10
C PRO L 49 -3.03 16.31 35.18
N LYS L 50 -4.04 15.72 34.53
CA LYS L 50 -5.39 16.28 34.53
C LYS L 50 -5.84 16.40 35.97
N GLY L 51 -6.50 17.54 36.26
CA GLY L 51 -7.03 17.83 37.57
C GLY L 51 -6.06 18.45 38.57
N PHE L 52 -4.82 18.66 38.17
CA PHE L 52 -3.82 19.27 39.02
C PHE L 52 -3.26 20.50 38.33
N ASN L 53 -2.67 21.38 39.13
CA ASN L 53 -2.04 22.56 38.59
C ASN L 53 -1.16 23.11 39.68
N THR L 54 -0.22 23.96 39.26
CA THR L 54 0.63 24.66 40.21
C THR L 54 -0.06 25.91 40.71
N VAL L 55 0.45 26.45 41.81
CA VAL L 55 -0.06 27.71 42.32
C VAL L 55 0.07 28.82 41.29
N VAL L 56 1.29 29.00 40.73
CA VAL L 56 1.52 30.07 39.74
C VAL L 56 0.76 29.78 38.46
N GLY L 57 0.76 28.52 38.04
CA GLY L 57 0.02 28.11 36.86
C GLY L 57 -1.46 28.41 36.97
N PHE L 58 -2.10 27.94 38.06
CA PHE L 58 -3.51 28.23 38.29
C PHE L 58 -3.77 29.74 38.39
N PHE L 59 -2.89 30.48 39.07
CA PHE L 59 -3.10 31.92 39.24
C PHE L 59 -3.18 32.65 37.90
N PHE L 60 -2.20 32.45 36.99
CA PHE L 60 -2.20 33.20 35.71
C PHE L 60 -3.09 32.57 34.65
N ASP L 61 -3.60 31.35 34.90
CA ASP L 61 -4.77 30.83 34.17
C ASP L 61 -6.05 31.54 34.59
N THR L 62 -6.10 32.07 35.80
CA THR L 62 -7.27 32.77 36.31
C THR L 62 -7.21 34.28 36.11
N TYR L 63 -6.10 34.89 36.48
CA TYR L 63 -5.88 36.32 36.37
C TYR L 63 -4.90 36.66 35.27
N ASP L 64 -4.91 37.92 34.86
CA ASP L 64 -4.11 38.36 33.71
C ASP L 64 -2.63 38.47 34.04
N TRP L 65 -1.76 37.99 33.14
CA TRP L 65 -0.34 38.29 33.22
C TRP L 65 0.05 39.42 32.29
N TYR L 66 0.85 40.36 32.80
CA TYR L 66 1.45 41.37 31.94
C TYR L 66 2.97 41.29 32.05
N PRO L 67 3.71 41.62 30.98
CA PRO L 67 5.16 41.40 30.99
C PRO L 67 5.92 41.99 32.15
N ALA L 68 5.56 43.16 32.63
CA ALA L 68 6.31 43.81 33.70
C ALA L 68 5.89 43.33 35.09
N ALA L 69 4.98 42.35 35.18
CA ALA L 69 4.46 41.94 36.49
C ALA L 69 5.58 41.64 37.47
N TYR L 70 6.64 40.99 36.99
CA TYR L 70 7.72 40.60 37.89
C TYR L 70 9.07 41.24 37.50
N ASP L 71 9.03 42.51 37.09
CA ASP L 71 10.28 43.22 36.81
C ASP L 71 11.14 43.22 38.05
N ASP L 72 10.58 43.63 39.19
CA ASP L 72 11.36 43.74 40.43
C ASP L 72 11.98 42.42 40.82
N GLU L 73 11.29 41.31 40.55
CA GLU L 73 11.81 39.99 40.85
C GLU L 73 12.62 39.39 39.71
N GLU L 74 12.84 40.14 38.63
CA GLU L 74 13.55 39.63 37.45
C GLU L 74 12.92 38.33 36.96
N GLY L 75 11.59 38.28 37.01
CA GLY L 75 10.77 37.20 36.49
C GLY L 75 10.48 36.05 37.46
N ASN L 76 11.04 36.08 38.64
CA ASN L 76 10.85 35.00 39.61
C ASN L 76 9.52 35.20 40.36
N ALA L 77 8.46 34.57 39.84
CA ALA L 77 7.13 34.66 40.44
C ALA L 77 7.10 34.10 41.85
N MET L 78 7.90 33.07 42.13
CA MET L 78 7.90 32.42 43.43
C MET L 78 8.56 33.27 44.53
N LYS L 79 8.93 34.50 44.21
CA LYS L 79 9.31 35.48 45.22
C LYS L 79 8.17 36.40 45.61
N ASP L 80 7.05 36.33 44.87
CA ASP L 80 5.81 37.06 45.18
C ASP L 80 5.30 36.63 46.55
N ARG L 81 5.12 37.61 47.45
CA ARG L 81 4.67 37.32 48.81
C ARG L 81 3.29 36.65 48.79
N GLU L 82 2.38 37.14 47.92
CA GLU L 82 1.03 36.58 47.74
C GLU L 82 1.08 35.10 47.32
N LEU L 83 1.87 34.77 46.27
CA LEU L 83 1.99 33.39 45.77
C LEU L 83 2.69 32.49 46.78
N ILE L 84 3.63 33.04 47.55
CA ILE L 84 4.25 32.27 48.61
C ILE L 84 3.18 31.84 49.63
N GLN L 85 2.33 32.79 50.04
CA GLN L 85 1.27 32.50 51.00
C GLN L 85 0.37 31.40 50.46
N TYR L 86 -0.06 31.53 49.19
CA TYR L 86 -0.91 30.50 48.58
C TYR L 86 -0.28 29.12 48.65
N GLU L 87 1.02 29.04 48.29
CA GLU L 87 1.77 27.78 48.32
C GLU L 87 1.83 27.19 49.73
N ASP L 88 2.10 28.03 50.75
CA ASP L 88 2.18 27.57 52.13
C ASP L 88 0.83 27.00 52.59
N TRP L 89 -0.26 27.70 52.27
CA TRP L 89 -1.61 27.24 52.59
C TRP L 89 -1.94 25.91 51.91
N CYS L 90 -1.71 25.82 50.58
CA CYS L 90 -2.00 24.59 49.84
C CYS L 90 -1.18 23.42 50.39
N ALA L 91 0.09 23.67 50.72
CA ALA L 91 0.91 22.60 51.29
C ALA L 91 0.33 22.12 52.61
N LYS L 92 -0.06 23.06 53.48
CA LYS L 92 -0.64 22.74 54.78
C LYS L 92 -1.90 21.87 54.62
N TYR L 93 -2.86 22.36 53.84
CA TYR L 93 -4.15 21.71 53.77
C TYR L 93 -4.14 20.45 52.91
N ALA L 94 -3.26 20.37 51.89
CA ALA L 94 -3.14 19.09 51.17
C ALA L 94 -2.68 17.99 52.15
N ARG L 95 -1.72 18.32 53.03
CA ARG L 95 -1.21 17.37 54.02
C ARG L 95 -2.32 17.00 55.00
N THR L 96 -2.95 18.01 55.61
CA THR L 96 -3.97 17.78 56.62
C THR L 96 -5.20 17.03 56.08
N LEU L 97 -5.59 17.29 54.82
CA LEU L 97 -6.71 16.63 54.17
C LEU L 97 -6.34 15.27 53.54
N GLY L 98 -5.07 14.91 53.52
CA GLY L 98 -4.58 13.74 52.80
C GLY L 98 -4.78 13.83 51.29
N LEU L 99 -4.56 15.01 50.70
CA LEU L 99 -4.67 15.18 49.25
C LEU L 99 -3.39 14.73 48.55
N GLU L 100 -3.55 14.22 47.33
CA GLU L 100 -2.40 13.86 46.51
C GLU L 100 -1.72 15.13 46.01
N VAL L 101 -0.39 15.18 46.15
CA VAL L 101 0.44 16.27 45.64
C VAL L 101 1.45 15.69 44.68
N LYS L 102 1.42 16.17 43.44
CA LYS L 102 2.36 15.76 42.40
C LYS L 102 3.49 16.77 42.28
N GLU L 103 4.66 16.30 41.83
CA GLU L 103 5.79 17.15 41.47
C GLU L 103 5.84 17.30 39.97
N VAL L 104 5.96 18.53 39.46
CA VAL L 104 6.03 18.76 38.02
C VAL L 104 7.24 19.64 37.74
N GLU L 105 7.72 19.53 36.49
CA GLU L 105 8.79 20.38 35.97
C GLU L 105 8.39 21.86 35.98
N ALA L 106 9.30 22.70 36.46
CA ALA L 106 9.11 24.13 36.44
C ALA L 106 9.13 24.65 35.01
N PRO L 107 8.44 25.76 34.76
CA PRO L 107 8.57 26.46 33.47
C PRO L 107 9.96 27.07 33.36
N ALA L 108 10.39 27.31 32.10
CA ALA L 108 11.70 27.90 31.82
C ALA L 108 11.92 29.21 32.58
N ALA L 109 10.88 30.04 32.65
CA ALA L 109 11.01 31.33 33.31
C ALA L 109 11.33 31.20 34.80
N LEU L 110 11.15 30.01 35.38
CA LEU L 110 11.58 29.77 36.74
C LEU L 110 12.85 28.92 36.82
N LYS L 111 13.05 27.99 35.87
CA LYS L 111 14.29 27.24 35.80
C LYS L 111 15.50 28.16 35.78
N VAL L 112 15.36 29.35 35.19
CA VAL L 112 16.48 30.28 35.11
C VAL L 112 16.80 30.93 36.45
N HIS L 113 16.00 30.68 37.49
CA HIS L 113 16.31 31.17 38.85
C HIS L 113 16.72 30.05 39.80
N GLY L 114 16.83 28.84 39.30
CA GLY L 114 17.22 27.67 40.04
C GLY L 114 16.07 26.79 40.50
N ILE L 115 14.83 27.15 40.15
CA ILE L 115 13.68 26.34 40.50
C ILE L 115 13.52 25.26 39.43
N MET L 116 13.83 24.00 39.78
CA MET L 116 13.67 22.90 38.83
C MET L 116 12.29 22.27 38.87
N ALA L 117 11.63 22.23 40.04
CA ALA L 117 10.35 21.52 40.12
C ALA L 117 9.38 22.28 41.02
N LEU L 118 8.09 22.03 40.80
CA LEU L 118 7.05 22.67 41.55
C LEU L 118 6.03 21.64 42.04
N LYS L 119 5.37 21.95 43.17
CA LYS L 119 4.27 21.14 43.68
C LYS L 119 3.02 21.47 42.86
N ALA L 120 2.30 20.44 42.40
CA ALA L 120 1.02 20.63 41.74
C ALA L 120 -0.11 20.03 42.56
N TYR L 121 -1.08 20.85 42.90
CA TYR L 121 -2.18 20.47 43.77
C TYR L 121 -3.47 20.27 42.99
N PRO L 122 -4.42 19.56 43.58
CA PRO L 122 -5.76 19.42 42.96
C PRO L 122 -6.39 20.79 42.72
N GLU L 123 -7.04 20.92 41.56
CA GLU L 123 -7.62 22.20 41.15
C GLU L 123 -8.72 22.65 42.11
N ALA L 124 -9.51 21.70 42.69
CA ALA L 124 -10.50 22.12 43.68
C ALA L 124 -9.86 22.85 44.86
N LEU L 125 -8.70 22.36 45.36
CA LEU L 125 -8.01 23.04 46.46
C LEU L 125 -7.57 24.46 46.06
N LEU L 126 -7.00 24.60 44.85
CA LEU L 126 -6.52 25.90 44.37
C LEU L 126 -7.68 26.86 44.20
N GLU L 127 -8.79 26.36 43.67
CA GLU L 127 -9.97 27.18 43.48
C GLU L 127 -10.35 27.86 44.78
N ILE L 128 -10.33 27.08 45.88
CA ILE L 128 -10.69 27.61 47.20
C ILE L 128 -9.81 28.79 47.56
N ARG L 129 -8.49 28.61 47.48
CA ARG L 129 -7.53 29.58 47.98
C ARG L 129 -7.40 30.79 47.06
N LEU L 130 -7.46 30.57 45.74
CA LEU L 130 -7.14 31.59 44.75
C LEU L 130 -8.35 32.32 44.16
N ILE L 131 -9.54 31.74 44.25
CA ILE L 131 -10.76 32.35 43.77
C ILE L 131 -11.72 32.68 44.90
N GLU L 132 -12.02 31.69 45.77
CA GLU L 132 -13.05 31.92 46.79
C GLU L 132 -12.56 32.85 47.90
N MET L 133 -11.29 32.73 48.32
CA MET L 133 -10.73 33.59 49.38
C MET L 133 -9.30 34.03 49.02
N PRO L 134 -9.15 34.78 47.91
CA PRO L 134 -7.78 35.25 47.56
C PRO L 134 -7.28 36.34 48.53
#